data_5I7Z
# 
_entry.id   5I7Z 
# 
_audit_conform.dict_name       mmcif_pdbx.dic 
_audit_conform.dict_version    5.387 
_audit_conform.dict_location   http://mmcif.pdb.org/dictionaries/ascii/mmcif_pdbx.dic 
# 
loop_
_database_2.database_id 
_database_2.database_code 
_database_2.pdbx_database_accession 
_database_2.pdbx_DOI 
PDB   5I7Z         pdb_00005i7z 10.2210/pdb5i7z/pdb 
WWPDB D_1000214660 ?            ?                   
# 
loop_
_pdbx_audit_revision_history.ordinal 
_pdbx_audit_revision_history.data_content_type 
_pdbx_audit_revision_history.major_revision 
_pdbx_audit_revision_history.minor_revision 
_pdbx_audit_revision_history.revision_date 
1 'Structure model' 1 0 2016-03-16 
2 'Structure model' 1 1 2016-03-23 
3 'Structure model' 1 2 2017-09-27 
4 'Structure model' 1 3 2019-12-11 
5 'Structure model' 1 4 2024-03-06 
# 
_pdbx_audit_revision_details.ordinal             1 
_pdbx_audit_revision_details.revision_ordinal    1 
_pdbx_audit_revision_details.data_content_type   'Structure model' 
_pdbx_audit_revision_details.provider            repository 
_pdbx_audit_revision_details.type                'Initial release' 
_pdbx_audit_revision_details.description         ? 
_pdbx_audit_revision_details.details             ? 
# 
loop_
_pdbx_audit_revision_group.ordinal 
_pdbx_audit_revision_group.revision_ordinal 
_pdbx_audit_revision_group.data_content_type 
_pdbx_audit_revision_group.group 
1 2 'Structure model' 'Database references'        
2 3 'Structure model' 'Author supporting evidence' 
3 3 'Structure model' 'Database references'        
4 3 'Structure model' 'Derived calculations'       
5 4 'Structure model' 'Author supporting evidence' 
6 5 'Structure model' 'Data collection'            
7 5 'Structure model' 'Database references'        
# 
loop_
_pdbx_audit_revision_category.ordinal 
_pdbx_audit_revision_category.revision_ordinal 
_pdbx_audit_revision_category.data_content_type 
_pdbx_audit_revision_category.category 
1 3 'Structure model' citation              
2 3 'Structure model' pdbx_audit_support    
3 3 'Structure model' pdbx_struct_oper_list 
4 4 'Structure model' pdbx_audit_support    
5 5 'Structure model' chem_comp_atom        
6 5 'Structure model' chem_comp_bond        
7 5 'Structure model' database_2            
# 
loop_
_pdbx_audit_revision_item.ordinal 
_pdbx_audit_revision_item.revision_ordinal 
_pdbx_audit_revision_item.data_content_type 
_pdbx_audit_revision_item.item 
1 3 'Structure model' '_citation.journal_id_CSD'                  
2 3 'Structure model' '_pdbx_audit_support.funding_organization'  
3 3 'Structure model' '_pdbx_struct_oper_list.symmetry_operation' 
4 4 'Structure model' '_pdbx_audit_support.funding_organization'  
5 5 'Structure model' '_database_2.pdbx_DOI'                      
6 5 'Structure model' '_database_2.pdbx_database_accession'       
# 
_pdbx_database_status.status_code                     REL 
_pdbx_database_status.status_code_sf                  REL 
_pdbx_database_status.status_code_mr                  ? 
_pdbx_database_status.entry_id                        5I7Z 
_pdbx_database_status.recvd_initial_deposition_date   2016-02-18 
_pdbx_database_status.SG_entry                        N 
_pdbx_database_status.deposit_site                    RCSB 
_pdbx_database_status.process_site                    RCSB 
_pdbx_database_status.status_code_cs                  ? 
_pdbx_database_status.methods_development_category    ? 
_pdbx_database_status.pdb_format_compatible           Y 
_pdbx_database_status.status_code_nmr_data            ? 
# 
loop_
_audit_author.name 
_audit_author.pdbx_ordinal 
'Whitney, D.S.'  1 
'Peterson, F.C.' 2 
'Prehoda, K.E.'  3 
'Volkman, B.F.'  4 
# 
_citation.abstract                  ? 
_citation.abstract_id_CAS           ? 
_citation.book_id_ISBN              ? 
_citation.book_publisher            ? 
_citation.book_publisher_city       ? 
_citation.book_title                ? 
_citation.coordinate_linkage        ? 
_citation.country                   US 
_citation.database_id_Medline       ? 
_citation.details                   ? 
_citation.id                        primary 
_citation.journal_abbrev            Biochemistry 
_citation.journal_id_ASTM           BICHAW 
_citation.journal_id_CSD            0033 
_citation.journal_id_ISSN           0006-2960 
_citation.journal_full              ? 
_citation.journal_issue             ? 
_citation.journal_volume            55 
_citation.language                  ? 
_citation.page_first                1455 
_citation.page_last                 1461 
_citation.title                     'Binding of Crumbs to the Par-6 CRIB-PDZ Module Is Regulated by Cdc42.' 
_citation.year                      2016 
_citation.database_id_CSD           ? 
_citation.pdbx_database_id_DOI      10.1021/acs.biochem.5b01342 
_citation.pdbx_database_id_PubMed   26894406 
_citation.unpublished_flag          ? 
# 
loop_
_citation_author.citation_id 
_citation_author.name 
_citation_author.ordinal 
_citation_author.identifier_ORCID 
primary 'Whitney, D.S.'  1 ? 
primary 'Peterson, F.C.' 2 ? 
primary 'Kittell, A.W.'  3 ? 
primary 'Egner, J.M.'    4 ? 
primary 'Prehoda, K.E.'  5 ? 
primary 'Volkman, B.F.'  6 ? 
# 
loop_
_entity.id 
_entity.type 
_entity.src_method 
_entity.pdbx_description 
_entity.formula_weight 
_entity.pdbx_number_of_molecules 
_entity.pdbx_ec 
_entity.pdbx_mutation 
_entity.pdbx_fragment 
_entity.details 
1 polymer     man LD29223p                10266.793 1  ? ? 'PDZ domain (UNP residues 158-253)' ? 
2 polymer     syn Crb-3                   967.140   1  ? ? ?                                   ? 
3 non-polymer syn 'DI(HYDROXYETHYL)ETHER' 106.120   1  ? ? ?                                   ? 
4 water       nat water                   18.015    60 ? ? ?                                   ? 
# 
_entity_name_com.entity_id   1 
_entity_name_com.name        'PAR-6,Par-6,isoform A,isoform B' 
# 
loop_
_entity_poly.entity_id 
_entity_poly.type 
_entity_poly.nstd_linkage 
_entity_poly.nstd_monomer 
_entity_poly.pdbx_seq_one_letter_code 
_entity_poly.pdbx_seq_one_letter_code_can 
_entity_poly.pdbx_strand_id 
_entity_poly.pdbx_target_identifier 
1 'polypeptide(L)' no no 
;HRRVRLLKHGSDKPLGFYIRDGTSVRVTASGLEKQPGIFISRLVPGGLAESTGLLAVNDEVIEVNGIEVAGKTLDQVTDM
MVANSSNLIITVKPAN
;
;HRRVRLLKHGSDKPLGFYIRDGTSVRVTASGLEKQPGIFISRLVPGGLAESTGLLAVNDEVIEVNGIEVAGKTLDQVTDM
MVANSSNLIITVKPAN
;
A ? 
2 'polypeptide(L)' no no LPPEERLI                                                                                            
LPPEERLI                                                                                            B ? 
# 
loop_
_pdbx_entity_nonpoly.entity_id 
_pdbx_entity_nonpoly.name 
_pdbx_entity_nonpoly.comp_id 
3 'DI(HYDROXYETHYL)ETHER' PEG 
4 water                   HOH 
# 
loop_
_entity_poly_seq.entity_id 
_entity_poly_seq.num 
_entity_poly_seq.mon_id 
_entity_poly_seq.hetero 
1 1  HIS n 
1 2  ARG n 
1 3  ARG n 
1 4  VAL n 
1 5  ARG n 
1 6  LEU n 
1 7  LEU n 
1 8  LYS n 
1 9  HIS n 
1 10 GLY n 
1 11 SER n 
1 12 ASP n 
1 13 LYS n 
1 14 PRO n 
1 15 LEU n 
1 16 GLY n 
1 17 PHE n 
1 18 TYR n 
1 19 ILE n 
1 20 ARG n 
1 21 ASP n 
1 22 GLY n 
1 23 THR n 
1 24 SER n 
1 25 VAL n 
1 26 ARG n 
1 27 VAL n 
1 28 THR n 
1 29 ALA n 
1 30 SER n 
1 31 GLY n 
1 32 LEU n 
1 33 GLU n 
1 34 LYS n 
1 35 GLN n 
1 36 PRO n 
1 37 GLY n 
1 38 ILE n 
1 39 PHE n 
1 40 ILE n 
1 41 SER n 
1 42 ARG n 
1 43 LEU n 
1 44 VAL n 
1 45 PRO n 
1 46 GLY n 
1 47 GLY n 
1 48 LEU n 
1 49 ALA n 
1 50 GLU n 
1 51 SER n 
1 52 THR n 
1 53 GLY n 
1 54 LEU n 
1 55 LEU n 
1 56 ALA n 
1 57 VAL n 
1 58 ASN n 
1 59 ASP n 
1 60 GLU n 
1 61 VAL n 
1 62 ILE n 
1 63 GLU n 
1 64 VAL n 
1 65 ASN n 
1 66 GLY n 
1 67 ILE n 
1 68 GLU n 
1 69 VAL n 
1 70 ALA n 
1 71 GLY n 
1 72 LYS n 
1 73 THR n 
1 74 LEU n 
1 75 ASP n 
1 76 GLN n 
1 77 VAL n 
1 78 THR n 
1 79 ASP n 
1 80 MET n 
1 81 MET n 
1 82 VAL n 
1 83 ALA n 
1 84 ASN n 
1 85 SER n 
1 86 SER n 
1 87 ASN n 
1 88 LEU n 
1 89 ILE n 
1 90 ILE n 
1 91 THR n 
1 92 VAL n 
1 93 LYS n 
1 94 PRO n 
1 95 ALA n 
1 96 ASN n 
2 1  LEU n 
2 2  PRO n 
2 3  PRO n 
2 4  GLU n 
2 5  GLU n 
2 6  ARG n 
2 7  LEU n 
2 8  ILE n 
# 
_entity_src_gen.entity_id                          1 
_entity_src_gen.pdbx_src_id                        1 
_entity_src_gen.pdbx_alt_source_flag               sample 
_entity_src_gen.pdbx_seq_type                      'Biological sequence' 
_entity_src_gen.pdbx_beg_seq_num                   1 
_entity_src_gen.pdbx_end_seq_num                   96 
_entity_src_gen.gene_src_common_name               'Fruit fly' 
_entity_src_gen.gene_src_genus                     ? 
_entity_src_gen.pdbx_gene_src_gene                 'par-6, CG5884, Dmel_CG5884' 
_entity_src_gen.gene_src_species                   ? 
_entity_src_gen.gene_src_strain                    ? 
_entity_src_gen.gene_src_tissue                    ? 
_entity_src_gen.gene_src_tissue_fraction           ? 
_entity_src_gen.gene_src_details                   ? 
_entity_src_gen.pdbx_gene_src_fragment             ? 
_entity_src_gen.pdbx_gene_src_scientific_name      'Drosophila melanogaster' 
_entity_src_gen.pdbx_gene_src_ncbi_taxonomy_id     7227 
_entity_src_gen.pdbx_gene_src_variant              ? 
_entity_src_gen.pdbx_gene_src_cell_line            ? 
_entity_src_gen.pdbx_gene_src_atcc                 ? 
_entity_src_gen.pdbx_gene_src_organ                ? 
_entity_src_gen.pdbx_gene_src_organelle            ? 
_entity_src_gen.pdbx_gene_src_cell                 ? 
_entity_src_gen.pdbx_gene_src_cellular_location    ? 
_entity_src_gen.host_org_common_name               ? 
_entity_src_gen.pdbx_host_org_scientific_name      'Escherichia coli' 
_entity_src_gen.pdbx_host_org_ncbi_taxonomy_id     469008 
_entity_src_gen.host_org_genus                     ? 
_entity_src_gen.pdbx_host_org_gene                 ? 
_entity_src_gen.pdbx_host_org_organ                ? 
_entity_src_gen.host_org_species                   ? 
_entity_src_gen.pdbx_host_org_tissue               ? 
_entity_src_gen.pdbx_host_org_tissue_fraction      ? 
_entity_src_gen.pdbx_host_org_strain               'BL21(DE3)' 
_entity_src_gen.pdbx_host_org_variant              ? 
_entity_src_gen.pdbx_host_org_cell_line            ? 
_entity_src_gen.pdbx_host_org_atcc                 ? 
_entity_src_gen.pdbx_host_org_culture_collection   ? 
_entity_src_gen.pdbx_host_org_cell                 ? 
_entity_src_gen.pdbx_host_org_organelle            ? 
_entity_src_gen.pdbx_host_org_cellular_location    ? 
_entity_src_gen.pdbx_host_org_vector_type          Plasmid 
_entity_src_gen.pdbx_host_org_vector               ? 
_entity_src_gen.host_org_details                   ? 
_entity_src_gen.expression_system_id               ? 
_entity_src_gen.plasmid_name                       PBH 
_entity_src_gen.plasmid_details                    ? 
_entity_src_gen.pdbx_description                   ? 
# 
_pdbx_entity_src_syn.entity_id              2 
_pdbx_entity_src_syn.pdbx_src_id            1 
_pdbx_entity_src_syn.pdbx_alt_source_flag   sample 
_pdbx_entity_src_syn.pdbx_beg_seq_num       1 
_pdbx_entity_src_syn.pdbx_end_seq_num       8 
_pdbx_entity_src_syn.organism_scientific    'Homo sapiens' 
_pdbx_entity_src_syn.organism_common_name   Human 
_pdbx_entity_src_syn.ncbi_taxonomy_id       9606 
_pdbx_entity_src_syn.details                ? 
# 
loop_
_chem_comp.id 
_chem_comp.type 
_chem_comp.mon_nstd_flag 
_chem_comp.name 
_chem_comp.pdbx_synonyms 
_chem_comp.formula 
_chem_comp.formula_weight 
ALA 'L-peptide linking' y ALANINE                 ? 'C3 H7 N O2'     89.093  
ARG 'L-peptide linking' y ARGININE                ? 'C6 H15 N4 O2 1' 175.209 
ASN 'L-peptide linking' y ASPARAGINE              ? 'C4 H8 N2 O3'    132.118 
ASP 'L-peptide linking' y 'ASPARTIC ACID'         ? 'C4 H7 N O4'     133.103 
GLN 'L-peptide linking' y GLUTAMINE               ? 'C5 H10 N2 O3'   146.144 
GLU 'L-peptide linking' y 'GLUTAMIC ACID'         ? 'C5 H9 N O4'     147.129 
GLY 'peptide linking'   y GLYCINE                 ? 'C2 H5 N O2'     75.067  
HIS 'L-peptide linking' y HISTIDINE               ? 'C6 H10 N3 O2 1' 156.162 
HOH non-polymer         . WATER                   ? 'H2 O'           18.015  
ILE 'L-peptide linking' y ISOLEUCINE              ? 'C6 H13 N O2'    131.173 
LEU 'L-peptide linking' y LEUCINE                 ? 'C6 H13 N O2'    131.173 
LYS 'L-peptide linking' y LYSINE                  ? 'C6 H15 N2 O2 1' 147.195 
MET 'L-peptide linking' y METHIONINE              ? 'C5 H11 N O2 S'  149.211 
PEG non-polymer         . 'DI(HYDROXYETHYL)ETHER' ? 'C4 H10 O3'      106.120 
PHE 'L-peptide linking' y PHENYLALANINE           ? 'C9 H11 N O2'    165.189 
PRO 'L-peptide linking' y PROLINE                 ? 'C5 H9 N O2'     115.130 
SER 'L-peptide linking' y SERINE                  ? 'C3 H7 N O3'     105.093 
THR 'L-peptide linking' y THREONINE               ? 'C4 H9 N O3'     119.119 
TYR 'L-peptide linking' y TYROSINE                ? 'C9 H11 N O3'    181.189 
VAL 'L-peptide linking' y VALINE                  ? 'C5 H11 N O2'    117.146 
# 
loop_
_pdbx_poly_seq_scheme.asym_id 
_pdbx_poly_seq_scheme.entity_id 
_pdbx_poly_seq_scheme.seq_id 
_pdbx_poly_seq_scheme.mon_id 
_pdbx_poly_seq_scheme.ndb_seq_num 
_pdbx_poly_seq_scheme.pdb_seq_num 
_pdbx_poly_seq_scheme.auth_seq_num 
_pdbx_poly_seq_scheme.pdb_mon_id 
_pdbx_poly_seq_scheme.auth_mon_id 
_pdbx_poly_seq_scheme.pdb_strand_id 
_pdbx_poly_seq_scheme.pdb_ins_code 
_pdbx_poly_seq_scheme.hetero 
A 1 1  HIS 1  158 158 HIS HIS A . n 
A 1 2  ARG 2  159 159 ARG ARG A . n 
A 1 3  ARG 3  160 160 ARG ARG A . n 
A 1 4  VAL 4  161 161 VAL VAL A . n 
A 1 5  ARG 5  162 162 ARG ARG A . n 
A 1 6  LEU 6  163 163 LEU LEU A . n 
A 1 7  LEU 7  164 164 LEU LEU A . n 
A 1 8  LYS 8  165 165 LYS LYS A . n 
A 1 9  HIS 9  166 166 HIS HIS A . n 
A 1 10 GLY 10 167 167 GLY GLY A . n 
A 1 11 SER 11 168 168 SER SER A . n 
A 1 12 ASP 12 169 169 ASP ASP A . n 
A 1 13 LYS 13 170 170 LYS LYS A . n 
A 1 14 PRO 14 171 171 PRO PRO A . n 
A 1 15 LEU 15 172 172 LEU LEU A . n 
A 1 16 GLY 16 173 173 GLY GLY A . n 
A 1 17 PHE 17 174 174 PHE PHE A . n 
A 1 18 TYR 18 175 175 TYR TYR A . n 
A 1 19 ILE 19 176 176 ILE ILE A . n 
A 1 20 ARG 20 177 177 ARG ARG A . n 
A 1 21 ASP 21 178 178 ASP ASP A . n 
A 1 22 GLY 22 179 179 GLY GLY A . n 
A 1 23 THR 23 180 180 THR THR A . n 
A 1 24 SER 24 181 181 SER SER A . n 
A 1 25 VAL 25 182 182 VAL VAL A . n 
A 1 26 ARG 26 183 183 ARG ARG A . n 
A 1 27 VAL 27 184 184 VAL VAL A . n 
A 1 28 THR 28 185 185 THR THR A . n 
A 1 29 ALA 29 186 186 ALA ALA A . n 
A 1 30 SER 30 187 187 SER SER A . n 
A 1 31 GLY 31 188 188 GLY GLY A . n 
A 1 32 LEU 32 189 189 LEU LEU A . n 
A 1 33 GLU 33 190 190 GLU GLU A . n 
A 1 34 LYS 34 191 191 LYS LYS A . n 
A 1 35 GLN 35 192 192 GLN GLN A . n 
A 1 36 PRO 36 193 193 PRO PRO A . n 
A 1 37 GLY 37 194 194 GLY GLY A . n 
A 1 38 ILE 38 195 195 ILE ILE A . n 
A 1 39 PHE 39 196 196 PHE PHE A . n 
A 1 40 ILE 40 197 197 ILE ILE A . n 
A 1 41 SER 41 198 198 SER SER A . n 
A 1 42 ARG 42 199 199 ARG ARG A . n 
A 1 43 LEU 43 200 200 LEU LEU A . n 
A 1 44 VAL 44 201 201 VAL VAL A . n 
A 1 45 PRO 45 202 202 PRO PRO A . n 
A 1 46 GLY 46 203 203 GLY GLY A . n 
A 1 47 GLY 47 204 204 GLY GLY A . n 
A 1 48 LEU 48 205 205 LEU LEU A . n 
A 1 49 ALA 49 206 206 ALA ALA A . n 
A 1 50 GLU 50 207 207 GLU GLU A . n 
A 1 51 SER 51 208 208 SER SER A . n 
A 1 52 THR 52 209 209 THR THR A . n 
A 1 53 GLY 53 210 210 GLY GLY A . n 
A 1 54 LEU 54 211 211 LEU LEU A . n 
A 1 55 LEU 55 212 212 LEU LEU A . n 
A 1 56 ALA 56 213 213 ALA ALA A . n 
A 1 57 VAL 57 214 214 VAL VAL A . n 
A 1 58 ASN 58 215 215 ASN ASN A . n 
A 1 59 ASP 59 216 216 ASP ASP A . n 
A 1 60 GLU 60 217 217 GLU GLU A . n 
A 1 61 VAL 61 218 218 VAL VAL A . n 
A 1 62 ILE 62 219 219 ILE ILE A . n 
A 1 63 GLU 63 220 220 GLU GLU A . n 
A 1 64 VAL 64 221 221 VAL VAL A . n 
A 1 65 ASN 65 222 222 ASN ASN A . n 
A 1 66 GLY 66 223 223 GLY GLY A . n 
A 1 67 ILE 67 224 224 ILE ILE A . n 
A 1 68 GLU 68 225 225 GLU GLU A . n 
A 1 69 VAL 69 226 226 VAL VAL A . n 
A 1 70 ALA 70 227 227 ALA ALA A . n 
A 1 71 GLY 71 228 228 GLY GLY A . n 
A 1 72 LYS 72 229 229 LYS LYS A . n 
A 1 73 THR 73 230 230 THR THR A . n 
A 1 74 LEU 74 231 231 LEU LEU A . n 
A 1 75 ASP 75 232 232 ASP ASP A . n 
A 1 76 GLN 76 233 233 GLN GLN A . n 
A 1 77 VAL 77 234 234 VAL VAL A . n 
A 1 78 THR 78 235 235 THR THR A . n 
A 1 79 ASP 79 236 236 ASP ASP A . n 
A 1 80 MET 80 237 237 MET MET A . n 
A 1 81 MET 81 238 238 MET MET A . n 
A 1 82 VAL 82 239 239 VAL VAL A . n 
A 1 83 ALA 83 240 240 ALA ALA A . n 
A 1 84 ASN 84 241 241 ASN ASN A . n 
A 1 85 SER 85 242 242 SER SER A . n 
A 1 86 SER 86 243 243 SER SER A . n 
A 1 87 ASN 87 244 244 ASN ASN A . n 
A 1 88 LEU 88 245 245 LEU LEU A . n 
A 1 89 ILE 89 246 246 ILE ILE A . n 
A 1 90 ILE 90 247 247 ILE ILE A . n 
A 1 91 THR 91 248 248 THR THR A . n 
A 1 92 VAL 92 249 249 VAL VAL A . n 
A 1 93 LYS 93 250 250 LYS LYS A . n 
A 1 94 PRO 94 251 251 PRO PRO A . n 
A 1 95 ALA 95 252 252 ALA ALA A . n 
A 1 96 ASN 96 253 253 ASN ASN A . n 
B 2 1  LEU 1  -1  ?   ?   ?   B . n 
B 2 2  PRO 2  0   0   PRO PRO B . n 
B 2 3  PRO 3  1   1   PRO PRO B . n 
B 2 4  GLU 4  2   2   GLU GLU B . n 
B 2 5  GLU 5  3   3   GLU GLU B . n 
B 2 6  ARG 6  4   4   ARG ARG B . n 
B 2 7  LEU 7  5   5   LEU LEU B . n 
B 2 8  ILE 8  6   6   ILE ILE B . n 
# 
loop_
_pdbx_nonpoly_scheme.asym_id 
_pdbx_nonpoly_scheme.entity_id 
_pdbx_nonpoly_scheme.mon_id 
_pdbx_nonpoly_scheme.ndb_seq_num 
_pdbx_nonpoly_scheme.pdb_seq_num 
_pdbx_nonpoly_scheme.auth_seq_num 
_pdbx_nonpoly_scheme.pdb_mon_id 
_pdbx_nonpoly_scheme.auth_mon_id 
_pdbx_nonpoly_scheme.pdb_strand_id 
_pdbx_nonpoly_scheme.pdb_ins_code 
C 3 PEG 1  301 1  PEG PEG A . 
D 4 HOH 1  401 18 HOH HOH A . 
D 4 HOH 2  402 19 HOH HOH A . 
D 4 HOH 3  403 73 HOH HOH A . 
D 4 HOH 4  404 4  HOH HOH A . 
D 4 HOH 5  405 32 HOH HOH A . 
D 4 HOH 6  406 11 HOH HOH A . 
D 4 HOH 7  407 15 HOH HOH A . 
D 4 HOH 8  408 31 HOH HOH A . 
D 4 HOH 9  409 28 HOH HOH A . 
D 4 HOH 10 410 51 HOH HOH A . 
D 4 HOH 11 411 70 HOH HOH A . 
D 4 HOH 12 412 40 HOH HOH A . 
D 4 HOH 13 413 5  HOH HOH A . 
D 4 HOH 14 414 41 HOH HOH A . 
D 4 HOH 15 415 68 HOH HOH A . 
D 4 HOH 16 416 43 HOH HOH A . 
D 4 HOH 17 417 1  HOH HOH A . 
D 4 HOH 18 418 29 HOH HOH A . 
D 4 HOH 19 419 33 HOH HOH A . 
D 4 HOH 20 420 39 HOH HOH A . 
D 4 HOH 21 421 9  HOH HOH A . 
D 4 HOH 22 422 8  HOH HOH A . 
D 4 HOH 23 423 12 HOH HOH A . 
D 4 HOH 24 424 17 HOH HOH A . 
D 4 HOH 25 425 14 HOH HOH A . 
D 4 HOH 26 426 49 HOH HOH A . 
D 4 HOH 27 427 7  HOH HOH A . 
D 4 HOH 28 428 72 HOH HOH A . 
D 4 HOH 29 429 44 HOH HOH A . 
D 4 HOH 30 430 47 HOH HOH A . 
D 4 HOH 31 431 35 HOH HOH A . 
D 4 HOH 32 432 16 HOH HOH A . 
D 4 HOH 33 433 59 HOH HOH A . 
D 4 HOH 34 434 46 HOH HOH A . 
D 4 HOH 35 435 13 HOH HOH A . 
D 4 HOH 36 436 67 HOH HOH A . 
D 4 HOH 37 437 55 HOH HOH A . 
D 4 HOH 38 438 42 HOH HOH A . 
D 4 HOH 39 439 34 HOH HOH A . 
D 4 HOH 40 440 27 HOH HOH A . 
D 4 HOH 41 441 30 HOH HOH A . 
D 4 HOH 42 442 21 HOH HOH A . 
D 4 HOH 43 443 66 HOH HOH A . 
D 4 HOH 44 444 74 HOH HOH A . 
D 4 HOH 45 445 69 HOH HOH A . 
D 4 HOH 46 446 45 HOH HOH A . 
D 4 HOH 47 447 61 HOH HOH A . 
D 4 HOH 48 448 64 HOH HOH A . 
D 4 HOH 49 449 48 HOH HOH A . 
D 4 HOH 50 450 25 HOH HOH A . 
D 4 HOH 51 451 71 HOH HOH A . 
D 4 HOH 52 452 20 HOH HOH A . 
D 4 HOH 53 453 54 HOH HOH A . 
D 4 HOH 54 454 10 HOH HOH A . 
D 4 HOH 55 455 2  HOH HOH A . 
D 4 HOH 56 456 3  HOH HOH A . 
E 4 HOH 1  101 6  HOH HOH B . 
E 4 HOH 2  102 38 HOH HOH B . 
E 4 HOH 3  103 26 HOH HOH B . 
E 4 HOH 4  104 56 HOH HOH B . 
# 
loop_
_software.citation_id 
_software.classification 
_software.compiler_name 
_software.compiler_version 
_software.contact_author 
_software.contact_author_email 
_software.date 
_software.description 
_software.dependencies 
_software.hardware 
_software.language 
_software.location 
_software.mods 
_software.name 
_software.os 
_software.os_version 
_software.type 
_software.version 
_software.pdbx_ordinal 
? refinement        ? ? ? ? ? ? ? ? ? ? ? PHENIX      ? ? ? 1.8.4 1 
? 'data extraction' ? ? ? ? ? ? ? ? ? ? ? PDB_EXTRACT ? ? ? 3.15  2 
? 'data reduction'  ? ? ? ? ? ? ? ? ? ? ? HKL-2000    ? ? ? .     3 
? 'data scaling'    ? ? ? ? ? ? ? ? ? ? ? HKL-2000    ? ? ? .     4 
? phasing           ? ? ? ? ? ? ? ? ? ? ? PHASER      ? ? ? .     5 
# 
_cell.angle_alpha                  90.000 
_cell.angle_alpha_esd              ? 
_cell.angle_beta                   90.000 
_cell.angle_beta_esd               ? 
_cell.angle_gamma                  120.000 
_cell.angle_gamma_esd              ? 
_cell.entry_id                     5I7Z 
_cell.details                      ? 
_cell.formula_units_Z              ? 
_cell.length_a                     65.060 
_cell.length_a_esd                 ? 
_cell.length_b                     65.060 
_cell.length_b_esd                 ? 
_cell.length_c                     52.596 
_cell.length_c_esd                 ? 
_cell.volume                       ? 
_cell.volume_esd                   ? 
_cell.Z_PDB                        6 
_cell.reciprocal_angle_alpha       ? 
_cell.reciprocal_angle_beta        ? 
_cell.reciprocal_angle_gamma       ? 
_cell.reciprocal_angle_alpha_esd   ? 
_cell.reciprocal_angle_beta_esd    ? 
_cell.reciprocal_angle_gamma_esd   ? 
_cell.reciprocal_length_a          ? 
_cell.reciprocal_length_b          ? 
_cell.reciprocal_length_c          ? 
_cell.reciprocal_length_a_esd      ? 
_cell.reciprocal_length_b_esd      ? 
_cell.reciprocal_length_c_esd      ? 
_cell.pdbx_unique_axis             ? 
# 
_symmetry.entry_id                         5I7Z 
_symmetry.cell_setting                     ? 
_symmetry.Int_Tables_number                173 
_symmetry.space_group_name_Hall            ? 
_symmetry.space_group_name_H-M             'P 63' 
_symmetry.pdbx_full_space_group_name_H-M   ? 
# 
_exptl.absorpt_coefficient_mu     ? 
_exptl.absorpt_correction_T_max   ? 
_exptl.absorpt_correction_T_min   ? 
_exptl.absorpt_correction_type    ? 
_exptl.absorpt_process_details    ? 
_exptl.entry_id                   5I7Z 
_exptl.crystals_number            1 
_exptl.details                    ? 
_exptl.method                     'X-RAY DIFFRACTION' 
_exptl.method_details             ? 
# 
_exptl_crystal.colour                      ? 
_exptl_crystal.density_diffrn              ? 
_exptl_crystal.density_Matthews            2.89 
_exptl_crystal.density_method              ? 
_exptl_crystal.density_percent_sol         57.43 
_exptl_crystal.description                 ? 
_exptl_crystal.F_000                       ? 
_exptl_crystal.id                          1 
_exptl_crystal.preparation                 ? 
_exptl_crystal.size_max                    ? 
_exptl_crystal.size_mid                    ? 
_exptl_crystal.size_min                    ? 
_exptl_crystal.size_rad                    ? 
_exptl_crystal.colour_lustre               ? 
_exptl_crystal.colour_modifier             ? 
_exptl_crystal.colour_primary              ? 
_exptl_crystal.density_meas                ? 
_exptl_crystal.density_meas_esd            ? 
_exptl_crystal.density_meas_gt             ? 
_exptl_crystal.density_meas_lt             ? 
_exptl_crystal.density_meas_temp           ? 
_exptl_crystal.density_meas_temp_esd       ? 
_exptl_crystal.density_meas_temp_gt        ? 
_exptl_crystal.density_meas_temp_lt        ? 
_exptl_crystal.pdbx_crystal_image_url      ? 
_exptl_crystal.pdbx_crystal_image_format   ? 
_exptl_crystal.pdbx_mosaicity              ? 
_exptl_crystal.pdbx_mosaicity_esd          ? 
# 
_exptl_crystal_grow.apparatus       ? 
_exptl_crystal_grow.atmosphere      ? 
_exptl_crystal_grow.crystal_id      1 
_exptl_crystal_grow.details         ? 
_exptl_crystal_grow.method          'VAPOR DIFFUSION, HANGING DROP' 
_exptl_crystal_grow.method_ref      ? 
_exptl_crystal_grow.pH              7.1 
_exptl_crystal_grow.pressure        ? 
_exptl_crystal_grow.pressure_esd    ? 
_exptl_crystal_grow.seeding         ? 
_exptl_crystal_grow.seeding_ref     ? 
_exptl_crystal_grow.temp            288 
_exptl_crystal_grow.temp_details    ? 
_exptl_crystal_grow.temp_esd        ? 
_exptl_crystal_grow.time            ? 
_exptl_crystal_grow.pdbx_details    '26% PEG 6000, 100 mM HEPES' 
_exptl_crystal_grow.pdbx_pH_range   ? 
# 
_diffrn.ambient_environment    ? 
_diffrn.ambient_temp           100 
_diffrn.ambient_temp_details   ? 
_diffrn.ambient_temp_esd       ? 
_diffrn.crystal_id             1 
_diffrn.crystal_support        ? 
_diffrn.crystal_treatment      ? 
_diffrn.details                ? 
_diffrn.id                     1 
_diffrn.ambient_pressure       ? 
_diffrn.ambient_pressure_esd   ? 
_diffrn.ambient_pressure_gt    ? 
_diffrn.ambient_pressure_lt    ? 
_diffrn.ambient_temp_gt        ? 
_diffrn.ambient_temp_lt        ? 
# 
_diffrn_detector.details                      ? 
_diffrn_detector.detector                     CCD 
_diffrn_detector.diffrn_id                    1 
_diffrn_detector.type                         'ADSC QUANTUM 315r' 
_diffrn_detector.area_resol_mean              ? 
_diffrn_detector.dtime                        ? 
_diffrn_detector.pdbx_frames_total            ? 
_diffrn_detector.pdbx_collection_time_total   ? 
_diffrn_detector.pdbx_collection_date         2003-08-10 
# 
_diffrn_radiation.collimation                      ? 
_diffrn_radiation.diffrn_id                        1 
_diffrn_radiation.filter_edge                      ? 
_diffrn_radiation.inhomogeneity                    ? 
_diffrn_radiation.monochromator                    ? 
_diffrn_radiation.polarisn_norm                    ? 
_diffrn_radiation.polarisn_ratio                   ? 
_diffrn_radiation.probe                            ? 
_diffrn_radiation.type                             ? 
_diffrn_radiation.xray_symbol                      ? 
_diffrn_radiation.wavelength_id                    1 
_diffrn_radiation.pdbx_monochromatic_or_laue_m_l   M 
_diffrn_radiation.pdbx_wavelength_list             ? 
_diffrn_radiation.pdbx_wavelength                  ? 
_diffrn_radiation.pdbx_diffrn_protocol             'SINGLE WAVELENGTH' 
_diffrn_radiation.pdbx_analyzer                    ? 
_diffrn_radiation.pdbx_scattering_type             x-ray 
# 
_diffrn_radiation_wavelength.id           1 
_diffrn_radiation_wavelength.wavelength   1 
_diffrn_radiation_wavelength.wt           1.0 
# 
_diffrn_source.current                     ? 
_diffrn_source.details                     ? 
_diffrn_source.diffrn_id                   1 
_diffrn_source.power                       ? 
_diffrn_source.size                        ? 
_diffrn_source.source                      SYNCHROTRON 
_diffrn_source.target                      ? 
_diffrn_source.type                        'ALS BEAMLINE 8.2.2' 
_diffrn_source.voltage                     ? 
_diffrn_source.take-off_angle              ? 
_diffrn_source.pdbx_wavelength_list        1 
_diffrn_source.pdbx_wavelength             ? 
_diffrn_source.pdbx_synchrotron_beamline   8.2.2 
_diffrn_source.pdbx_synchrotron_site       ALS 
# 
_reflns.B_iso_Wilson_estimate            ? 
_reflns.entry_id                         5I7Z 
_reflns.data_reduction_details           ? 
_reflns.data_reduction_method            ? 
_reflns.d_resolution_high                1.8 
_reflns.d_resolution_low                 50 
_reflns.details                          ? 
_reflns.limit_h_max                      ? 
_reflns.limit_h_min                      ? 
_reflns.limit_k_max                      ? 
_reflns.limit_k_min                      ? 
_reflns.limit_l_max                      ? 
_reflns.limit_l_min                      ? 
_reflns.number_all                       ? 
_reflns.number_obs                       10639 
_reflns.observed_criterion               ? 
_reflns.observed_criterion_F_max         ? 
_reflns.observed_criterion_F_min         ? 
_reflns.observed_criterion_I_max         ? 
_reflns.observed_criterion_I_min         ? 
_reflns.observed_criterion_sigma_F       ? 
_reflns.observed_criterion_sigma_I       ? 
_reflns.percent_possible_obs             95.6 
_reflns.R_free_details                   ? 
_reflns.Rmerge_F_all                     ? 
_reflns.Rmerge_F_obs                     ? 
_reflns.Friedel_coverage                 ? 
_reflns.number_gt                        ? 
_reflns.threshold_expression             ? 
_reflns.pdbx_redundancy                  12.6 
_reflns.pdbx_Rmerge_I_obs                0.073 
_reflns.pdbx_Rmerge_I_all                ? 
_reflns.pdbx_Rsym_value                  ? 
_reflns.pdbx_netI_over_av_sigmaI         ? 
_reflns.pdbx_netI_over_sigmaI            43.4 
_reflns.pdbx_res_netI_over_av_sigmaI_2   ? 
_reflns.pdbx_res_netI_over_sigmaI_2      ? 
_reflns.pdbx_chi_squared                 ? 
_reflns.pdbx_scaling_rejects             ? 
_reflns.pdbx_d_res_high_opt              ? 
_reflns.pdbx_d_res_low_opt               ? 
_reflns.pdbx_d_res_opt_method            ? 
_reflns.phase_calculation_details        ? 
_reflns.pdbx_Rrim_I_all                  ? 
_reflns.pdbx_Rpim_I_all                  ? 
_reflns.pdbx_d_opt                       ? 
_reflns.pdbx_number_measured_all         ? 
_reflns.pdbx_diffrn_id                   1 
_reflns.pdbx_ordinal                     1 
_reflns.pdbx_CC_half                     ? 
_reflns.pdbx_R_split                     ? 
# 
_reflns_shell.d_res_high                  1.80 
_reflns_shell.d_res_low                   1.88 
_reflns_shell.meanI_over_sigI_all         ? 
_reflns_shell.meanI_over_sigI_obs         1.9 
_reflns_shell.number_measured_all         ? 
_reflns_shell.number_measured_obs         ? 
_reflns_shell.number_possible             ? 
_reflns_shell.number_unique_all           ? 
_reflns_shell.number_unique_obs           ? 
_reflns_shell.percent_possible_all        70.6 
_reflns_shell.percent_possible_obs        ? 
_reflns_shell.Rmerge_F_all                ? 
_reflns_shell.Rmerge_F_obs                ? 
_reflns_shell.Rmerge_I_all                ? 
_reflns_shell.Rmerge_I_obs                0.418 
_reflns_shell.meanI_over_sigI_gt          ? 
_reflns_shell.meanI_over_uI_all           ? 
_reflns_shell.meanI_over_uI_gt            ? 
_reflns_shell.number_measured_gt          ? 
_reflns_shell.number_unique_gt            ? 
_reflns_shell.percent_possible_gt         ? 
_reflns_shell.Rmerge_F_gt                 ? 
_reflns_shell.Rmerge_I_gt                 ? 
_reflns_shell.pdbx_redundancy             6.1 
_reflns_shell.pdbx_Rsym_value             ? 
_reflns_shell.pdbx_chi_squared            ? 
_reflns_shell.pdbx_netI_over_sigmaI_all   ? 
_reflns_shell.pdbx_netI_over_sigmaI_obs   ? 
_reflns_shell.pdbx_Rrim_I_all             ? 
_reflns_shell.pdbx_Rpim_I_all             ? 
_reflns_shell.pdbx_rejects                ? 
_reflns_shell.pdbx_ordinal                1 
_reflns_shell.pdbx_diffrn_id              1 
_reflns_shell.pdbx_CC_half                ? 
_reflns_shell.pdbx_R_split                ? 
# 
_refine.aniso_B[1][1]                            ? 
_refine.aniso_B[1][2]                            ? 
_refine.aniso_B[1][3]                            ? 
_refine.aniso_B[2][2]                            ? 
_refine.aniso_B[2][3]                            ? 
_refine.aniso_B[3][3]                            ? 
_refine.B_iso_max                                89.850 
_refine.B_iso_mean                               37.1100 
_refine.B_iso_min                                16.900 
_refine.correlation_coeff_Fo_to_Fc               ? 
_refine.correlation_coeff_Fo_to_Fc_free          ? 
_refine.details                                  ? 
_refine.diff_density_max                         ? 
_refine.diff_density_max_esd                     ? 
_refine.diff_density_min                         ? 
_refine.diff_density_min_esd                     ? 
_refine.diff_density_rms                         ? 
_refine.diff_density_rms_esd                     ? 
_refine.entry_id                                 5I7Z 
_refine.pdbx_refine_id                           'X-RAY DIFFRACTION' 
_refine.ls_abs_structure_details                 ? 
_refine.ls_abs_structure_Flack                   ? 
_refine.ls_abs_structure_Flack_esd               ? 
_refine.ls_abs_structure_Rogers                  ? 
_refine.ls_abs_structure_Rogers_esd              ? 
_refine.ls_d_res_high                            1.8010 
_refine.ls_d_res_low                             38.4480 
_refine.ls_extinction_coef                       ? 
_refine.ls_extinction_coef_esd                   ? 
_refine.ls_extinction_expression                 ? 
_refine.ls_extinction_method                     ? 
_refine.ls_goodness_of_fit_all                   ? 
_refine.ls_goodness_of_fit_all_esd               ? 
_refine.ls_goodness_of_fit_obs                   ? 
_refine.ls_goodness_of_fit_obs_esd               ? 
_refine.ls_hydrogen_treatment                    ? 
_refine.ls_matrix_type                           ? 
_refine.ls_number_constraints                    ? 
_refine.ls_number_parameters                     ? 
_refine.ls_number_reflns_all                     ? 
_refine.ls_number_reflns_obs                     10639 
_refine.ls_number_reflns_R_free                  1058 
_refine.ls_number_reflns_R_work                  9581 
_refine.ls_number_restraints                     ? 
_refine.ls_percent_reflns_obs                    89.9400 
_refine.ls_percent_reflns_R_free                 9.9400 
_refine.ls_R_factor_all                          ? 
_refine.ls_R_factor_obs                          0.1987 
_refine.ls_R_factor_R_free                       0.2177 
_refine.ls_R_factor_R_free_error                 ? 
_refine.ls_R_factor_R_free_error_details         ? 
_refine.ls_R_factor_R_work                       0.1965 
_refine.ls_R_Fsqd_factor_obs                     ? 
_refine.ls_R_I_factor_obs                        ? 
_refine.ls_redundancy_reflns_all                 ? 
_refine.ls_redundancy_reflns_obs                 ? 
_refine.ls_restrained_S_all                      ? 
_refine.ls_restrained_S_obs                      ? 
_refine.ls_shift_over_esd_max                    ? 
_refine.ls_shift_over_esd_mean                   ? 
_refine.ls_structure_factor_coef                 ? 
_refine.ls_weighting_details                     ? 
_refine.ls_weighting_scheme                      ? 
_refine.ls_wR_factor_all                         ? 
_refine.ls_wR_factor_obs                         ? 
_refine.ls_wR_factor_R_free                      ? 
_refine.ls_wR_factor_R_work                      ? 
_refine.occupancy_max                            ? 
_refine.occupancy_min                            ? 
_refine.solvent_model_details                    'FLAT BULK SOLVENT MODEL' 
_refine.solvent_model_param_bsol                 ? 
_refine.solvent_model_param_ksol                 ? 
_refine.ls_R_factor_gt                           ? 
_refine.ls_goodness_of_fit_gt                    ? 
_refine.ls_goodness_of_fit_ref                   ? 
_refine.ls_shift_over_su_max                     ? 
_refine.ls_shift_over_su_max_lt                  ? 
_refine.ls_shift_over_su_mean                    ? 
_refine.ls_shift_over_su_mean_lt                 ? 
_refine.pdbx_ls_sigma_I                          ? 
_refine.pdbx_ls_sigma_F                          0.000 
_refine.pdbx_ls_sigma_Fsqd                       ? 
_refine.pdbx_data_cutoff_high_absF               ? 
_refine.pdbx_data_cutoff_high_rms_absF           ? 
_refine.pdbx_data_cutoff_low_absF                ? 
_refine.pdbx_isotropic_thermal_model             ? 
_refine.pdbx_ls_cross_valid_method               'FREE R-VALUE' 
_refine.pdbx_method_to_determine_struct          ? 
_refine.pdbx_starting_model                      ? 
_refine.pdbx_stereochemistry_target_values       ML 
_refine.pdbx_R_Free_selection_details            ? 
_refine.pdbx_stereochem_target_val_spec_case     ? 
_refine.pdbx_overall_ESU_R                       ? 
_refine.pdbx_overall_ESU_R_Free                  ? 
_refine.pdbx_solvent_vdw_probe_radii             1.1100 
_refine.pdbx_solvent_ion_probe_radii             ? 
_refine.pdbx_solvent_shrinkage_radii             0.9000 
_refine.pdbx_real_space_R                        ? 
_refine.pdbx_density_correlation                 ? 
_refine.pdbx_pd_number_of_powder_patterns        ? 
_refine.pdbx_pd_number_of_points                 ? 
_refine.pdbx_pd_meas_number_of_points            ? 
_refine.pdbx_pd_proc_ls_prof_R_factor            ? 
_refine.pdbx_pd_proc_ls_prof_wR_factor           ? 
_refine.pdbx_pd_Marquardt_correlation_coeff      ? 
_refine.pdbx_pd_Fsqrd_R_factor                   ? 
_refine.pdbx_pd_ls_matrix_band_width             ? 
_refine.pdbx_overall_phase_error                 28.0000 
_refine.pdbx_overall_SU_R_free_Cruickshank_DPI   ? 
_refine.pdbx_overall_SU_R_free_Blow_DPI          ? 
_refine.pdbx_overall_SU_R_Blow_DPI               ? 
_refine.pdbx_TLS_residual_ADP_flag               ? 
_refine.pdbx_diffrn_id                           1 
_refine.overall_SU_B                             ? 
_refine.overall_SU_ML                            0.2000 
_refine.overall_SU_R_Cruickshank_DPI             ? 
_refine.overall_SU_R_free                        ? 
_refine.overall_FOM_free_R_set                   ? 
_refine.overall_FOM_work_R_set                   0.7847 
_refine.pdbx_average_fsc_overall                 ? 
_refine.pdbx_average_fsc_work                    ? 
_refine.pdbx_average_fsc_free                    ? 
# 
_refine_hist.cycle_id                         final 
_refine_hist.pdbx_refine_id                   'X-RAY DIFFRACTION' 
_refine_hist.d_res_high                       1.8010 
_refine_hist.d_res_low                        38.4480 
_refine_hist.pdbx_number_atoms_ligand         7 
_refine_hist.number_atoms_solvent             60 
_refine_hist.number_atoms_total               847 
_refine_hist.pdbx_number_residues_total       103 
_refine_hist.pdbx_B_iso_mean_ligand           40.27 
_refine_hist.pdbx_B_iso_mean_solvent          34.70 
_refine_hist.pdbx_number_atoms_protein        780 
_refine_hist.pdbx_number_atoms_nucleic_acid   0 
# 
loop_
_refine_ls_restr.pdbx_refine_id 
_refine_ls_restr.criterion 
_refine_ls_restr.dev_ideal 
_refine_ls_restr.dev_ideal_target 
_refine_ls_restr.number 
_refine_ls_restr.rejects 
_refine_ls_restr.type 
_refine_ls_restr.weight 
_refine_ls_restr.pdbx_restraint_function 
'X-RAY DIFFRACTION' ? 0.015  ? 809  ? f_bond_d           ? ? 
'X-RAY DIFFRACTION' ? 1.324  ? 1094 ? f_angle_d          ? ? 
'X-RAY DIFFRACTION' ? 0.095  ? 131  ? f_chiral_restr     ? ? 
'X-RAY DIFFRACTION' ? 0.011  ? 143  ? f_plane_restr      ? ? 
'X-RAY DIFFRACTION' ? 14.585 ? 312  ? f_dihedral_angle_d ? ? 
# 
loop_
_refine_ls_shell.pdbx_refine_id 
_refine_ls_shell.d_res_high 
_refine_ls_shell.d_res_low 
_refine_ls_shell.number_reflns_all 
_refine_ls_shell.number_reflns_obs 
_refine_ls_shell.number_reflns_R_free 
_refine_ls_shell.number_reflns_R_work 
_refine_ls_shell.percent_reflns_obs 
_refine_ls_shell.percent_reflns_R_free 
_refine_ls_shell.R_factor_all 
_refine_ls_shell.R_factor_obs 
_refine_ls_shell.R_factor_R_free 
_refine_ls_shell.R_factor_R_free_error 
_refine_ls_shell.R_factor_R_work 
_refine_ls_shell.redundancy_reflns_all 
_refine_ls_shell.redundancy_reflns_obs 
_refine_ls_shell.wR_factor_all 
_refine_ls_shell.wR_factor_obs 
_refine_ls_shell.wR_factor_R_free 
_refine_ls_shell.wR_factor_R_work 
_refine_ls_shell.pdbx_total_number_of_bins_used 
_refine_ls_shell.pdbx_phase_error 
_refine_ls_shell.pdbx_fsc_work 
_refine_ls_shell.pdbx_fsc_free 
'X-RAY DIFFRACTION' 1.8010 1.8830  816  . 79  737  56.0000  . . . 0.3201 . 0.2731 . . . . . . 8 . . . 
'X-RAY DIFFRACTION' 1.8830 1.9823  1151 . 108 1043 78.0000  . . . 0.3055 . 0.2521 . . . . . . 8 . . . 
'X-RAY DIFFRACTION' 1.9823 2.1064  1357 . 134 1223 92.0000  . . . 0.2728 . 0.2266 . . . . . . 8 . . . 
'X-RAY DIFFRACTION' 2.1064 2.2691  1412 . 137 1275 96.0000  . . . 0.2541 . 0.2024 . . . . . . 8 . . . 
'X-RAY DIFFRACTION' 2.2691 2.4974  1463 . 148 1315 99.0000  . . . 0.2431 . 0.2094 . . . . . . 8 . . . 
'X-RAY DIFFRACTION' 2.4974 2.8586  1442 . 150 1292 98.0000  . . . 0.2352 . 0.2178 . . . . . . 8 . . . 
'X-RAY DIFFRACTION' 2.8586 3.6012  1484 . 152 1332 100.0000 . . . 0.2211 . 0.1964 . . . . . . 8 . . . 
'X-RAY DIFFRACTION' 3.6012 38.4564 1514 . 150 1364 100.0000 . . . 0.1750 . 0.1697 . . . . . . 8 . . . 
# 
_struct.entry_id                     5I7Z 
_struct.title                        'Crystal structure of a Par-6 PDZ-Crumbs 3 C-terminal peptide complex' 
_struct.pdbx_model_details           ? 
_struct.pdbx_formula_weight          ? 
_struct.pdbx_formula_weight_method   ? 
_struct.pdbx_model_type_details      ? 
_struct.pdbx_CASP_flag               ? 
# 
_struct_keywords.entry_id        5I7Z 
_struct_keywords.text            'PDZ, cell polarity, SIGNALING PROTEIN' 
_struct_keywords.pdbx_keywords   'SIGNALING PROTEIN' 
# 
loop_
_struct_asym.id 
_struct_asym.pdbx_blank_PDB_chainid_flag 
_struct_asym.pdbx_modified 
_struct_asym.entity_id 
_struct_asym.details 
A N N 1 ? 
B N N 2 ? 
C N N 3 ? 
D N N 4 ? 
E N N 4 ? 
# 
loop_
_struct_ref.id 
_struct_ref.db_name 
_struct_ref.db_code 
_struct_ref.pdbx_db_accession 
_struct_ref.pdbx_db_isoform 
_struct_ref.entity_id 
_struct_ref.pdbx_seq_one_letter_code 
_struct_ref.pdbx_align_begin 
1 UNP O97111_DROME O97111 ? 1 
;HRRVRLLKHGSDKPLGFYIRDGTSVRVTASGLEKQPGIFISRLVPGGLAESTGLLAVNDEVIEVNGIEVAGKTLDQVTDM
MVANSSNLIITVKPAN
;
158 
2 PDB 5I7Z         5I7Z   ? 2 ?                                                                                                   
1   
# 
loop_
_struct_ref_seq.align_id 
_struct_ref_seq.ref_id 
_struct_ref_seq.pdbx_PDB_id_code 
_struct_ref_seq.pdbx_strand_id 
_struct_ref_seq.seq_align_beg 
_struct_ref_seq.pdbx_seq_align_beg_ins_code 
_struct_ref_seq.seq_align_end 
_struct_ref_seq.pdbx_seq_align_end_ins_code 
_struct_ref_seq.pdbx_db_accession 
_struct_ref_seq.db_align_beg 
_struct_ref_seq.pdbx_db_align_beg_ins_code 
_struct_ref_seq.db_align_end 
_struct_ref_seq.pdbx_db_align_end_ins_code 
_struct_ref_seq.pdbx_auth_seq_align_beg 
_struct_ref_seq.pdbx_auth_seq_align_end 
1 1 5I7Z A 1 ? 96 ? O97111 158 ? 253 ? 158 253 
2 2 5I7Z B 1 ? 8  ? 5I7Z   -1  ? 6   ? -1  6   
# 
_pdbx_struct_assembly.id                   1 
_pdbx_struct_assembly.details              author_and_software_defined_assembly 
_pdbx_struct_assembly.method_details       PISA 
_pdbx_struct_assembly.oligomeric_details   dimeric 
_pdbx_struct_assembly.oligomeric_count     2 
# 
loop_
_pdbx_struct_assembly_prop.biol_id 
_pdbx_struct_assembly_prop.type 
_pdbx_struct_assembly_prop.value 
_pdbx_struct_assembly_prop.details 
1 'ABSA (A^2)' 1020 ? 
1 MORE         -5   ? 
1 'SSA (A^2)'  6300 ? 
# 
_pdbx_struct_assembly_gen.assembly_id       1 
_pdbx_struct_assembly_gen.oper_expression   1 
_pdbx_struct_assembly_gen.asym_id_list      A,B,C,D,E 
# 
_pdbx_struct_oper_list.id                   1 
_pdbx_struct_oper_list.type                 'identity operation' 
_pdbx_struct_oper_list.name                 1_555 
_pdbx_struct_oper_list.symmetry_operation   x,y,z 
_pdbx_struct_oper_list.matrix[1][1]         1.0000000000 
_pdbx_struct_oper_list.matrix[1][2]         0.0000000000 
_pdbx_struct_oper_list.matrix[1][3]         0.0000000000 
_pdbx_struct_oper_list.vector[1]            0.0000000000 
_pdbx_struct_oper_list.matrix[2][1]         0.0000000000 
_pdbx_struct_oper_list.matrix[2][2]         1.0000000000 
_pdbx_struct_oper_list.matrix[2][3]         0.0000000000 
_pdbx_struct_oper_list.vector[2]            0.0000000000 
_pdbx_struct_oper_list.matrix[3][1]         0.0000000000 
_pdbx_struct_oper_list.matrix[3][2]         0.0000000000 
_pdbx_struct_oper_list.matrix[3][3]         1.0000000000 
_pdbx_struct_oper_list.vector[3]            0.0000000000 
# 
loop_
_struct_conf.conf_type_id 
_struct_conf.id 
_struct_conf.pdbx_PDB_helix_id 
_struct_conf.beg_label_comp_id 
_struct_conf.beg_label_asym_id 
_struct_conf.beg_label_seq_id 
_struct_conf.pdbx_beg_PDB_ins_code 
_struct_conf.end_label_comp_id 
_struct_conf.end_label_asym_id 
_struct_conf.end_label_seq_id 
_struct_conf.pdbx_end_PDB_ins_code 
_struct_conf.beg_auth_comp_id 
_struct_conf.beg_auth_asym_id 
_struct_conf.beg_auth_seq_id 
_struct_conf.end_auth_comp_id 
_struct_conf.end_auth_asym_id 
_struct_conf.end_auth_seq_id 
_struct_conf.pdbx_PDB_helix_class 
_struct_conf.details 
_struct_conf.pdbx_PDB_helix_length 
HELX_P HELX_P1 AA1 GLY A 47 ? GLY A 53 ? GLY A 204 GLY A 210 1 ? 7  
HELX_P HELX_P2 AA2 THR A 73 ? ASN A 84 ? THR A 230 ASN A 241 1 ? 12 
HELX_P HELX_P3 AA3 SER A 85 ? ASN A 87 ? SER A 242 ASN A 244 5 ? 3  
# 
_struct_conf_type.id          HELX_P 
_struct_conf_type.criteria    ? 
_struct_conf_type.reference   ? 
# 
loop_
_struct_sheet.id 
_struct_sheet.type 
_struct_sheet.number_strands 
_struct_sheet.details 
AA1 ? 4 ? 
AA2 ? 6 ? 
# 
loop_
_struct_sheet_order.sheet_id 
_struct_sheet_order.range_id_1 
_struct_sheet_order.range_id_2 
_struct_sheet_order.offset 
_struct_sheet_order.sense 
AA1 1 2 ? anti-parallel 
AA1 2 3 ? anti-parallel 
AA1 3 4 ? anti-parallel 
AA2 1 2 ? anti-parallel 
AA2 2 3 ? anti-parallel 
AA2 3 4 ? anti-parallel 
AA2 4 5 ? anti-parallel 
AA2 5 6 ? anti-parallel 
# 
loop_
_struct_sheet_range.sheet_id 
_struct_sheet_range.id 
_struct_sheet_range.beg_label_comp_id 
_struct_sheet_range.beg_label_asym_id 
_struct_sheet_range.beg_label_seq_id 
_struct_sheet_range.pdbx_beg_PDB_ins_code 
_struct_sheet_range.end_label_comp_id 
_struct_sheet_range.end_label_asym_id 
_struct_sheet_range.end_label_seq_id 
_struct_sheet_range.pdbx_end_PDB_ins_code 
_struct_sheet_range.beg_auth_comp_id 
_struct_sheet_range.beg_auth_asym_id 
_struct_sheet_range.beg_auth_seq_id 
_struct_sheet_range.end_auth_comp_id 
_struct_sheet_range.end_auth_asym_id 
_struct_sheet_range.end_auth_seq_id 
AA1 1 ARG A 2  ? LEU A 6  ? ARG A 159 LEU A 163 
AA1 2 LEU A 88 ? LYS A 93 ? LEU A 245 LYS A 250 
AA1 3 GLU A 60 ? VAL A 64 ? GLU A 217 VAL A 221 
AA1 4 ILE A 67 ? GLU A 68 ? ILE A 224 GLU A 225 
AA2 1 ARG A 2  ? LEU A 6  ? ARG A 159 LEU A 163 
AA2 2 LEU A 88 ? LYS A 93 ? LEU A 245 LYS A 250 
AA2 3 GLU A 60 ? VAL A 64 ? GLU A 217 VAL A 221 
AA2 4 LEU A 32 ? LEU A 43 ? LEU A 189 LEU A 200 
AA2 5 PHE A 17 ? VAL A 27 ? PHE A 174 VAL A 184 
AA2 6 GLU B 5  ? ILE B 8  ? GLU B 3   ILE B 6   
# 
loop_
_pdbx_struct_sheet_hbond.sheet_id 
_pdbx_struct_sheet_hbond.range_id_1 
_pdbx_struct_sheet_hbond.range_id_2 
_pdbx_struct_sheet_hbond.range_1_label_atom_id 
_pdbx_struct_sheet_hbond.range_1_label_comp_id 
_pdbx_struct_sheet_hbond.range_1_label_asym_id 
_pdbx_struct_sheet_hbond.range_1_label_seq_id 
_pdbx_struct_sheet_hbond.range_1_PDB_ins_code 
_pdbx_struct_sheet_hbond.range_1_auth_atom_id 
_pdbx_struct_sheet_hbond.range_1_auth_comp_id 
_pdbx_struct_sheet_hbond.range_1_auth_asym_id 
_pdbx_struct_sheet_hbond.range_1_auth_seq_id 
_pdbx_struct_sheet_hbond.range_2_label_atom_id 
_pdbx_struct_sheet_hbond.range_2_label_comp_id 
_pdbx_struct_sheet_hbond.range_2_label_asym_id 
_pdbx_struct_sheet_hbond.range_2_label_seq_id 
_pdbx_struct_sheet_hbond.range_2_PDB_ins_code 
_pdbx_struct_sheet_hbond.range_2_auth_atom_id 
_pdbx_struct_sheet_hbond.range_2_auth_comp_id 
_pdbx_struct_sheet_hbond.range_2_auth_asym_id 
_pdbx_struct_sheet_hbond.range_2_auth_seq_id 
AA1 1 2 N VAL A 4  ? N VAL A 161 O ILE A 90 ? O ILE A 247 
AA1 2 3 O THR A 91 ? O THR A 248 N ILE A 62 ? N ILE A 219 
AA1 3 4 N VAL A 64 ? N VAL A 221 O ILE A 67 ? O ILE A 224 
AA2 1 2 N VAL A 4  ? N VAL A 161 O ILE A 90 ? O ILE A 247 
AA2 2 3 O THR A 91 ? O THR A 248 N ILE A 62 ? N ILE A 219 
AA2 3 4 O VAL A 61 ? O VAL A 218 N ILE A 38 ? N ILE A 195 
AA2 4 5 O GLN A 35 ? O GLN A 192 N SER A 24 ? N SER A 181 
AA2 5 6 N PHE A 17 ? N PHE A 174 O ILE B 8  ? O ILE B 6   
# 
_struct_site.id                   AC1 
_struct_site.pdbx_evidence_code   Software 
_struct_site.pdbx_auth_asym_id    A 
_struct_site.pdbx_auth_comp_id    PEG 
_struct_site.pdbx_auth_seq_id     301 
_struct_site.pdbx_auth_ins_code   ? 
_struct_site.pdbx_num_residues    5 
_struct_site.details              'binding site for residue PEG A 301' 
# 
loop_
_struct_site_gen.id 
_struct_site_gen.site_id 
_struct_site_gen.pdbx_num_res 
_struct_site_gen.label_comp_id 
_struct_site_gen.label_asym_id 
_struct_site_gen.label_seq_id 
_struct_site_gen.pdbx_auth_ins_code 
_struct_site_gen.auth_comp_id 
_struct_site_gen.auth_asym_id 
_struct_site_gen.auth_seq_id 
_struct_site_gen.label_atom_id 
_struct_site_gen.label_alt_id 
_struct_site_gen.symmetry 
_struct_site_gen.details 
1 AC1 5 ARG A 3  ? ARG A 160 . ? 3_665 ? 
2 AC1 5 LEU A 32 ? LEU A 189 . ? 4_664 ? 
3 AC1 5 ASP A 79 ? ASP A 236 . ? 1_555 ? 
4 AC1 5 HOH D .  ? HOH A 436 . ? 1_555 ? 
5 AC1 5 ARG B 6  ? ARG B 4   . ? 1_555 ? 
# 
_pdbx_validate_close_contact.id               1 
_pdbx_validate_close_contact.PDB_model_num    1 
_pdbx_validate_close_contact.auth_atom_id_1   OE2 
_pdbx_validate_close_contact.auth_asym_id_1   A 
_pdbx_validate_close_contact.auth_comp_id_1   GLU 
_pdbx_validate_close_contact.auth_seq_id_1    225 
_pdbx_validate_close_contact.PDB_ins_code_1   ? 
_pdbx_validate_close_contact.label_alt_id_1   ? 
_pdbx_validate_close_contact.auth_atom_id_2   O 
_pdbx_validate_close_contact.auth_asym_id_2   A 
_pdbx_validate_close_contact.auth_comp_id_2   HOH 
_pdbx_validate_close_contact.auth_seq_id_2    401 
_pdbx_validate_close_contact.PDB_ins_code_2   ? 
_pdbx_validate_close_contact.label_alt_id_2   ? 
_pdbx_validate_close_contact.dist             2.17 
# 
_pdbx_validate_torsion.id              1 
_pdbx_validate_torsion.PDB_model_num   1 
_pdbx_validate_torsion.auth_comp_id    HIS 
_pdbx_validate_torsion.auth_asym_id    A 
_pdbx_validate_torsion.auth_seq_id     166 
_pdbx_validate_torsion.PDB_ins_code    ? 
_pdbx_validate_torsion.label_alt_id    ? 
_pdbx_validate_torsion.phi             -98.00 
_pdbx_validate_torsion.psi             -77.40 
# 
loop_
_pdbx_validate_main_chain_plane.id 
_pdbx_validate_main_chain_plane.PDB_model_num 
_pdbx_validate_main_chain_plane.auth_comp_id 
_pdbx_validate_main_chain_plane.auth_asym_id 
_pdbx_validate_main_chain_plane.auth_seq_id 
_pdbx_validate_main_chain_plane.PDB_ins_code 
_pdbx_validate_main_chain_plane.label_alt_id 
_pdbx_validate_main_chain_plane.improper_torsion_angle 
1 1 GLU A 207 ? ? 14.24 
2 1 GLU A 207 ? ? 12.15 
# 
loop_
_pdbx_struct_special_symmetry.id 
_pdbx_struct_special_symmetry.PDB_model_num 
_pdbx_struct_special_symmetry.auth_asym_id 
_pdbx_struct_special_symmetry.auth_comp_id 
_pdbx_struct_special_symmetry.auth_seq_id 
_pdbx_struct_special_symmetry.PDB_ins_code 
_pdbx_struct_special_symmetry.label_asym_id 
_pdbx_struct_special_symmetry.label_comp_id 
_pdbx_struct_special_symmetry.label_seq_id 
1 1 A HOH 455 ? D HOH . 
2 1 A HOH 456 ? D HOH . 
# 
_pdbx_distant_solvent_atoms.id                                1 
_pdbx_distant_solvent_atoms.PDB_model_num                     1 
_pdbx_distant_solvent_atoms.auth_atom_id                      O 
_pdbx_distant_solvent_atoms.label_alt_id                      ? 
_pdbx_distant_solvent_atoms.auth_asym_id                      A 
_pdbx_distant_solvent_atoms.auth_comp_id                      HOH 
_pdbx_distant_solvent_atoms.auth_seq_id                       456 
_pdbx_distant_solvent_atoms.PDB_ins_code                      ? 
_pdbx_distant_solvent_atoms.neighbor_macromolecule_distance   6.59 
_pdbx_distant_solvent_atoms.neighbor_ligand_distance          . 
_pdbx_distant_solvent_atoms.label_comp_id                     ? 
_pdbx_distant_solvent_atoms.label_asym_id                     ? 
_pdbx_distant_solvent_atoms.label_seq_id                      ? 
_pdbx_distant_solvent_atoms.label_atom_id                     ? 
# 
_pdbx_unobs_or_zero_occ_residues.id               1 
_pdbx_unobs_or_zero_occ_residues.PDB_model_num    1 
_pdbx_unobs_or_zero_occ_residues.polymer_flag     Y 
_pdbx_unobs_or_zero_occ_residues.occupancy_flag   1 
_pdbx_unobs_or_zero_occ_residues.auth_asym_id     B 
_pdbx_unobs_or_zero_occ_residues.auth_comp_id     LEU 
_pdbx_unobs_or_zero_occ_residues.auth_seq_id      -1 
_pdbx_unobs_or_zero_occ_residues.PDB_ins_code     ? 
_pdbx_unobs_or_zero_occ_residues.label_asym_id    B 
_pdbx_unobs_or_zero_occ_residues.label_comp_id    LEU 
_pdbx_unobs_or_zero_occ_residues.label_seq_id     1 
# 
loop_
_chem_comp_atom.comp_id 
_chem_comp_atom.atom_id 
_chem_comp_atom.type_symbol 
_chem_comp_atom.pdbx_aromatic_flag 
_chem_comp_atom.pdbx_stereo_config 
_chem_comp_atom.pdbx_ordinal 
ALA N    N N N 1   
ALA CA   C N S 2   
ALA C    C N N 3   
ALA O    O N N 4   
ALA CB   C N N 5   
ALA OXT  O N N 6   
ALA H    H N N 7   
ALA H2   H N N 8   
ALA HA   H N N 9   
ALA HB1  H N N 10  
ALA HB2  H N N 11  
ALA HB3  H N N 12  
ALA HXT  H N N 13  
ARG N    N N N 14  
ARG CA   C N S 15  
ARG C    C N N 16  
ARG O    O N N 17  
ARG CB   C N N 18  
ARG CG   C N N 19  
ARG CD   C N N 20  
ARG NE   N N N 21  
ARG CZ   C N N 22  
ARG NH1  N N N 23  
ARG NH2  N N N 24  
ARG OXT  O N N 25  
ARG H    H N N 26  
ARG H2   H N N 27  
ARG HA   H N N 28  
ARG HB2  H N N 29  
ARG HB3  H N N 30  
ARG HG2  H N N 31  
ARG HG3  H N N 32  
ARG HD2  H N N 33  
ARG HD3  H N N 34  
ARG HE   H N N 35  
ARG HH11 H N N 36  
ARG HH12 H N N 37  
ARG HH21 H N N 38  
ARG HH22 H N N 39  
ARG HXT  H N N 40  
ASN N    N N N 41  
ASN CA   C N S 42  
ASN C    C N N 43  
ASN O    O N N 44  
ASN CB   C N N 45  
ASN CG   C N N 46  
ASN OD1  O N N 47  
ASN ND2  N N N 48  
ASN OXT  O N N 49  
ASN H    H N N 50  
ASN H2   H N N 51  
ASN HA   H N N 52  
ASN HB2  H N N 53  
ASN HB3  H N N 54  
ASN HD21 H N N 55  
ASN HD22 H N N 56  
ASN HXT  H N N 57  
ASP N    N N N 58  
ASP CA   C N S 59  
ASP C    C N N 60  
ASP O    O N N 61  
ASP CB   C N N 62  
ASP CG   C N N 63  
ASP OD1  O N N 64  
ASP OD2  O N N 65  
ASP OXT  O N N 66  
ASP H    H N N 67  
ASP H2   H N N 68  
ASP HA   H N N 69  
ASP HB2  H N N 70  
ASP HB3  H N N 71  
ASP HD2  H N N 72  
ASP HXT  H N N 73  
GLN N    N N N 74  
GLN CA   C N S 75  
GLN C    C N N 76  
GLN O    O N N 77  
GLN CB   C N N 78  
GLN CG   C N N 79  
GLN CD   C N N 80  
GLN OE1  O N N 81  
GLN NE2  N N N 82  
GLN OXT  O N N 83  
GLN H    H N N 84  
GLN H2   H N N 85  
GLN HA   H N N 86  
GLN HB2  H N N 87  
GLN HB3  H N N 88  
GLN HG2  H N N 89  
GLN HG3  H N N 90  
GLN HE21 H N N 91  
GLN HE22 H N N 92  
GLN HXT  H N N 93  
GLU N    N N N 94  
GLU CA   C N S 95  
GLU C    C N N 96  
GLU O    O N N 97  
GLU CB   C N N 98  
GLU CG   C N N 99  
GLU CD   C N N 100 
GLU OE1  O N N 101 
GLU OE2  O N N 102 
GLU OXT  O N N 103 
GLU H    H N N 104 
GLU H2   H N N 105 
GLU HA   H N N 106 
GLU HB2  H N N 107 
GLU HB3  H N N 108 
GLU HG2  H N N 109 
GLU HG3  H N N 110 
GLU HE2  H N N 111 
GLU HXT  H N N 112 
GLY N    N N N 113 
GLY CA   C N N 114 
GLY C    C N N 115 
GLY O    O N N 116 
GLY OXT  O N N 117 
GLY H    H N N 118 
GLY H2   H N N 119 
GLY HA2  H N N 120 
GLY HA3  H N N 121 
GLY HXT  H N N 122 
HIS N    N N N 123 
HIS CA   C N S 124 
HIS C    C N N 125 
HIS O    O N N 126 
HIS CB   C N N 127 
HIS CG   C Y N 128 
HIS ND1  N Y N 129 
HIS CD2  C Y N 130 
HIS CE1  C Y N 131 
HIS NE2  N Y N 132 
HIS OXT  O N N 133 
HIS H    H N N 134 
HIS H2   H N N 135 
HIS HA   H N N 136 
HIS HB2  H N N 137 
HIS HB3  H N N 138 
HIS HD1  H N N 139 
HIS HD2  H N N 140 
HIS HE1  H N N 141 
HIS HE2  H N N 142 
HIS HXT  H N N 143 
HOH O    O N N 144 
HOH H1   H N N 145 
HOH H2   H N N 146 
ILE N    N N N 147 
ILE CA   C N S 148 
ILE C    C N N 149 
ILE O    O N N 150 
ILE CB   C N S 151 
ILE CG1  C N N 152 
ILE CG2  C N N 153 
ILE CD1  C N N 154 
ILE OXT  O N N 155 
ILE H    H N N 156 
ILE H2   H N N 157 
ILE HA   H N N 158 
ILE HB   H N N 159 
ILE HG12 H N N 160 
ILE HG13 H N N 161 
ILE HG21 H N N 162 
ILE HG22 H N N 163 
ILE HG23 H N N 164 
ILE HD11 H N N 165 
ILE HD12 H N N 166 
ILE HD13 H N N 167 
ILE HXT  H N N 168 
LEU N    N N N 169 
LEU CA   C N S 170 
LEU C    C N N 171 
LEU O    O N N 172 
LEU CB   C N N 173 
LEU CG   C N N 174 
LEU CD1  C N N 175 
LEU CD2  C N N 176 
LEU OXT  O N N 177 
LEU H    H N N 178 
LEU H2   H N N 179 
LEU HA   H N N 180 
LEU HB2  H N N 181 
LEU HB3  H N N 182 
LEU HG   H N N 183 
LEU HD11 H N N 184 
LEU HD12 H N N 185 
LEU HD13 H N N 186 
LEU HD21 H N N 187 
LEU HD22 H N N 188 
LEU HD23 H N N 189 
LEU HXT  H N N 190 
LYS N    N N N 191 
LYS CA   C N S 192 
LYS C    C N N 193 
LYS O    O N N 194 
LYS CB   C N N 195 
LYS CG   C N N 196 
LYS CD   C N N 197 
LYS CE   C N N 198 
LYS NZ   N N N 199 
LYS OXT  O N N 200 
LYS H    H N N 201 
LYS H2   H N N 202 
LYS HA   H N N 203 
LYS HB2  H N N 204 
LYS HB3  H N N 205 
LYS HG2  H N N 206 
LYS HG3  H N N 207 
LYS HD2  H N N 208 
LYS HD3  H N N 209 
LYS HE2  H N N 210 
LYS HE3  H N N 211 
LYS HZ1  H N N 212 
LYS HZ2  H N N 213 
LYS HZ3  H N N 214 
LYS HXT  H N N 215 
MET N    N N N 216 
MET CA   C N S 217 
MET C    C N N 218 
MET O    O N N 219 
MET CB   C N N 220 
MET CG   C N N 221 
MET SD   S N N 222 
MET CE   C N N 223 
MET OXT  O N N 224 
MET H    H N N 225 
MET H2   H N N 226 
MET HA   H N N 227 
MET HB2  H N N 228 
MET HB3  H N N 229 
MET HG2  H N N 230 
MET HG3  H N N 231 
MET HE1  H N N 232 
MET HE2  H N N 233 
MET HE3  H N N 234 
MET HXT  H N N 235 
PEG C1   C N N 236 
PEG O1   O N N 237 
PEG C2   C N N 238 
PEG O2   O N N 239 
PEG C3   C N N 240 
PEG C4   C N N 241 
PEG O4   O N N 242 
PEG H11  H N N 243 
PEG H12  H N N 244 
PEG HO1  H N N 245 
PEG H21  H N N 246 
PEG H22  H N N 247 
PEG H31  H N N 248 
PEG H32  H N N 249 
PEG H41  H N N 250 
PEG H42  H N N 251 
PEG HO4  H N N 252 
PHE N    N N N 253 
PHE CA   C N S 254 
PHE C    C N N 255 
PHE O    O N N 256 
PHE CB   C N N 257 
PHE CG   C Y N 258 
PHE CD1  C Y N 259 
PHE CD2  C Y N 260 
PHE CE1  C Y N 261 
PHE CE2  C Y N 262 
PHE CZ   C Y N 263 
PHE OXT  O N N 264 
PHE H    H N N 265 
PHE H2   H N N 266 
PHE HA   H N N 267 
PHE HB2  H N N 268 
PHE HB3  H N N 269 
PHE HD1  H N N 270 
PHE HD2  H N N 271 
PHE HE1  H N N 272 
PHE HE2  H N N 273 
PHE HZ   H N N 274 
PHE HXT  H N N 275 
PRO N    N N N 276 
PRO CA   C N S 277 
PRO C    C N N 278 
PRO O    O N N 279 
PRO CB   C N N 280 
PRO CG   C N N 281 
PRO CD   C N N 282 
PRO OXT  O N N 283 
PRO H    H N N 284 
PRO HA   H N N 285 
PRO HB2  H N N 286 
PRO HB3  H N N 287 
PRO HG2  H N N 288 
PRO HG3  H N N 289 
PRO HD2  H N N 290 
PRO HD3  H N N 291 
PRO HXT  H N N 292 
SER N    N N N 293 
SER CA   C N S 294 
SER C    C N N 295 
SER O    O N N 296 
SER CB   C N N 297 
SER OG   O N N 298 
SER OXT  O N N 299 
SER H    H N N 300 
SER H2   H N N 301 
SER HA   H N N 302 
SER HB2  H N N 303 
SER HB3  H N N 304 
SER HG   H N N 305 
SER HXT  H N N 306 
THR N    N N N 307 
THR CA   C N S 308 
THR C    C N N 309 
THR O    O N N 310 
THR CB   C N R 311 
THR OG1  O N N 312 
THR CG2  C N N 313 
THR OXT  O N N 314 
THR H    H N N 315 
THR H2   H N N 316 
THR HA   H N N 317 
THR HB   H N N 318 
THR HG1  H N N 319 
THR HG21 H N N 320 
THR HG22 H N N 321 
THR HG23 H N N 322 
THR HXT  H N N 323 
TYR N    N N N 324 
TYR CA   C N S 325 
TYR C    C N N 326 
TYR O    O N N 327 
TYR CB   C N N 328 
TYR CG   C Y N 329 
TYR CD1  C Y N 330 
TYR CD2  C Y N 331 
TYR CE1  C Y N 332 
TYR CE2  C Y N 333 
TYR CZ   C Y N 334 
TYR OH   O N N 335 
TYR OXT  O N N 336 
TYR H    H N N 337 
TYR H2   H N N 338 
TYR HA   H N N 339 
TYR HB2  H N N 340 
TYR HB3  H N N 341 
TYR HD1  H N N 342 
TYR HD2  H N N 343 
TYR HE1  H N N 344 
TYR HE2  H N N 345 
TYR HH   H N N 346 
TYR HXT  H N N 347 
VAL N    N N N 348 
VAL CA   C N S 349 
VAL C    C N N 350 
VAL O    O N N 351 
VAL CB   C N N 352 
VAL CG1  C N N 353 
VAL CG2  C N N 354 
VAL OXT  O N N 355 
VAL H    H N N 356 
VAL H2   H N N 357 
VAL HA   H N N 358 
VAL HB   H N N 359 
VAL HG11 H N N 360 
VAL HG12 H N N 361 
VAL HG13 H N N 362 
VAL HG21 H N N 363 
VAL HG22 H N N 364 
VAL HG23 H N N 365 
VAL HXT  H N N 366 
# 
loop_
_chem_comp_bond.comp_id 
_chem_comp_bond.atom_id_1 
_chem_comp_bond.atom_id_2 
_chem_comp_bond.value_order 
_chem_comp_bond.pdbx_aromatic_flag 
_chem_comp_bond.pdbx_stereo_config 
_chem_comp_bond.pdbx_ordinal 
ALA N   CA   sing N N 1   
ALA N   H    sing N N 2   
ALA N   H2   sing N N 3   
ALA CA  C    sing N N 4   
ALA CA  CB   sing N N 5   
ALA CA  HA   sing N N 6   
ALA C   O    doub N N 7   
ALA C   OXT  sing N N 8   
ALA CB  HB1  sing N N 9   
ALA CB  HB2  sing N N 10  
ALA CB  HB3  sing N N 11  
ALA OXT HXT  sing N N 12  
ARG N   CA   sing N N 13  
ARG N   H    sing N N 14  
ARG N   H2   sing N N 15  
ARG CA  C    sing N N 16  
ARG CA  CB   sing N N 17  
ARG CA  HA   sing N N 18  
ARG C   O    doub N N 19  
ARG C   OXT  sing N N 20  
ARG CB  CG   sing N N 21  
ARG CB  HB2  sing N N 22  
ARG CB  HB3  sing N N 23  
ARG CG  CD   sing N N 24  
ARG CG  HG2  sing N N 25  
ARG CG  HG3  sing N N 26  
ARG CD  NE   sing N N 27  
ARG CD  HD2  sing N N 28  
ARG CD  HD3  sing N N 29  
ARG NE  CZ   sing N N 30  
ARG NE  HE   sing N N 31  
ARG CZ  NH1  sing N N 32  
ARG CZ  NH2  doub N N 33  
ARG NH1 HH11 sing N N 34  
ARG NH1 HH12 sing N N 35  
ARG NH2 HH21 sing N N 36  
ARG NH2 HH22 sing N N 37  
ARG OXT HXT  sing N N 38  
ASN N   CA   sing N N 39  
ASN N   H    sing N N 40  
ASN N   H2   sing N N 41  
ASN CA  C    sing N N 42  
ASN CA  CB   sing N N 43  
ASN CA  HA   sing N N 44  
ASN C   O    doub N N 45  
ASN C   OXT  sing N N 46  
ASN CB  CG   sing N N 47  
ASN CB  HB2  sing N N 48  
ASN CB  HB3  sing N N 49  
ASN CG  OD1  doub N N 50  
ASN CG  ND2  sing N N 51  
ASN ND2 HD21 sing N N 52  
ASN ND2 HD22 sing N N 53  
ASN OXT HXT  sing N N 54  
ASP N   CA   sing N N 55  
ASP N   H    sing N N 56  
ASP N   H2   sing N N 57  
ASP CA  C    sing N N 58  
ASP CA  CB   sing N N 59  
ASP CA  HA   sing N N 60  
ASP C   O    doub N N 61  
ASP C   OXT  sing N N 62  
ASP CB  CG   sing N N 63  
ASP CB  HB2  sing N N 64  
ASP CB  HB3  sing N N 65  
ASP CG  OD1  doub N N 66  
ASP CG  OD2  sing N N 67  
ASP OD2 HD2  sing N N 68  
ASP OXT HXT  sing N N 69  
GLN N   CA   sing N N 70  
GLN N   H    sing N N 71  
GLN N   H2   sing N N 72  
GLN CA  C    sing N N 73  
GLN CA  CB   sing N N 74  
GLN CA  HA   sing N N 75  
GLN C   O    doub N N 76  
GLN C   OXT  sing N N 77  
GLN CB  CG   sing N N 78  
GLN CB  HB2  sing N N 79  
GLN CB  HB3  sing N N 80  
GLN CG  CD   sing N N 81  
GLN CG  HG2  sing N N 82  
GLN CG  HG3  sing N N 83  
GLN CD  OE1  doub N N 84  
GLN CD  NE2  sing N N 85  
GLN NE2 HE21 sing N N 86  
GLN NE2 HE22 sing N N 87  
GLN OXT HXT  sing N N 88  
GLU N   CA   sing N N 89  
GLU N   H    sing N N 90  
GLU N   H2   sing N N 91  
GLU CA  C    sing N N 92  
GLU CA  CB   sing N N 93  
GLU CA  HA   sing N N 94  
GLU C   O    doub N N 95  
GLU C   OXT  sing N N 96  
GLU CB  CG   sing N N 97  
GLU CB  HB2  sing N N 98  
GLU CB  HB3  sing N N 99  
GLU CG  CD   sing N N 100 
GLU CG  HG2  sing N N 101 
GLU CG  HG3  sing N N 102 
GLU CD  OE1  doub N N 103 
GLU CD  OE2  sing N N 104 
GLU OE2 HE2  sing N N 105 
GLU OXT HXT  sing N N 106 
GLY N   CA   sing N N 107 
GLY N   H    sing N N 108 
GLY N   H2   sing N N 109 
GLY CA  C    sing N N 110 
GLY CA  HA2  sing N N 111 
GLY CA  HA3  sing N N 112 
GLY C   O    doub N N 113 
GLY C   OXT  sing N N 114 
GLY OXT HXT  sing N N 115 
HIS N   CA   sing N N 116 
HIS N   H    sing N N 117 
HIS N   H2   sing N N 118 
HIS CA  C    sing N N 119 
HIS CA  CB   sing N N 120 
HIS CA  HA   sing N N 121 
HIS C   O    doub N N 122 
HIS C   OXT  sing N N 123 
HIS CB  CG   sing N N 124 
HIS CB  HB2  sing N N 125 
HIS CB  HB3  sing N N 126 
HIS CG  ND1  sing Y N 127 
HIS CG  CD2  doub Y N 128 
HIS ND1 CE1  doub Y N 129 
HIS ND1 HD1  sing N N 130 
HIS CD2 NE2  sing Y N 131 
HIS CD2 HD2  sing N N 132 
HIS CE1 NE2  sing Y N 133 
HIS CE1 HE1  sing N N 134 
HIS NE2 HE2  sing N N 135 
HIS OXT HXT  sing N N 136 
HOH O   H1   sing N N 137 
HOH O   H2   sing N N 138 
ILE N   CA   sing N N 139 
ILE N   H    sing N N 140 
ILE N   H2   sing N N 141 
ILE CA  C    sing N N 142 
ILE CA  CB   sing N N 143 
ILE CA  HA   sing N N 144 
ILE C   O    doub N N 145 
ILE C   OXT  sing N N 146 
ILE CB  CG1  sing N N 147 
ILE CB  CG2  sing N N 148 
ILE CB  HB   sing N N 149 
ILE CG1 CD1  sing N N 150 
ILE CG1 HG12 sing N N 151 
ILE CG1 HG13 sing N N 152 
ILE CG2 HG21 sing N N 153 
ILE CG2 HG22 sing N N 154 
ILE CG2 HG23 sing N N 155 
ILE CD1 HD11 sing N N 156 
ILE CD1 HD12 sing N N 157 
ILE CD1 HD13 sing N N 158 
ILE OXT HXT  sing N N 159 
LEU N   CA   sing N N 160 
LEU N   H    sing N N 161 
LEU N   H2   sing N N 162 
LEU CA  C    sing N N 163 
LEU CA  CB   sing N N 164 
LEU CA  HA   sing N N 165 
LEU C   O    doub N N 166 
LEU C   OXT  sing N N 167 
LEU CB  CG   sing N N 168 
LEU CB  HB2  sing N N 169 
LEU CB  HB3  sing N N 170 
LEU CG  CD1  sing N N 171 
LEU CG  CD2  sing N N 172 
LEU CG  HG   sing N N 173 
LEU CD1 HD11 sing N N 174 
LEU CD1 HD12 sing N N 175 
LEU CD1 HD13 sing N N 176 
LEU CD2 HD21 sing N N 177 
LEU CD2 HD22 sing N N 178 
LEU CD2 HD23 sing N N 179 
LEU OXT HXT  sing N N 180 
LYS N   CA   sing N N 181 
LYS N   H    sing N N 182 
LYS N   H2   sing N N 183 
LYS CA  C    sing N N 184 
LYS CA  CB   sing N N 185 
LYS CA  HA   sing N N 186 
LYS C   O    doub N N 187 
LYS C   OXT  sing N N 188 
LYS CB  CG   sing N N 189 
LYS CB  HB2  sing N N 190 
LYS CB  HB3  sing N N 191 
LYS CG  CD   sing N N 192 
LYS CG  HG2  sing N N 193 
LYS CG  HG3  sing N N 194 
LYS CD  CE   sing N N 195 
LYS CD  HD2  sing N N 196 
LYS CD  HD3  sing N N 197 
LYS CE  NZ   sing N N 198 
LYS CE  HE2  sing N N 199 
LYS CE  HE3  sing N N 200 
LYS NZ  HZ1  sing N N 201 
LYS NZ  HZ2  sing N N 202 
LYS NZ  HZ3  sing N N 203 
LYS OXT HXT  sing N N 204 
MET N   CA   sing N N 205 
MET N   H    sing N N 206 
MET N   H2   sing N N 207 
MET CA  C    sing N N 208 
MET CA  CB   sing N N 209 
MET CA  HA   sing N N 210 
MET C   O    doub N N 211 
MET C   OXT  sing N N 212 
MET CB  CG   sing N N 213 
MET CB  HB2  sing N N 214 
MET CB  HB3  sing N N 215 
MET CG  SD   sing N N 216 
MET CG  HG2  sing N N 217 
MET CG  HG3  sing N N 218 
MET SD  CE   sing N N 219 
MET CE  HE1  sing N N 220 
MET CE  HE2  sing N N 221 
MET CE  HE3  sing N N 222 
MET OXT HXT  sing N N 223 
PEG C1  O1   sing N N 224 
PEG C1  C2   sing N N 225 
PEG C1  H11  sing N N 226 
PEG C1  H12  sing N N 227 
PEG O1  HO1  sing N N 228 
PEG C2  O2   sing N N 229 
PEG C2  H21  sing N N 230 
PEG C2  H22  sing N N 231 
PEG O2  C3   sing N N 232 
PEG C3  C4   sing N N 233 
PEG C3  H31  sing N N 234 
PEG C3  H32  sing N N 235 
PEG C4  O4   sing N N 236 
PEG C4  H41  sing N N 237 
PEG C4  H42  sing N N 238 
PEG O4  HO4  sing N N 239 
PHE N   CA   sing N N 240 
PHE N   H    sing N N 241 
PHE N   H2   sing N N 242 
PHE CA  C    sing N N 243 
PHE CA  CB   sing N N 244 
PHE CA  HA   sing N N 245 
PHE C   O    doub N N 246 
PHE C   OXT  sing N N 247 
PHE CB  CG   sing N N 248 
PHE CB  HB2  sing N N 249 
PHE CB  HB3  sing N N 250 
PHE CG  CD1  doub Y N 251 
PHE CG  CD2  sing Y N 252 
PHE CD1 CE1  sing Y N 253 
PHE CD1 HD1  sing N N 254 
PHE CD2 CE2  doub Y N 255 
PHE CD2 HD2  sing N N 256 
PHE CE1 CZ   doub Y N 257 
PHE CE1 HE1  sing N N 258 
PHE CE2 CZ   sing Y N 259 
PHE CE2 HE2  sing N N 260 
PHE CZ  HZ   sing N N 261 
PHE OXT HXT  sing N N 262 
PRO N   CA   sing N N 263 
PRO N   CD   sing N N 264 
PRO N   H    sing N N 265 
PRO CA  C    sing N N 266 
PRO CA  CB   sing N N 267 
PRO CA  HA   sing N N 268 
PRO C   O    doub N N 269 
PRO C   OXT  sing N N 270 
PRO CB  CG   sing N N 271 
PRO CB  HB2  sing N N 272 
PRO CB  HB3  sing N N 273 
PRO CG  CD   sing N N 274 
PRO CG  HG2  sing N N 275 
PRO CG  HG3  sing N N 276 
PRO CD  HD2  sing N N 277 
PRO CD  HD3  sing N N 278 
PRO OXT HXT  sing N N 279 
SER N   CA   sing N N 280 
SER N   H    sing N N 281 
SER N   H2   sing N N 282 
SER CA  C    sing N N 283 
SER CA  CB   sing N N 284 
SER CA  HA   sing N N 285 
SER C   O    doub N N 286 
SER C   OXT  sing N N 287 
SER CB  OG   sing N N 288 
SER CB  HB2  sing N N 289 
SER CB  HB3  sing N N 290 
SER OG  HG   sing N N 291 
SER OXT HXT  sing N N 292 
THR N   CA   sing N N 293 
THR N   H    sing N N 294 
THR N   H2   sing N N 295 
THR CA  C    sing N N 296 
THR CA  CB   sing N N 297 
THR CA  HA   sing N N 298 
THR C   O    doub N N 299 
THR C   OXT  sing N N 300 
THR CB  OG1  sing N N 301 
THR CB  CG2  sing N N 302 
THR CB  HB   sing N N 303 
THR OG1 HG1  sing N N 304 
THR CG2 HG21 sing N N 305 
THR CG2 HG22 sing N N 306 
THR CG2 HG23 sing N N 307 
THR OXT HXT  sing N N 308 
TYR N   CA   sing N N 309 
TYR N   H    sing N N 310 
TYR N   H2   sing N N 311 
TYR CA  C    sing N N 312 
TYR CA  CB   sing N N 313 
TYR CA  HA   sing N N 314 
TYR C   O    doub N N 315 
TYR C   OXT  sing N N 316 
TYR CB  CG   sing N N 317 
TYR CB  HB2  sing N N 318 
TYR CB  HB3  sing N N 319 
TYR CG  CD1  doub Y N 320 
TYR CG  CD2  sing Y N 321 
TYR CD1 CE1  sing Y N 322 
TYR CD1 HD1  sing N N 323 
TYR CD2 CE2  doub Y N 324 
TYR CD2 HD2  sing N N 325 
TYR CE1 CZ   doub Y N 326 
TYR CE1 HE1  sing N N 327 
TYR CE2 CZ   sing Y N 328 
TYR CE2 HE2  sing N N 329 
TYR CZ  OH   sing N N 330 
TYR OH  HH   sing N N 331 
TYR OXT HXT  sing N N 332 
VAL N   CA   sing N N 333 
VAL N   H    sing N N 334 
VAL N   H2   sing N N 335 
VAL CA  C    sing N N 336 
VAL CA  CB   sing N N 337 
VAL CA  HA   sing N N 338 
VAL C   O    doub N N 339 
VAL C   OXT  sing N N 340 
VAL CB  CG1  sing N N 341 
VAL CB  CG2  sing N N 342 
VAL CB  HB   sing N N 343 
VAL CG1 HG11 sing N N 344 
VAL CG1 HG12 sing N N 345 
VAL CG1 HG13 sing N N 346 
VAL CG2 HG21 sing N N 347 
VAL CG2 HG22 sing N N 348 
VAL CG2 HG23 sing N N 349 
VAL OXT HXT  sing N N 350 
# 
loop_
_pdbx_audit_support.funding_organization 
_pdbx_audit_support.country 
_pdbx_audit_support.grant_number 
_pdbx_audit_support.ordinal 
'National Institutes of Health/National Institute Of Allergy and Infectious Diseases (NIH/NIAID)' 'United States' AI058072 1 
'National Institutes of Health/National Institute of General Medical Sciences (NIH/NIGMS)'        'United States' GM068032 2 
# 
_atom_sites.entry_id                    5I7Z 
_atom_sites.fract_transf_matrix[1][1]   0.00833880 
_atom_sites.fract_transf_matrix[1][2]   0.01432750 
_atom_sites.fract_transf_matrix[1][3]   -0.00633813 
_atom_sites.fract_transf_matrix[2][1]   0.00551964 
_atom_sites.fract_transf_matrix[2][2]   0.00031945 
_atom_sites.fract_transf_matrix[2][3]   -0.01686485 
_atom_sites.fract_transf_matrix[3][1]   -0.01670036 
_atom_sites.fract_transf_matrix[3][2]   0.00736360 
_atom_sites.fract_transf_matrix[3][3]   -0.00532632 
_atom_sites.fract_transf_vector[1]      0.450782 
_atom_sites.fract_transf_vector[2]      0.369733 
_atom_sites.fract_transf_vector[3]      -0.033774 
# 
loop_
_atom_type.symbol 
C 
N 
O 
S 
# 
loop_
_atom_site.group_PDB 
_atom_site.id 
_atom_site.type_symbol 
_atom_site.label_atom_id 
_atom_site.label_alt_id 
_atom_site.label_comp_id 
_atom_site.label_asym_id 
_atom_site.label_entity_id 
_atom_site.label_seq_id 
_atom_site.pdbx_PDB_ins_code 
_atom_site.Cartn_x 
_atom_site.Cartn_y 
_atom_site.Cartn_z 
_atom_site.occupancy 
_atom_site.B_iso_or_equiv 
_atom_site.pdbx_formal_charge 
_atom_site.auth_seq_id 
_atom_site.auth_comp_id 
_atom_site.auth_asym_id 
_atom_site.auth_atom_id 
_atom_site.pdbx_PDB_model_num 
ATOM   1   N N   . HIS A 1 1  ? -9.701  -1.050  9.402   1.00 34.56 ? 158 HIS A N   1 
ATOM   2   C CA  . HIS A 1 1  ? -8.379  -0.546  9.059   1.00 39.54 ? 158 HIS A CA  1 
ATOM   3   C C   . HIS A 1 1  ? -7.287  -0.979  10.027  1.00 45.43 ? 158 HIS A C   1 
ATOM   4   O O   . HIS A 1 1  ? -7.497  -1.053  11.234  1.00 43.56 ? 158 HIS A O   1 
ATOM   5   C CB  . HIS A 1 1  ? -8.392  0.979   8.960   1.00 39.88 ? 158 HIS A CB  1 
ATOM   6   C CG  . HIS A 1 1  ? -9.232  1.509   7.844   1.00 42.37 ? 158 HIS A CG  1 
ATOM   7   N ND1 . HIS A 1 1  ? -9.369  2.856   7.594   1.00 48.83 ? 158 HIS A ND1 1 
ATOM   8   C CD2 . HIS A 1 1  ? -9.983  0.875   6.915   1.00 46.53 ? 158 HIS A CD2 1 
ATOM   9   C CE1 . HIS A 1 1  ? -10.168 3.027   6.557   1.00 46.94 ? 158 HIS A CE1 1 
ATOM   10  N NE2 . HIS A 1 1  ? -10.554 1.841   6.127   1.00 43.55 ? 158 HIS A NE2 1 
ATOM   11  N N   . ARG A 1 2  ? -6.105  -1.239  9.481   1.00 42.98 ? 159 ARG A N   1 
ATOM   12  C CA  . ARG A 1 2  ? -4.954  -1.634  10.291  1.00 35.51 ? 159 ARG A CA  1 
ATOM   13  C C   . ARG A 1 2  ? -3.721  -0.793  9.952   1.00 50.64 ? 159 ARG A C   1 
ATOM   14  O O   . ARG A 1 2  ? -3.406  -0.600  8.772   1.00 40.01 ? 159 ARG A O   1 
ATOM   15  C CB  . ARG A 1 2  ? -4.649  -3.117  10.075  1.00 45.02 ? 159 ARG A CB  1 
ATOM   16  C CG  . ARG A 1 2  ? -5.399  -4.048  11.018  1.00 57.90 ? 159 ARG A CG  1 
ATOM   17  C CD  . ARG A 1 2  ? -5.432  -5.465  10.477  1.00 60.60 ? 159 ARG A CD  1 
ATOM   18  N NE  . ARG A 1 2  ? -4.315  -5.730  9.570   1.00 61.01 ? 159 ARG A NE  1 
ATOM   19  C CZ  . ARG A 1 2  ? -4.136  -6.876  8.920   1.00 68.03 ? 159 ARG A CZ  1 
ATOM   20  N NH1 . ARG A 1 2  ? -5.001  -7.871  9.078   1.00 71.15 ? 159 ARG A NH1 1 
ATOM   21  N NH2 . ARG A 1 2  ? -3.096  -7.024  8.109   1.00 64.49 ? 159 ARG A NH2 1 
ATOM   22  N N   . ARG A 1 3  ? -3.034  -0.306  10.973  1.00 36.54 ? 160 ARG A N   1 
ATOM   23  C CA  . ARG A 1 3  ? -1.838  0.479   10.755  1.00 32.48 ? 160 ARG A CA  1 
ATOM   24  C C   . ARG A 1 3  ? -0.642  -0.455  10.796  1.00 43.12 ? 160 ARG A C   1 
ATOM   25  O O   . ARG A 1 3  ? -0.377  -1.085  11.811  1.00 38.21 ? 160 ARG A O   1 
ATOM   26  C CB  . ARG A 1 3  ? -1.735  1.606   11.781  1.00 29.33 ? 160 ARG A CB  1 
ATOM   27  C CG  . ARG A 1 3  ? -2.865  2.619   11.664  1.00 43.55 ? 160 ARG A CG  1 
ATOM   28  C CD  . ARG A 1 3  ? -2.771  3.739   12.683  1.00 42.91 ? 160 ARG A CD  1 
ATOM   29  N NE  . ARG A 1 3  ? -2.547  5.032   12.051  1.00 35.17 ? 160 ARG A NE  1 
ATOM   30  C CZ  . ARG A 1 3  ? -3.486  5.760   11.448  1.00 46.12 ? 160 ARG A CZ  1 
ATOM   31  N NH1 . ARG A 1 3  ? -4.731  5.336   11.387  1.00 34.16 ? 160 ARG A NH1 1 
ATOM   32  N NH2 . ARG A 1 3  ? -3.173  6.923   10.902  1.00 33.89 ? 160 ARG A NH2 1 
ATOM   33  N N   . VAL A 1 4  ? 0.065   -0.545  9.680   1.00 33.36 ? 161 VAL A N   1 
ATOM   34  C CA  . VAL A 1 4  ? 1.161   -1.485  9.548   1.00 33.59 ? 161 VAL A CA  1 
ATOM   35  C C   . VAL A 1 4  ? 2.493   -0.762  9.449   1.00 34.04 ? 161 VAL A C   1 
ATOM   36  O O   . VAL A 1 4  ? 2.690   0.076   8.582   1.00 30.69 ? 161 VAL A O   1 
ATOM   37  C CB  . VAL A 1 4  ? 0.963   -2.384  8.318   1.00 33.41 ? 161 VAL A CB  1 
ATOM   38  C CG1 . VAL A 1 4  ? 2.133   -3.335  8.160   1.00 40.49 ? 161 VAL A CG1 1 
ATOM   39  C CG2 . VAL A 1 4  ? -0.343  -3.149  8.427   1.00 43.85 ? 161 VAL A CG2 1 
ATOM   40  N N   . ARG A 1 5  ? 3.411   -1.073  10.331  1.00 28.41 ? 162 ARG A N   1 
ATOM   41  C CA  . ARG A 1 5  ? 4.701   -0.481  10.300  1.00 29.20 ? 162 ARG A CA  1 
ATOM   42  C C   . ARG A 1 5  ? 5.655   -1.393  9.586   1.00 42.11 ? 162 ARG A C   1 
ATOM   43  O O   . ARG A 1 5  ? 5.686   -2.550  9.844   1.00 45.41 ? 162 ARG A O   1 
ATOM   44  C CB  . ARG A 1 5  ? 5.181   -0.245  11.713  1.00 40.54 ? 162 ARG A CB  1 
ATOM   45  C CG  . ARG A 1 5  ? 6.335   0.715   11.834  1.00 51.95 ? 162 ARG A CG  1 
ATOM   46  C CD  . ARG A 1 5  ? 7.140   0.405   13.071  1.00 71.65 ? 162 ARG A CD  1 
ATOM   47  N NE  . ARG A 1 5  ? 8.140   1.419   13.338  1.00 89.85 ? 162 ARG A NE  1 
ATOM   48  C CZ  . ARG A 1 5  ? 8.495   1.811   14.555  1.00 87.95 ? 162 ARG A CZ  1 
ATOM   49  N NH1 . ARG A 1 5  ? 7.922   1.259   15.624  1.00 78.90 ? 162 ARG A NH1 1 
ATOM   50  N NH2 . ARG A 1 5  ? 9.420   2.740   14.694  1.00 64.10 ? 162 ARG A NH2 1 
ATOM   51  N N   . LEU A 1 6  ? 6.415   -0.847  8.663   1.00 41.37 ? 163 LEU A N   1 
ATOM   52  C CA  . LEU A 1 6  ? 7.351   -1.614  7.894   1.00 34.03 ? 163 LEU A CA  1 
ATOM   53  C C   . LEU A 1 6  ? 8.717   -1.098  8.168   1.00 43.15 ? 163 LEU A C   1 
ATOM   54  O O   . LEU A 1 6  ? 9.001   0.044   7.976   1.00 39.14 ? 163 LEU A O   1 
ATOM   55  C CB  . LEU A 1 6  ? 7.059   -1.505  6.420   1.00 35.72 ? 163 LEU A CB  1 
ATOM   56  C CG  . LEU A 1 6  ? 5.836   -2.272  5.921   1.00 49.75 ? 163 LEU A CG  1 
ATOM   57  C CD1 . LEU A 1 6  ? 6.035   -2.686  4.506   1.00 42.40 ? 163 LEU A CD1 1 
ATOM   58  C CD2 . LEU A 1 6  ? 5.572   -3.517  6.741   1.00 41.47 ? 163 LEU A CD2 1 
ATOM   59  N N   . LEU A 1 7  ? 9.564   -1.979  8.633   1.00 49.00 ? 164 LEU A N   1 
ATOM   60  C CA  . LEU A 1 7  ? 10.895  -1.594  8.973   1.00 54.96 ? 164 LEU A CA  1 
ATOM   61  C C   . LEU A 1 7  ? 11.796  -1.693  7.794   1.00 51.59 ? 164 LEU A C   1 
ATOM   62  O O   . LEU A 1 7  ? 11.566  -2.441  6.880   1.00 49.45 ? 164 LEU A O   1 
ATOM   63  C CB  . LEU A 1 7  ? 11.407  -2.370  10.165  1.00 64.54 ? 164 LEU A CB  1 
ATOM   64  C CG  . LEU A 1 7  ? 11.344  -1.379  11.320  1.00 75.72 ? 164 LEU A CG  1 
ATOM   65  C CD1 . LEU A 1 7  ? 11.344  -2.050  12.685  1.00 74.93 ? 164 LEU A CD1 1 
ATOM   66  C CD2 . LEU A 1 7  ? 12.388  -0.265  11.204  1.00 59.97 ? 164 LEU A CD2 1 
ATOM   67  N N   . LYS A 1 8  ? 12.865  -0.904  7.821   1.00 42.22 ? 165 LYS A N   1 
ATOM   68  C CA  . LYS A 1 8  ? 13.836  -0.893  6.735   1.00 49.76 ? 165 LYS A CA  1 
ATOM   69  C C   . LYS A 1 8  ? 15.243  -1.177  7.249   1.00 38.50 ? 165 LYS A C   1 
ATOM   70  O O   . LYS A 1 8  ? 15.718  -0.527  8.180   1.00 48.56 ? 165 LYS A O   1 
ATOM   71  C CB  . LYS A 1 8  ? 13.805  0.451   6.002   1.00 45.98 ? 165 LYS A CB  1 
ATOM   72  C CG  . LYS A 1 8  ? 14.290  0.385   4.562   1.00 51.92 ? 165 LYS A CG  1 
ATOM   73  C CD  . LYS A 1 8  ? 14.832  1.727   4.100   1.00 52.68 ? 165 LYS A CD  1 
ATOM   74  C CE  . LYS A 1 8  ? 15.405  1.637   2.696   1.00 57.86 ? 165 LYS A CE  1 
ATOM   75  N NZ  . LYS A 1 8  ? 14.370  1.253   1.697   1.00 49.02 ? 165 LYS A NZ  1 
ATOM   76  N N   . HIS A 1 9  ? 15.907  -2.151  6.634   1.00 54.97 ? 166 HIS A N   1 
ATOM   77  C CA  . HIS A 1 9  ? 17.261  -2.522  7.028   1.00 49.67 ? 166 HIS A CA  1 
ATOM   78  C C   . HIS A 1 9  ? 18.298  -1.868  6.120   1.00 54.09 ? 166 HIS A C   1 
ATOM   79  O O   . HIS A 1 9  ? 18.933  -0.882  6.497   1.00 71.63 ? 166 HIS A O   1 
ATOM   80  C CB  . HIS A 1 9  ? 17.428  -4.042  7.004   1.00 59.45 ? 166 HIS A CB  1 
ATOM   81  C CG  . HIS A 1 9  ? 16.549  -4.763  7.978   1.00 64.12 ? 166 HIS A CG  1 
ATOM   82  N ND1 . HIS A 1 9  ? 16.321  -6.120  7.914   1.00 80.47 ? 166 HIS A ND1 1 
ATOM   83  C CD2 . HIS A 1 9  ? 15.840  -4.312  9.042   1.00 63.30 ? 166 HIS A CD2 1 
ATOM   84  C CE1 . HIS A 1 9  ? 15.510  -6.475  8.895   1.00 80.36 ? 166 HIS A CE1 1 
ATOM   85  N NE2 . HIS A 1 9  ? 15.204  -5.397  9.594   1.00 74.00 ? 166 HIS A NE2 1 
ATOM   86  N N   . GLY A 1 10 ? 18.462  -2.419  4.923   1.00 48.85 ? 167 GLY A N   1 
ATOM   87  C CA  . GLY A 1 10 ? 19.416  -1.893  3.965   1.00 57.80 ? 167 GLY A CA  1 
ATOM   88  C C   . GLY A 1 10 ? 18.857  -0.611  3.380   1.00 50.54 ? 167 GLY A C   1 
ATOM   89  O O   . GLY A 1 10 ? 17.659  -0.505  3.120   1.00 41.53 ? 167 GLY A O   1 
ATOM   90  N N   . SER A 1 11 ? 19.731  0.369   3.171   1.00 45.59 ? 168 SER A N   1 
ATOM   91  C CA  . SER A 1 11 ? 19.355  1.612   2.509   1.00 55.46 ? 168 SER A CA  1 
ATOM   92  C C   . SER A 1 11 ? 18.988  1.328   1.056   1.00 53.66 ? 168 SER A C   1 
ATOM   93  O O   . SER A 1 11 ? 18.278  2.109   0.422   1.00 54.02 ? 168 SER A O   1 
ATOM   94  C CB  . SER A 1 11 ? 20.433  2.678   2.717   1.00 47.89 ? 168 SER A CB  1 
ATOM   95  O OG  . SER A 1 11 ? 21.439  2.587   1.724   1.00 63.26 ? 168 SER A OG  1 
ATOM   96  N N   . ASP A 1 12 ? 19.476  0.208   0.535   1.00 41.73 ? 169 ASP A N   1 
ATOM   97  C CA  . ASP A 1 12 ? 19.303  -0.130  -0.873  1.00 33.81 ? 169 ASP A CA  1 
ATOM   98  C C   . ASP A 1 12 ? 18.305  -1.268  -1.049  1.00 35.28 ? 169 ASP A C   1 
ATOM   99  O O   . ASP A 1 12 ? 17.931  -1.613  -2.171  1.00 38.11 ? 169 ASP A O   1 
ATOM   100 C CB  . ASP A 1 12 ? 20.645  -0.505  -1.504  1.00 37.99 ? 169 ASP A CB  1 
ATOM   101 C CG  . ASP A 1 12 ? 20.574  -0.596  -3.015  1.00 42.08 ? 169 ASP A CG  1 
ATOM   102 O OD1 . ASP A 1 12 ? 20.106  0.372   -3.649  1.00 43.43 ? 169 ASP A OD1 1 
ATOM   103 O OD2 . ASP A 1 12 ? 20.987  -1.636  -3.570  1.00 35.90 ? 169 ASP A OD2 1 
ATOM   104 N N   . LYS A 1 13 ? 17.875  -1.850  0.066   1.00 29.27 ? 170 LYS A N   1 
ATOM   105 C CA  . LYS A 1 13 ? 16.944  -2.922  0.038   1.00 27.66 ? 170 LYS A CA  1 
ATOM   106 C C   . LYS A 1 13 ? 15.535  -2.356  0.138   1.00 31.75 ? 170 LYS A C   1 
ATOM   107 O O   . LYS A 1 13 ? 15.266  -1.523  0.951   1.00 27.20 ? 170 LYS A O   1 
ATOM   108 C CB  . LYS A 1 13 ? 17.211  -3.858  1.193   1.00 30.20 ? 170 LYS A CB  1 
ATOM   109 C CG  . LYS A 1 13 ? 16.299  -5.060  1.259   1.00 29.21 ? 170 LYS A CG  1 
ATOM   110 C CD  . LYS A 1 13 ? 16.566  -5.905  2.486   1.00 32.75 ? 170 LYS A CD  1 
ATOM   111 C CE  . LYS A 1 13 ? 15.685  -7.114  2.496   1.00 36.53 ? 170 LYS A CE  1 
ATOM   112 N NZ  . LYS A 1 13 ? 16.181  -8.204  3.332   1.00 38.47 ? 170 LYS A NZ  1 
ATOM   113 N N   . PRO A 1 14 ? 14.659  -2.824  -0.721  1.00 29.02 ? 171 PRO A N   1 
ATOM   114 C CA  . PRO A 1 14 ? 13.252  -2.397  -0.742  1.00 28.36 ? 171 PRO A CA  1 
ATOM   115 C C   . PRO A 1 14 ? 12.474  -2.940  0.457   1.00 31.50 ? 171 PRO A C   1 
ATOM   116 O O   . PRO A 1 14 ? 12.885  -3.921  1.067   1.00 27.31 ? 171 PRO A O   1 
ATOM   117 C CB  . PRO A 1 14 ? 12.715  -3.000  -2.044  1.00 25.77 ? 171 PRO A CB  1 
ATOM   118 C CG  . PRO A 1 14 ? 13.590  -4.194  -2.291  1.00 25.34 ? 171 PRO A CG  1 
ATOM   119 C CD  . PRO A 1 14 ? 14.953  -3.851  -1.736  1.00 28.95 ? 171 PRO A CD  1 
ATOM   120 N N   . LEU A 1 15 ? 11.355  -2.300  0.791   1.00 24.56 ? 172 LEU A N   1 
ATOM   121 C CA  . LEU A 1 15 ? 10.534  -2.732  1.919   1.00 22.85 ? 172 LEU A CA  1 
ATOM   122 C C   . LEU A 1 15 ? 9.862   -4.060  1.605   1.00 26.41 ? 172 LEU A C   1 
ATOM   123 O O   . LEU A 1 15 ? 9.473   -4.803  2.514   1.00 27.51 ? 172 LEU A O   1 
ATOM   124 C CB  . LEU A 1 15 ? 9.512   -1.650  2.283   1.00 23.11 ? 172 LEU A CB  1 
ATOM   125 C CG  . LEU A 1 15 ? 10.166  -0.317  2.660   1.00 28.94 ? 172 LEU A CG  1 
ATOM   126 C CD1 . LEU A 1 15 ? 9.117   0.766   2.859   1.00 33.97 ? 172 LEU A CD1 1 
ATOM   127 C CD2 . LEU A 1 15 ? 11.016  -0.472  3.911   1.00 37.16 ? 172 LEU A CD2 1 
ATOM   128 N N   . GLY A 1 16 ? 9.738   -4.357  0.312   1.00 24.45 ? 173 GLY A N   1 
ATOM   129 C CA  . GLY A 1 16 ? 9.405   -5.701  -0.126  1.00 23.62 ? 173 GLY A CA  1 
ATOM   130 C C   . GLY A 1 16 ? 8.004   -5.941  -0.653  1.00 30.45 ? 173 GLY A C   1 
ATOM   131 O O   . GLY A 1 16 ? 7.490   -7.056  -0.545  1.00 27.39 ? 173 GLY A O   1 
ATOM   132 N N   . PHE A 1 17 ? 7.368   -4.909  -1.209  1.00 24.15 ? 174 PHE A N   1 
ATOM   133 C CA  . PHE A 1 17 ? 6.048   -5.087  -1.817  1.00 27.21 ? 174 PHE A CA  1 
ATOM   134 C C   . PHE A 1 17 ? 5.857   -4.191  -3.042  1.00 22.44 ? 174 PHE A C   1 
ATOM   135 O O   . PHE A 1 17 ? 6.565   -3.197  -3.208  1.00 26.07 ? 174 PHE A O   1 
ATOM   136 C CB  . PHE A 1 17 ? 4.924   -4.861  -0.786  1.00 27.72 ? 174 PHE A CB  1 
ATOM   137 C CG  . PHE A 1 17 ? 4.858   -3.458  -0.232  1.00 24.22 ? 174 PHE A CG  1 
ATOM   138 C CD1 . PHE A 1 17 ? 5.725   -3.046  0.767   1.00 22.32 ? 174 PHE A CD1 1 
ATOM   139 C CD2 . PHE A 1 17 ? 3.907   -2.557  -0.696  1.00 28.32 ? 174 PHE A CD2 1 
ATOM   140 C CE1 . PHE A 1 17 ? 5.657   -1.761  1.286   1.00 27.59 ? 174 PHE A CE1 1 
ATOM   141 C CE2 . PHE A 1 17 ? 3.839   -1.270  -0.180  1.00 27.60 ? 174 PHE A CE2 1 
ATOM   142 C CZ  . PHE A 1 17 ? 4.708   -0.874  0.809   1.00 24.44 ? 174 PHE A CZ  1 
ATOM   143 N N   . TYR A 1 18 ? 4.925   -4.567  -3.914  1.00 26.30 ? 175 TYR A N   1 
ATOM   144 C CA  . TYR A 1 18 ? 4.592   -3.756  -5.078  1.00 24.11 ? 175 TYR A CA  1 
ATOM   145 C C   . TYR A 1 18 ? 3.201   -3.159  -4.880  1.00 25.45 ? 175 TYR A C   1 
ATOM   146 O O   . TYR A 1 18 ? 2.328   -3.795  -4.288  1.00 27.69 ? 175 TYR A O   1 
ATOM   147 C CB  . TYR A 1 18 ? 4.554   -4.605  -6.351  1.00 24.52 ? 175 TYR A CB  1 
ATOM   148 C CG  . TYR A 1 18 ? 5.862   -5.259  -6.739  1.00 30.38 ? 175 TYR A CG  1 
ATOM   149 C CD1 . TYR A 1 18 ? 6.306   -6.397  -6.086  1.00 31.07 ? 175 TYR A CD1 1 
ATOM   150 C CD2 . TYR A 1 18 ? 6.636   -4.750  -7.772  1.00 24.78 ? 175 TYR A CD2 1 
ATOM   151 C CE1 . TYR A 1 18 ? 7.490   -7.011  -6.448  1.00 33.34 ? 175 TYR A CE1 1 
ATOM   152 C CE2 . TYR A 1 18 ? 7.828   -5.360  -8.142  1.00 30.53 ? 175 TYR A CE2 1 
ATOM   153 C CZ  . TYR A 1 18 ? 8.243   -6.493  -7.474  1.00 35.03 ? 175 TYR A CZ  1 
ATOM   154 O OH  . TYR A 1 18 ? 9.425   -7.110  -7.823  1.00 36.01 ? 175 TYR A OH  1 
ATOM   155 N N   . ILE A 1 19 ? 2.976   -1.950  -5.384  1.00 24.17 ? 176 ILE A N   1 
ATOM   156 C CA  . ILE A 1 19 ? 1.617   -1.408  -5.388  1.00 25.23 ? 176 ILE A CA  1 
ATOM   157 C C   . ILE A 1 19 ? 1.104   -1.247  -6.811  1.00 23.24 ? 176 ILE A C   1 
ATOM   158 O O   . ILE A 1 19 ? 1.902   -1.101  -7.744  1.00 24.54 ? 176 ILE A O   1 
ATOM   159 C CB  . ILE A 1 19 ? 1.500   -0.067  -4.627  1.00 22.74 ? 176 ILE A CB  1 
ATOM   160 C CG1 . ILE A 1 19 ? 2.543   0.940   -5.134  1.00 20.67 ? 176 ILE A CG1 1 
ATOM   161 C CG2 . ILE A 1 19 ? 1.662   -0.313  -3.127  1.00 26.79 ? 176 ILE A CG2 1 
ATOM   162 C CD1 . ILE A 1 19 ? 2.349   2.360   -4.585  1.00 23.50 ? 176 ILE A CD1 1 
ATOM   163 N N   . ARG A 1 20 ? -0.222  -1.266  -6.952  1.00 25.07 ? 177 ARG A N   1 
ATOM   164 C CA  . ARG A 1 20 ? -0.903  -1.099  -8.236  1.00 21.78 ? 177 ARG A CA  1 
ATOM   165 C C   . ARG A 1 20 ? -2.135  -0.247  -8.055  1.00 23.89 ? 177 ARG A C   1 
ATOM   166 O O   . ARG A 1 20 ? -2.618  -0.047  -6.936  1.00 21.52 ? 177 ARG A O   1 
ATOM   167 C CB  . ARG A 1 20 ? -1.357  -2.450  -8.806  1.00 25.17 ? 177 ARG A CB  1 
ATOM   168 C CG  . ARG A 1 20 ? -2.384  -3.171  -7.923  1.00 26.04 ? 177 ARG A CG  1 
ATOM   169 C CD  . ARG A 1 20 ? -3.089  -4.302  -8.676  1.00 25.46 ? 177 ARG A CD  1 
ATOM   170 N NE  . ARG A 1 20 ? -3.873  -5.111  -7.752  1.00 29.23 ? 177 ARG A NE  1 
ATOM   171 C CZ  . ARG A 1 20 ? -5.129  -4.843  -7.413  1.00 33.31 ? 177 ARG A CZ  1 
ATOM   172 N NH1 . ARG A 1 20 ? -5.754  -3.803  -7.953  1.00 28.01 ? 177 ARG A NH1 1 
ATOM   173 N NH2 . ARG A 1 20 ? -5.762  -5.622  -6.548  1.00 35.17 ? 177 ARG A NH2 1 
ATOM   174 N N   . ASP A 1 21 ? -2.672  0.213   -9.172  1.00 23.48 ? 178 ASP A N   1 
ATOM   175 C CA  . ASP A 1 21 ? -3.991  0.827   -9.181  1.00 24.95 ? 178 ASP A CA  1 
ATOM   176 C C   . ASP A 1 21 ? -5.066  -0.240  -9.004  1.00 26.67 ? 178 ASP A C   1 
ATOM   177 O O   . ASP A 1 21 ? -4.894  -1.394  -9.413  1.00 28.46 ? 178 ASP A O   1 
ATOM   178 C CB  . ASP A 1 21 ? -4.209  1.560   -10.493 1.00 28.71 ? 178 ASP A CB  1 
ATOM   179 C CG  . ASP A 1 21 ? -3.315  2.768   -10.637 1.00 32.14 ? 178 ASP A CG  1 
ATOM   180 O OD1 . ASP A 1 21 ? -3.338  3.645   -9.741  1.00 31.75 ? 178 ASP A OD1 1 
ATOM   181 O OD2 . ASP A 1 21 ? -2.583  2.840   -11.649 1.00 34.33 ? 178 ASP A OD2 1 
ATOM   182 N N   . GLY A 1 22 ? -6.163  0.142   -8.363  1.00 25.35 ? 179 GLY A N   1 
ATOM   183 C CA  . GLY A 1 22 ? -7.287  -0.756  -8.194  1.00 24.53 ? 179 GLY A CA  1 
ATOM   184 C C   . GLY A 1 22 ? -8.599  0.002   -8.130  1.00 23.98 ? 179 GLY A C   1 
ATOM   185 O O   . GLY A 1 22 ? -8.654  1.193   -8.441  1.00 23.63 ? 179 GLY A O   1 
ATOM   186 N N   . THR A 1 23 ? -9.648  -0.701  -7.718  1.00 24.40 ? 180 THR A N   1 
ATOM   187 C CA  . THR A 1 23 ? -10.976 -0.126  -7.533  1.00 25.55 ? 180 THR A CA  1 
ATOM   188 C C   . THR A 1 23 ? -11.439 -0.512  -6.142  1.00 27.86 ? 180 THR A C   1 
ATOM   189 O O   . THR A 1 23 ? -11.525 -1.702  -5.833  1.00 33.15 ? 180 THR A O   1 
ATOM   190 C CB  . THR A 1 23 ? -11.959 -0.718  -8.549  1.00 29.80 ? 180 THR A CB  1 
ATOM   191 O OG1 . THR A 1 23 ? -11.447 -0.522  -9.873  1.00 30.04 ? 180 THR A OG1 1 
ATOM   192 C CG2 . THR A 1 23 ? -13.346 -0.067  -8.430  1.00 26.68 ? 180 THR A CG2 1 
ATOM   193 N N   A SER A 1 24 ? -11.775 0.485   -5.342  0.50 31.11 ? 181 SER A N   1 
ATOM   194 N N   B SER A 1 24 ? -11.686 0.434   -5.243  0.50 30.99 ? 181 SER A N   1 
ATOM   195 C CA  A SER A 1 24 ? -12.298 0.275   -4.011  0.50 30.92 ? 181 SER A CA  1 
ATOM   196 C CA  B SER A 1 24 ? -12.300 0.106   -3.967  0.50 30.92 ? 181 SER A CA  1 
ATOM   197 C C   A SER A 1 24 ? -13.824 0.297   -4.054  0.50 35.52 ? 181 SER A C   1 
ATOM   198 C C   B SER A 1 24 ? -13.801 0.303   -3.990  0.50 35.46 ? 181 SER A C   1 
ATOM   199 O O   A SER A 1 24 ? -14.403 1.197   -4.634  0.50 32.17 ? 181 SER A O   1 
ATOM   200 O O   B SER A 1 24 ? -14.320 1.143   -4.710  0.50 32.08 ? 181 SER A O   1 
ATOM   201 C CB  A SER A 1 24 ? -11.779 1.388   -3.102  0.50 34.61 ? 181 SER A CB  1 
ATOM   202 C CB  B SER A 1 24 ? -11.678 0.886   -2.800  0.50 34.77 ? 181 SER A CB  1 
ATOM   203 O OG  A SER A 1 24 ? -12.098 1.141   -1.756  0.50 30.51 ? 181 SER A OG  1 
ATOM   204 O OG  B SER A 1 24 ? -11.682 2.271   -3.033  0.50 38.06 ? 181 SER A OG  1 
ATOM   205 N N   . VAL A 1 25 ? -14.477 -0.693  -3.453  1.00 36.52 ? 182 VAL A N   1 
ATOM   206 C CA  . VAL A 1 25 ? -15.925 -0.673  -3.405  1.00 33.38 ? 182 VAL A CA  1 
ATOM   207 C C   . VAL A 1 25 ? -16.315 -0.124  -2.036  1.00 50.35 ? 182 VAL A C   1 
ATOM   208 O O   . VAL A 1 25 ? -15.883 -0.654  -1.007  1.00 47.00 ? 182 VAL A O   1 
ATOM   209 C CB  . VAL A 1 25 ? -16.485 -2.088  -3.607  1.00 39.22 ? 182 VAL A CB  1 
ATOM   210 C CG1 . VAL A 1 25 ? -18.003 -2.058  -3.642  1.00 42.84 ? 182 VAL A CG1 1 
ATOM   211 C CG2 . VAL A 1 25 ? -15.927 -2.696  -4.894  1.00 37.38 ? 182 VAL A CG2 1 
ATOM   212 N N   . ARG A 1 26 ? -17.035 0.990   -2.012  1.00 47.65 ? 183 ARG A N   1 
ATOM   213 C CA  . ARG A 1 26 ? -17.290 1.686   -0.759  1.00 45.25 ? 183 ARG A CA  1 
ATOM   214 C C   . ARG A 1 26 ? -18.768 1.899   -0.501  1.00 56.11 ? 183 ARG A C   1 
ATOM   215 O O   . ARG A 1 26 ? -19.589 1.735   -1.395  1.00 51.96 ? 183 ARG A O   1 
ATOM   216 C CB  . ARG A 1 26 ? -16.536 3.013   -0.721  1.00 43.65 ? 183 ARG A CB  1 
ATOM   217 C CG  . ARG A 1 26 ? -15.055 2.845   -0.416  1.00 51.65 ? 183 ARG A CG  1 
ATOM   218 C CD  . ARG A 1 26 ? -14.263 4.101   -0.720  1.00 59.04 ? 183 ARG A CD  1 
ATOM   219 N NE  . ARG A 1 26 ? -12.827 3.846   -0.737  1.00 50.29 ? 183 ARG A NE  1 
ATOM   220 C CZ  . ARG A 1 26 ? -11.916 4.670   -0.233  1.00 65.72 ? 183 ARG A CZ  1 
ATOM   221 N NH1 . ARG A 1 26 ? -12.287 5.807   0.332   1.00 68.13 ? 183 ARG A NH1 1 
ATOM   222 N NH2 . ARG A 1 26 ? -10.631 4.361   -0.293  1.00 46.89 ? 183 ARG A NH2 1 
ATOM   223 N N   . VAL A 1 27 ? -19.117 2.254   0.732   1.00 56.39 ? 184 VAL A N   1 
ATOM   224 C CA  . VAL A 1 27 ? -20.524 2.387   1.110   1.00 64.62 ? 184 VAL A CA  1 
ATOM   225 C C   . VAL A 1 27 ? -20.975 3.823   1.348   1.00 70.55 ? 184 VAL A C   1 
ATOM   226 O O   . VAL A 1 27 ? -20.374 4.557   2.127   1.00 67.60 ? 184 VAL A O   1 
ATOM   227 C CB  . VAL A 1 27 ? -20.879 1.536   2.340   1.00 65.47 ? 184 VAL A CB  1 
ATOM   228 C CG1 . VAL A 1 27 ? -20.365 2.192   3.610   1.00 67.45 ? 184 VAL A CG1 1 
ATOM   229 C CG2 . VAL A 1 27 ? -22.380 1.333   2.415   1.00 63.44 ? 184 VAL A CG2 1 
ATOM   230 N N   . THR A 1 28 ? -22.101 4.152   0.730   1.00 71.87 ? 185 THR A N   1 
ATOM   231 C CA  . THR A 1 28 ? -22.737 5.444   0.845   1.00 66.60 ? 185 THR A CA  1 
ATOM   232 C C   . THR A 1 28 ? -24.225 5.207   1.048   1.00 72.19 ? 185 THR A C   1 
ATOM   233 O O   . THR A 1 28 ? -24.713 4.095   0.872   1.00 74.79 ? 185 THR A O   1 
ATOM   234 C CB  . THR A 1 28 ? -22.533 6.281   -0.420  1.00 69.06 ? 185 THR A CB  1 
ATOM   235 O OG1 . THR A 1 28 ? -23.256 5.683   -1.501  1.00 61.89 ? 185 THR A OG1 1 
ATOM   236 C CG2 . THR A 1 28 ? -21.061 6.349   -0.768  1.00 51.03 ? 185 THR A CG2 1 
ATOM   237 N N   . ALA A 1 29 ? -24.949 6.250   1.418   1.00 74.24 ? 186 ALA A N   1 
ATOM   238 C CA  . ALA A 1 29 ? -26.367 6.118   1.703   1.00 71.01 ? 186 ALA A CA  1 
ATOM   239 C C   . ALA A 1 29 ? -27.081 5.599   0.465   1.00 78.71 ? 186 ALA A C   1 
ATOM   240 O O   . ALA A 1 29 ? -28.018 4.805   0.560   1.00 84.43 ? 186 ALA A O   1 
ATOM   241 C CB  . ALA A 1 29 ? -26.945 7.459   2.121   1.00 66.16 ? 186 ALA A CB  1 
ATOM   242 N N   . SER A 1 30 ? -26.645 6.053   -0.700  1.00 75.81 ? 187 SER A N   1 
ATOM   243 C CA  . SER A 1 30 ? -27.211 5.563   -1.944  1.00 70.24 ? 187 SER A CA  1 
ATOM   244 C C   . SER A 1 30 ? -26.964 4.063   -2.105  1.00 70.47 ? 187 SER A C   1 
ATOM   245 O O   . SER A 1 30 ? -27.825 3.338   -2.590  1.00 78.46 ? 187 SER A O   1 
ATOM   246 C CB  . SER A 1 30 ? -26.638 6.327   -3.131  1.00 64.97 ? 187 SER A CB  1 
ATOM   247 O OG  . SER A 1 30 ? -26.828 5.599   -4.326  1.00 73.15 ? 187 SER A OG  1 
ATOM   248 N N   . GLY A 1 31 ? -25.782 3.603   -1.708  1.00 71.00 ? 188 GLY A N   1 
ATOM   249 C CA  . GLY A 1 31 ? -25.411 2.210   -1.881  1.00 58.01 ? 188 GLY A CA  1 
ATOM   250 C C   . GLY A 1 31 ? -23.925 2.056   -2.135  1.00 60.05 ? 188 GLY A C   1 
ATOM   251 O O   . GLY A 1 31 ? -23.139 2.903   -1.726  1.00 57.33 ? 188 GLY A O   1 
ATOM   252 N N   . LEU A 1 32 ? -23.539 0.969   -2.795  1.00 55.04 ? 189 LEU A N   1 
ATOM   253 C CA  . LEU A 1 32 ? -22.142 0.735   -3.117  1.00 58.18 ? 189 LEU A CA  1 
ATOM   254 C C   . LEU A 1 32 ? -21.669 1.585   -4.293  1.00 56.33 ? 189 LEU A C   1 
ATOM   255 O O   . LEU A 1 32 ? -22.238 1.526   -5.379  1.00 47.79 ? 189 LEU A O   1 
ATOM   256 C CB  . LEU A 1 32 ? -21.916 -0.747  -3.418  1.00 53.10 ? 189 LEU A CB  1 
ATOM   257 C CG  . LEU A 1 32 ? -22.200 -1.738  -2.289  1.00 56.44 ? 189 LEU A CG  1 
ATOM   258 C CD1 . LEU A 1 32 ? -21.913 -3.165  -2.734  1.00 54.03 ? 189 LEU A CD1 1 
ATOM   259 C CD2 . LEU A 1 32 ? -21.395 -1.391  -1.048  1.00 54.17 ? 189 LEU A CD2 1 
ATOM   260 N N   . GLU A 1 33 ? -20.623 2.373   -4.065  1.00 46.03 ? 190 GLU A N   1 
ATOM   261 C CA  . GLU A 1 33 ? -20.071 3.235   -5.104  1.00 40.20 ? 190 GLU A CA  1 
ATOM   262 C C   . GLU A 1 33 ? -18.584 2.968   -5.309  1.00 41.90 ? 190 GLU A C   1 
ATOM   263 O O   . GLU A 1 33 ? -17.796 3.031   -4.365  1.00 34.25 ? 190 GLU A O   1 
ATOM   264 C CB  . GLU A 1 33 ? -20.299 4.707   -4.756  1.00 46.25 ? 190 GLU A CB  1 
ATOM   265 C CG  . GLU A 1 33 ? -21.762 5.092   -4.615  1.00 47.26 ? 190 GLU A CG  1 
ATOM   266 C CD  . GLU A 1 33 ? -21.956 6.586   -4.431  1.00 68.59 ? 190 GLU A CD  1 
ATOM   267 O OE1 . GLU A 1 33 ? -22.941 6.981   -3.773  1.00 80.99 ? 190 GLU A OE1 1 
ATOM   268 O OE2 . GLU A 1 33 ? -21.123 7.362   -4.945  1.00 49.75 ? 190 GLU A OE2 1 
ATOM   269 N N   . LYS A 1 34 ? -18.207 2.670   -6.548  1.00 30.66 ? 191 LYS A N   1 
ATOM   270 C CA  . LYS A 1 34 ? -16.814 2.392   -6.879  1.00 30.74 ? 191 LYS A CA  1 
ATOM   271 C C   . LYS A 1 34 ? -15.958 3.647   -6.757  1.00 35.28 ? 191 LYS A C   1 
ATOM   272 O O   . LYS A 1 34 ? -16.437 4.761   -6.971  1.00 32.90 ? 191 LYS A O   1 
ATOM   273 C CB  . LYS A 1 34 ? -16.704 1.815   -8.292  1.00 30.11 ? 191 LYS A CB  1 
ATOM   274 C CG  . LYS A 1 34 ? -16.905 0.310   -8.365  1.00 33.91 ? 191 LYS A CG  1 
ATOM   275 C CD  . LYS A 1 34 ? -17.181 -0.141  -9.790  1.00 42.80 ? 191 LYS A CD  1 
ATOM   276 C CE  . LYS A 1 34 ? -17.685 -1.575  -9.827  1.00 45.54 ? 191 LYS A CE  1 
ATOM   277 N NZ  . LYS A 1 34 ? -17.561 -2.171  -11.186 1.00 51.09 ? 191 LYS A NZ  1 
ATOM   278 N N   . GLN A 1 35 ? -14.682 3.503   -6.412  1.00 32.06 ? 192 GLN A N   1 
ATOM   279 C CA  . GLN A 1 35 ? -13.756 4.616   -6.342  1.00 25.77 ? 192 GLN A CA  1 
ATOM   280 C C   . GLN A 1 35 ? -12.340 4.144   -6.647  1.00 28.00 ? 192 GLN A C   1 
ATOM   281 O O   . GLN A 1 35 ? -12.002 3.081   -6.292  1.00 24.24 ? 192 GLN A O   1 
ATOM   282 C CB  . GLN A 1 35 ? -13.803 5.219   -4.962  1.00 43.32 ? 192 GLN A CB  1 
ATOM   283 C CG  . GLN A 1 35 ? -13.700 6.726   -4.909  1.00 62.17 ? 192 GLN A CG  1 
ATOM   284 C CD  . GLN A 1 35 ? -13.442 7.237   -3.506  1.00 78.73 ? 192 GLN A CD  1 
ATOM   285 O OE1 . GLN A 1 35 ? -12.445 7.902   -3.223  1.00 66.20 ? 192 GLN A OE1 1 
ATOM   286 N NE2 . GLN A 1 35 ? -14.339 6.910   -2.621  1.00 79.81 ? 192 GLN A NE2 1 
ATOM   287 N N   . PRO A 1 36 ? -11.515 4.935   -7.297  1.00 20.19 ? 193 PRO A N   1 
ATOM   288 C CA  . PRO A 1 36 ? -10.168 4.439   -7.545  1.00 25.19 ? 193 PRO A CA  1 
ATOM   289 C C   . PRO A 1 36 ? -9.417  4.233   -6.242  1.00 31.17 ? 193 PRO A C   1 
ATOM   290 O O   . PRO A 1 36 ? -9.736  4.873   -5.303  1.00 33.71 ? 193 PRO A O   1 
ATOM   291 C CB  . PRO A 1 36 ? -9.528  5.548   -8.330  1.00 27.44 ? 193 PRO A CB  1 
ATOM   292 C CG  . PRO A 1 36 ? -10.651 6.329   -8.863  1.00 26.89 ? 193 PRO A CG  1 
ATOM   293 C CD  . PRO A 1 36 ? -11.686 6.272   -7.821  1.00 24.22 ? 193 PRO A CD  1 
ATOM   294 N N   . GLY A 1 37 ? -8.446  3.341   -6.210  1.00 28.86 ? 194 GLY A N   1 
ATOM   295 C CA  . GLY A 1 37 ? -7.684  3.075   -5.013  1.00 24.67 ? 194 GLY A CA  1 
ATOM   296 C C   . GLY A 1 37 ? -6.321  2.493   -5.267  1.00 21.19 ? 194 GLY A C   1 
ATOM   297 O O   . GLY A 1 37 ? -5.980  2.236   -6.366  1.00 23.48 ? 194 GLY A O   1 
ATOM   298 N N   . ILE A 1 38 ? -5.544  2.329   -4.224  1.00 21.24 ? 195 ILE A N   1 
ATOM   299 C CA  . ILE A 1 38 ? -4.227  1.751   -4.365  1.00 21.60 ? 195 ILE A CA  1 
ATOM   300 C C   . ILE A 1 38 ? -4.187  0.460   -3.591  1.00 22.64 ? 195 ILE A C   1 
ATOM   301 O O   . ILE A 1 38 ? -4.659  0.417   -2.505  1.00 22.62 ? 195 ILE A O   1 
ATOM   302 C CB  . ILE A 1 38 ? -3.139  2.660   -3.809  1.00 18.73 ? 195 ILE A CB  1 
ATOM   303 C CG1 . ILE A 1 38 ? -3.211  4.038   -4.437  1.00 21.50 ? 195 ILE A CG1 1 
ATOM   304 C CG2 . ILE A 1 38 ? -1.773  2.030   -3.974  1.00 18.45 ? 195 ILE A CG2 1 
ATOM   305 C CD1 . ILE A 1 38 ? -2.751  4.092   -5.858  1.00 21.29 ? 195 ILE A CD1 1 
ATOM   306 N N   . PHE A 1 39 ? -3.626  -0.580  -4.188  1.00 23.18 ? 196 PHE A N   1 
ATOM   307 C CA  . PHE A 1 39 ? -3.584  -1.890  -3.582  1.00 21.85 ? 196 PHE A CA  1 
ATOM   308 C C   . PHE A 1 39 ? -2.209  -2.511  -3.647  1.00 25.50 ? 196 PHE A C   1 
ATOM   309 O O   . PHE A 1 39 ? -1.425  -2.176  -4.496  1.00 24.48 ? 196 PHE A O   1 
ATOM   310 C CB  . PHE A 1 39 ? -4.560  -2.829  -4.251  1.00 25.40 ? 196 PHE A CB  1 
ATOM   311 C CG  . PHE A 1 39 ? -5.984  -2.393  -4.171  1.00 28.40 ? 196 PHE A CG  1 
ATOM   312 C CD1 . PHE A 1 39 ? -6.442  -1.381  -4.958  1.00 26.76 ? 196 PHE A CD1 1 
ATOM   313 C CD2 . PHE A 1 39 ? -6.843  -2.999  -3.314  1.00 22.48 ? 196 PHE A CD2 1 
ATOM   314 C CE1 . PHE A 1 39 ? -7.733  -0.983  -4.881  1.00 28.37 ? 196 PHE A CE1 1 
ATOM   315 C CE2 . PHE A 1 39 ? -8.132  -2.601  -3.223  1.00 24.45 ? 196 PHE A CE2 1 
ATOM   316 C CZ  . PHE A 1 39 ? -8.572  -1.580  -4.006  1.00 25.84 ? 196 PHE A CZ  1 
ATOM   317 N N   . ILE A 1 40 ? -1.964  -3.423  -2.724  1.00 24.00 ? 197 ILE A N   1 
ATOM   318 C CA  . ILE A 1 40 ? -0.763  -4.223  -2.757  1.00 23.38 ? 197 ILE A CA  1 
ATOM   319 C C   . ILE A 1 40 ? -0.940  -5.305  -3.789  1.00 27.97 ? 197 ILE A C   1 
ATOM   320 O O   . ILE A 1 40 ? -1.842  -6.035  -3.702  1.00 28.29 ? 197 ILE A O   1 
ATOM   321 C CB  . ILE A 1 40 ? -0.491  -4.801  -1.386  1.00 25.76 ? 197 ILE A CB  1 
ATOM   322 C CG1 . ILE A 1 40 ? -0.196  -3.668  -0.447  1.00 29.23 ? 197 ILE A CG1 1 
ATOM   323 C CG2 . ILE A 1 40 ? 0.698   -5.730  -1.400  1.00 26.96 ? 197 ILE A CG2 1 
ATOM   324 C CD1 . ILE A 1 40 ? -0.264  -4.063  0.976   1.00 41.13 ? 197 ILE A CD1 1 
ATOM   325 N N   . SER A 1 41 ? -0.091  -5.348  -4.789  1.00 21.44 ? 198 SER A N   1 
ATOM   326 C CA  . SER A 1 41 ? -0.247  -6.287  -5.864  1.00 25.15 ? 198 SER A CA  1 
ATOM   327 C C   . SER A 1 41 ? 0.496   -7.581  -5.643  1.00 34.33 ? 198 SER A C   1 
ATOM   328 O O   . SER A 1 41 ? 0.094   -8.591  -6.132  1.00 36.32 ? 198 SER A O   1 
ATOM   329 C CB  . SER A 1 41 ? 0.120   -5.685  -7.206  1.00 28.05 ? 198 SER A CB  1 
ATOM   330 O OG  . SER A 1 41 ? 1.442   -5.374  -7.278  1.00 32.32 ? 198 SER A OG  1 
ATOM   331 N N   . ARG A 1 42 ? 1.584   -7.523  -4.906  1.00 25.71 ? 199 ARG A N   1 
ATOM   332 C CA  . ARG A 1 42 ? 2.344   -8.723  -4.572  1.00 30.96 ? 199 ARG A CA  1 
ATOM   333 C C   . ARG A 1 42 ? 3.449   -8.405  -3.577  1.00 35.28 ? 199 ARG A C   1 
ATOM   334 O O   . ARG A 1 42 ? 3.750   -7.236  -3.322  1.00 30.05 ? 199 ARG A O   1 
ATOM   335 C CB  . ARG A 1 42 ? 2.844   -9.407  -5.841  1.00 42.08 ? 199 ARG A CB  1 
ATOM   336 C CG  . ARG A 1 42 ? 3.631   -8.509  -6.769  1.00 32.49 ? 199 ARG A CG  1 
ATOM   337 C CD  . ARG A 1 42 ? 4.424   -9.327  -7.795  1.00 36.53 ? 199 ARG A CD  1 
ATOM   338 N NE  . ARG A 1 42 ? 4.788   -8.514  -8.955  1.00 46.28 ? 199 ARG A NE  1 
ATOM   339 C CZ  . ARG A 1 42 ? 5.971   -8.543  -9.560  1.00 45.78 ? 199 ARG A CZ  1 
ATOM   340 N NH1 . ARG A 1 42 ? 6.922   -9.353  -9.124  1.00 43.31 ? 199 ARG A NH1 1 
ATOM   341 N NH2 . ARG A 1 42 ? 6.201   -7.764  -10.608 1.00 46.09 ? 199 ARG A NH2 1 
ATOM   342 N N   . LEU A 1 43 ? 4.062   -9.454  -3.033  1.00 29.33 ? 200 LEU A N   1 
ATOM   343 C CA  . LEU A 1 43 ? 5.174   -9.305  -2.102  1.00 32.58 ? 200 LEU A CA  1 
ATOM   344 C C   . LEU A 1 43 ? 6.454   -9.900  -2.678  1.00 35.04 ? 200 LEU A C   1 
ATOM   345 O O   . LEU A 1 43 ? 6.420   -10.891 -3.409  1.00 31.58 ? 200 LEU A O   1 
ATOM   346 C CB  . LEU A 1 43 ? 4.861   -10.001 -0.775  1.00 33.85 ? 200 LEU A CB  1 
ATOM   347 C CG  . LEU A 1 43 ? 3.517   -9.677  -0.127  1.00 38.71 ? 200 LEU A CG  1 
ATOM   348 C CD1 . LEU A 1 43 ? 3.227   -10.666 0.991   1.00 36.13 ? 200 LEU A CD1 1 
ATOM   349 C CD2 . LEU A 1 43 ? 3.498   -8.238  0.389   1.00 39.56 ? 200 LEU A CD2 1 
ATOM   350 N N   . VAL A 1 44 ? 7.579   -9.278  -2.355  1.00 27.30 ? 201 VAL A N   1 
ATOM   351 C CA  . VAL A 1 44 ? 8.877   -9.771  -2.784  1.00 37.40 ? 201 VAL A CA  1 
ATOM   352 C C   . VAL A 1 44 ? 9.225   -11.041 -2.008  1.00 34.96 ? 201 VAL A C   1 
ATOM   353 O O   . VAL A 1 44 ? 9.142   -11.068 -0.774  1.00 30.06 ? 201 VAL A O   1 
ATOM   354 C CB  . VAL A 1 44 ? 9.963   -8.698  -2.577  1.00 29.55 ? 201 VAL A CB  1 
ATOM   355 C CG1 . VAL A 1 44 ? 11.354  -9.278  -2.827  1.00 28.09 ? 201 VAL A CG1 1 
ATOM   356 C CG2 . VAL A 1 44 ? 9.708   -7.508  -3.496  1.00 26.82 ? 201 VAL A CG2 1 
ATOM   357 N N   . PRO A 1 45 ? 9.567   -12.122 -2.732  1.00 39.24 ? 202 PRO A N   1 
ATOM   358 C CA  . PRO A 1 45 ? 10.006  -13.340 -2.035  1.00 27.68 ? 202 PRO A CA  1 
ATOM   359 C C   . PRO A 1 45 ? 11.194  -13.062 -1.123  1.00 25.61 ? 202 PRO A C   1 
ATOM   360 O O   . PRO A 1 45 ? 12.168  -12.440 -1.555  1.00 30.49 ? 202 PRO A O   1 
ATOM   361 C CB  . PRO A 1 45 ? 10.408  -14.268 -3.189  1.00 31.06 ? 202 PRO A CB  1 
ATOM   362 C CG  . PRO A 1 45 ? 9.502   -13.841 -4.315  1.00 35.16 ? 202 PRO A CG  1 
ATOM   363 C CD  . PRO A 1 45 ? 9.424   -12.336 -4.185  1.00 31.89 ? 202 PRO A CD  1 
ATOM   364 N N   . GLY A 1 46 ? 11.094  -13.514 0.125   1.00 31.10 ? 203 GLY A N   1 
ATOM   365 C CA  . GLY A 1 46 ? 12.153  -13.369 1.112   1.00 30.15 ? 203 GLY A CA  1 
ATOM   366 C C   . GLY A 1 46 ? 12.298  -11.959 1.655   1.00 35.04 ? 203 GLY A C   1 
ATOM   367 O O   . GLY A 1 46 ? 13.177  -11.692 2.472   1.00 29.74 ? 203 GLY A O   1 
ATOM   368 N N   . GLY A 1 47 ? 11.434  -11.046 1.222   1.00 30.83 ? 204 GLY A N   1 
ATOM   369 C CA  . GLY A 1 47 ? 11.616  -9.659  1.599   1.00 29.00 ? 204 GLY A CA  1 
ATOM   370 C C   . GLY A 1 47 ? 11.039  -9.303  2.952   1.00 27.38 ? 204 GLY A C   1 
ATOM   371 O O   . GLY A 1 47 ? 10.379  -10.117 3.599   1.00 31.72 ? 204 GLY A O   1 
ATOM   372 N N   . LEU A 1 48 ? 11.269  -8.071  3.369   1.00 32.52 ? 205 LEU A N   1 
ATOM   373 C CA  . LEU A 1 48 ? 10.839  -7.602  4.679   1.00 31.73 ? 205 LEU A CA  1 
ATOM   374 C C   . LEU A 1 48 ? 9.330   -7.678  4.914   1.00 34.90 ? 205 LEU A C   1 
ATOM   375 O O   . LEU A 1 48 ? 8.881   -8.196  5.926   1.00 30.63 ? 205 LEU A O   1 
ATOM   376 C CB  . LEU A 1 48 ? 11.360  -6.186  4.929   1.00 26.36 ? 205 LEU A CB  1 
ATOM   377 C CG  . LEU A 1 48 ? 12.876  -6.123  5.076   1.00 43.85 ? 205 LEU A CG  1 
ATOM   378 C CD1 . LEU A 1 48 ? 13.390  -4.709  5.114   1.00 47.12 ? 205 LEU A CD1 1 
ATOM   379 C CD2 . LEU A 1 48 ? 13.330  -6.903  6.291   1.00 36.74 ? 205 LEU A CD2 1 
ATOM   380 N N   . ALA A 1 49 ? 8.547   -7.151  3.985   1.00 30.75 ? 206 ALA A N   1 
ATOM   381 C CA  . ALA A 1 49 ? 7.095   -7.176  4.143   1.00 33.90 ? 206 ALA A CA  1 
ATOM   382 C C   . ALA A 1 49 ? 6.556   -8.592  4.332   1.00 36.88 ? 206 ALA A C   1 
ATOM   383 O O   . ALA A 1 49 ? 5.690   -8.828  5.181   1.00 33.58 ? 206 ALA A O   1 
ATOM   384 C CB  . ALA A 1 49 ? 6.407   -6.496  2.954   1.00 28.11 ? 206 ALA A CB  1 
ATOM   385 N N   . GLU A 1 50 ? 7.058   -9.515  3.519   1.00 30.28 ? 207 GLU A N   1 
ATOM   386 C CA  . GLU A 1 50 ? 6.656   -10.906 3.614   1.00 33.30 ? 207 GLU A CA  1 
ATOM   387 C C   . GLU A 1 50 ? 6.883   -11.385 5.037   1.00 37.34 ? 207 GLU A C   1 
ATOM   388 O O   . GLU A 1 50 ? 6.201   -12.293 5.512   1.00 42.29 ? 207 GLU A O   1 
ATOM   389 C CB  . GLU A 1 50 ? 7.454   -11.765 2.633   1.00 34.21 ? 207 GLU A CB  1 
ATOM   390 C CG  . GLU A 1 50 ? 6.764   -13.059 2.236   1.00 39.31 ? 207 GLU A CG  1 
ATOM   391 C CD  . GLU A 1 50 ? 7.577   -13.876 1.251   1.00 41.99 ? 207 GLU A CD  1 
ATOM   392 O OE1 . GLU A 1 50 ? 8.787   -14.069 1.494   1.00 38.97 ? 207 GLU A OE1 1 
ATOM   393 O OE2 . GLU A 1 50 ? 7.006   -14.325 0.235   1.00 46.04 ? 207 GLU A OE2 1 
ATOM   394 N N   A SER A 1 51 ? 8.094   -11.207 5.479   0.50 40.03 ? 208 SER A N   1 
ATOM   395 N N   B SER A 1 51 ? 8.130   -11.115 5.493   0.50 40.01 ? 208 SER A N   1 
ATOM   396 C CA  A SER A 1 51 ? 8.561   -11.794 6.739   0.50 42.75 ? 208 SER A CA  1 
ATOM   397 C CA  B SER A 1 51 ? 8.598   -11.702 6.753   0.50 42.74 ? 208 SER A CA  1 
ATOM   398 C C   A SER A 1 51 ? 7.710   -11.421 7.960   0.50 43.52 ? 208 SER A C   1 
ATOM   399 C C   B SER A 1 51 ? 7.747   -11.328 7.973   0.50 43.50 ? 208 SER A C   1 
ATOM   400 O O   A SER A 1 51 ? 7.681   -12.152 8.950   0.50 45.49 ? 208 SER A O   1 
ATOM   401 O O   B SER A 1 51 ? 7.718   -12.060 8.964   0.50 45.50 ? 208 SER A O   1 
ATOM   402 C CB  A SER A 1 51 ? 10.015  -11.395 7.005   0.50 43.49 ? 208 SER A CB  1 
ATOM   403 C CB  B SER A 1 51 ? 10.052  -11.303 7.018   0.50 43.48 ? 208 SER A CB  1 
ATOM   404 O OG  A SER A 1 51 ? 10.087  -10.060 7.480   0.50 36.49 ? 208 SER A OG  1 
ATOM   405 O OG  B SER A 1 51 ? 10.908  -11.856 6.032   0.50 38.72 ? 208 SER A OG  1 
ATOM   406 N N   . THR A 1 52 ? 7.035   -10.275 7.890   1.00 48.56 ? 209 THR A N   1 
ATOM   407 C CA  . THR A 1 52 ? 6.202   -9.796  8.991   1.00 43.11 ? 209 THR A CA  1 
ATOM   408 C C   . THR A 1 52 ? 4.893   -10.560 9.063   1.00 41.86 ? 209 THR A C   1 
ATOM   409 O O   . THR A 1 52 ? 4.325   -10.731 10.141  1.00 44.97 ? 209 THR A O   1 
ATOM   410 C CB  . THR A 1 52 ? 5.844   -8.310  8.820   1.00 44.75 ? 209 THR A CB  1 
ATOM   411 O OG1 . THR A 1 52 ? 4.819   -8.180  7.827   1.00 50.61 ? 209 THR A OG1 1 
ATOM   412 C CG2 . THR A 1 52 ? 7.067   -7.507  8.402   1.00 51.30 ? 209 THR A CG2 1 
ATOM   413 N N   . GLY A 1 53 ? 4.409   -10.997 7.905   1.00 43.64 ? 210 GLY A N   1 
ATOM   414 C CA  . GLY A 1 53 ? 3.098   -11.612 7.800   1.00 41.79 ? 210 GLY A CA  1 
ATOM   415 C C   . GLY A 1 53 ? 1.963   -10.637 8.067   1.00 44.50 ? 210 GLY A C   1 
ATOM   416 O O   . GLY A 1 53 ? 0.851   -11.053 8.392   1.00 56.70 ? 210 GLY A O   1 
ATOM   417 N N   . LEU A 1 54 ? 2.232   -9.340  7.925   1.00 42.09 ? 211 LEU A N   1 
ATOM   418 C CA  . LEU A 1 54 ? 1.228   -8.315  8.243   1.00 43.90 ? 211 LEU A CA  1 
ATOM   419 C C   . LEU A 1 54 ? 0.557   -7.717  7.010   1.00 46.19 ? 211 LEU A C   1 
ATOM   420 O O   . LEU A 1 54 ? -0.591  -7.272  7.078   1.00 57.79 ? 211 LEU A O   1 
ATOM   421 C CB  . LEU A 1 54 ? 1.835   -7.206  9.106   1.00 43.07 ? 211 LEU A CB  1 
ATOM   422 C CG  . LEU A 1 54 ? 2.259   -7.659  10.506  1.00 46.39 ? 211 LEU A CG  1 
ATOM   423 C CD1 . LEU A 1 54 ? 2.960   -6.542  11.270  1.00 39.66 ? 211 LEU A CD1 1 
ATOM   424 C CD2 . LEU A 1 54 ? 1.047   -8.178  11.275  1.00 43.66 ? 211 LEU A CD2 1 
ATOM   425 N N   . LEU A 1 55 ? 1.267   -7.697  5.887   1.00 39.73 ? 212 LEU A N   1 
ATOM   426 C CA  . LEU A 1 55 ? 0.666   -7.236  4.637   1.00 37.28 ? 212 LEU A CA  1 
ATOM   427 C C   . LEU A 1 55 ? 0.303   -8.418  3.745   1.00 45.94 ? 212 LEU A C   1 
ATOM   428 O O   . LEU A 1 55 ? 1.016   -9.429  3.707   1.00 41.28 ? 212 LEU A O   1 
ATOM   429 C CB  . LEU A 1 55 ? 1.614   -6.311  3.879   1.00 32.95 ? 212 LEU A CB  1 
ATOM   430 C CG  . LEU A 1 55 ? 1.804   -4.868  4.333   1.00 42.20 ? 212 LEU A CG  1 
ATOM   431 C CD1 . LEU A 1 55 ? 2.775   -4.169  3.374   1.00 39.24 ? 212 LEU A CD1 1 
ATOM   432 C CD2 . LEU A 1 55 ? 0.465   -4.120  4.382   1.00 32.86 ? 212 LEU A CD2 1 
ATOM   433 N N   . ALA A 1 56 ? -0.811  -8.293  3.030   1.00 35.99 ? 213 ALA A N   1 
ATOM   434 C CA  . ALA A 1 56 ? -1.234  -9.350  2.116   1.00 40.18 ? 213 ALA A CA  1 
ATOM   435 C C   . ALA A 1 56 ? -1.512  -8.791  0.735   1.00 39.72 ? 213 ALA A C   1 
ATOM   436 O O   . ALA A 1 56 ? -1.835  -7.603  0.585   1.00 36.13 ? 213 ALA A O   1 
ATOM   437 C CB  . ALA A 1 56 ? -2.466  -10.064 2.652   1.00 38.05 ? 213 ALA A CB  1 
ATOM   438 N N   . VAL A 1 57 ? -1.385  -9.639  -0.283  1.00 31.12 ? 214 VAL A N   1 
ATOM   439 C CA  . VAL A 1 57 ? -1.790  -9.234  -1.619  1.00 38.53 ? 214 VAL A CA  1 
ATOM   440 C C   . VAL A 1 57 ? -3.240  -8.729  -1.583  1.00 42.18 ? 214 VAL A C   1 
ATOM   441 O O   . VAL A 1 57 ? -4.096  -9.300  -0.899  1.00 39.52 ? 214 VAL A O   1 
ATOM   442 C CB  . VAL A 1 57 ? -1.669  -10.383 -2.636  1.00 35.38 ? 214 VAL A CB  1 
ATOM   443 C CG1 . VAL A 1 57 ? -2.195  -9.941  -3.998  1.00 36.52 ? 214 VAL A CG1 1 
ATOM   444 C CG2 . VAL A 1 57 ? -0.232  -10.838 -2.755  1.00 42.38 ? 214 VAL A CG2 1 
ATOM   445 N N   . ASN A 1 58 ? -3.502  -7.647  -2.307  1.00 33.67 ? 215 ASN A N   1 
ATOM   446 C CA  . ASN A 1 58 ? -4.850  -7.084  -2.413  1.00 36.66 ? 215 ASN A CA  1 
ATOM   447 C C   . ASN A 1 58 ? -5.356  -6.327  -1.176  1.00 36.41 ? 215 ASN A C   1 
ATOM   448 O O   . ASN A 1 58 ? -6.512  -5.895  -1.159  1.00 32.71 ? 215 ASN A O   1 
ATOM   449 C CB  . ASN A 1 58 ? -5.867  -8.152  -2.854  1.00 37.02 ? 215 ASN A CB  1 
ATOM   450 C CG  . ASN A 1 58 ? -5.618  -8.650  -4.262  1.00 41.98 ? 215 ASN A CG  1 
ATOM   451 O OD1 . ASN A 1 58 ? -5.229  -7.886  -5.146  1.00 42.44 ? 215 ASN A OD1 1 
ATOM   452 N ND2 . ASN A 1 58 ? -5.839  -9.943  -4.480  1.00 52.19 ? 215 ASN A ND2 1 
ATOM   453 N N   . ASP A 1 59 ? -4.518  -6.168  -0.148  1.00 28.44 ? 216 ASP A N   1 
ATOM   454 C CA  . ASP A 1 59 ? -4.832  -5.203  0.905   1.00 33.01 ? 216 ASP A CA  1 
ATOM   455 C C   . ASP A 1 59 ? -4.943  -3.847  0.223   1.00 32.23 ? 216 ASP A C   1 
ATOM   456 O O   . ASP A 1 59 ? -4.182  -3.561  -0.697  1.00 31.70 ? 216 ASP A O   1 
ATOM   457 C CB  . ASP A 1 59 ? -3.724  -5.121  1.955   1.00 37.92 ? 216 ASP A CB  1 
ATOM   458 C CG  . ASP A 1 59 ? -3.735  -6.292  2.929   1.00 41.43 ? 216 ASP A CG  1 
ATOM   459 O OD1 . ASP A 1 59 ? -4.681  -7.108  2.893   1.00 42.82 ? 216 ASP A OD1 1 
ATOM   460 O OD2 . ASP A 1 59 ? -2.793  -6.381  3.741   1.00 41.68 ? 216 ASP A OD2 1 
ATOM   461 N N   . GLU A 1 60 ? -5.871  -3.008  0.659   1.00 30.25 ? 217 GLU A N   1 
ATOM   462 C CA  . GLU A 1 60 ? -5.964  -1.677  0.074   1.00 23.55 ? 217 GLU A CA  1 
ATOM   463 C C   . GLU A 1 60 ? -5.198  -0.662  0.910   1.00 27.70 ? 217 GLU A C   1 
ATOM   464 O O   . GLU A 1 60 ? -5.382  -0.579  2.129   1.00 29.01 ? 217 GLU A O   1 
ATOM   465 C CB  . GLU A 1 60 ? -7.423  -1.217  -0.088  1.00 28.11 ? 217 GLU A CB  1 
ATOM   466 C CG  . GLU A 1 60 ? -7.513  0.099   -0.849  1.00 23.57 ? 217 GLU A CG  1 
ATOM   467 C CD  . GLU A 1 60 ? -8.902  0.706   -0.889  1.00 31.59 ? 217 GLU A CD  1 
ATOM   468 O OE1 . GLU A 1 60 ? -9.881  0.029   -0.505  1.00 32.67 ? 217 GLU A OE1 1 
ATOM   469 O OE2 . GLU A 1 60 ? -9.011  1.879   -1.307  1.00 27.64 ? 217 GLU A OE2 1 
ATOM   470 N N   . VAL A 1 61 ? -4.353  0.122   0.254   1.00 21.68 ? 218 VAL A N   1 
ATOM   471 C CA  . VAL A 1 61 ? -3.616  1.179   0.938   1.00 21.86 ? 218 VAL A CA  1 
ATOM   472 C C   . VAL A 1 61 ? -4.519  2.404   1.095   1.00 23.54 ? 218 VAL A C   1 
ATOM   473 O O   . VAL A 1 61 ? -4.923  3.003   0.101   1.00 22.79 ? 218 VAL A O   1 
ATOM   474 C CB  . VAL A 1 61 ? -2.345  1.574   0.165   1.00 21.49 ? 218 VAL A CB  1 
ATOM   475 C CG1 . VAL A 1 61 ? -1.672  2.788   0.826   1.00 26.31 ? 218 VAL A CG1 1 
ATOM   476 C CG2 . VAL A 1 61 ? -1.363  0.405   0.089   1.00 28.68 ? 218 VAL A CG2 1 
ATOM   477 N N   . ILE A 1 62 ? -4.835  2.763   2.342   1.00 19.97 ? 219 ILE A N   1 
ATOM   478 C CA  . ILE A 1 62 ? -5.708  3.905   2.635   1.00 24.57 ? 219 ILE A CA  1 
ATOM   479 C C   . ILE A 1 62 ? -4.924  5.184   2.954   1.00 23.63 ? 219 ILE A C   1 
ATOM   480 O O   . ILE A 1 62 ? -5.319  6.276   2.535   1.00 24.62 ? 219 ILE A O   1 
ATOM   481 C CB  . ILE A 1 62 ? -6.659  3.599   3.825   1.00 24.12 ? 219 ILE A CB  1 
ATOM   482 C CG1 . ILE A 1 62 ? -7.430  2.299   3.572   1.00 29.11 ? 219 ILE A CG1 1 
ATOM   483 C CG2 . ILE A 1 62 ? -7.616  4.770   4.084   1.00 30.09 ? 219 ILE A CG2 1 
ATOM   484 C CD1 . ILE A 1 62 ? -8.373  2.345   2.376   1.00 25.89 ? 219 ILE A CD1 1 
ATOM   485 N N   . GLU A 1 63 ? -3.838  5.040   3.716   1.00 22.30 ? 220 GLU A N   1 
ATOM   486 C CA  . GLU A 1 63 ? -2.984  6.164   4.107   1.00 21.69 ? 220 GLU A CA  1 
ATOM   487 C C   . GLU A 1 63 ? -1.514  5.779   4.079   1.00 22.70 ? 220 GLU A C   1 
ATOM   488 O O   . GLU A 1 63 ? -1.161  4.635   4.384   1.00 20.20 ? 220 GLU A O   1 
ATOM   489 C CB  . GLU A 1 63 ? -3.295  6.615   5.540   1.00 25.07 ? 220 GLU A CB  1 
ATOM   490 C CG  . GLU A 1 63 ? -4.679  7.166   5.776   1.00 32.43 ? 220 GLU A CG  1 
ATOM   491 C CD  . GLU A 1 63 ? -4.924  7.458   7.247   1.00 29.73 ? 220 GLU A CD  1 
ATOM   492 O OE1 . GLU A 1 63 ? -4.005  7.238   8.065   1.00 31.44 ? 220 GLU A OE1 1 
ATOM   493 O OE2 . GLU A 1 63 ? -6.034  7.916   7.580   1.00 29.38 ? 220 GLU A OE2 1 
ATOM   494 N N   . VAL A 1 64 ? -0.667  6.755   3.759   1.00 19.99 ? 221 VAL A N   1 
ATOM   495 C CA  . VAL A 1 64 ? 0.778   6.629   3.968   1.00 19.08 ? 221 VAL A CA  1 
ATOM   496 C C   . VAL A 1 64 ? 1.209   7.615   5.051   1.00 23.70 ? 221 VAL A C   1 
ATOM   497 O O   . VAL A 1 64 ? 1.109   8.831   4.861   1.00 21.78 ? 221 VAL A O   1 
ATOM   498 C CB  . VAL A 1 64 ? 1.561   6.927   2.671   1.00 24.17 ? 221 VAL A CB  1 
ATOM   499 C CG1 . VAL A 1 64 ? 3.073   6.857   2.924   1.00 22.59 ? 221 VAL A CG1 1 
ATOM   500 C CG2 . VAL A 1 64 ? 1.161   5.973   1.563   1.00 27.86 ? 221 VAL A CG2 1 
ATOM   501 N N   . ASN A 1 65 ? 1.706   7.089   6.173   1.00 24.63 ? 222 ASN A N   1 
ATOM   502 C CA  . ASN A 1 65 ? 2.082   7.922   7.311   1.00 20.58 ? 222 ASN A CA  1 
ATOM   503 C C   . ASN A 1 65 ? 1.080   9.046   7.612   1.00 22.84 ? 222 ASN A C   1 
ATOM   504 O O   . ASN A 1 65 ? 1.464   10.212  7.732   1.00 22.64 ? 222 ASN A O   1 
ATOM   505 C CB  . ASN A 1 65 ? 3.480   8.507   7.116   1.00 21.81 ? 222 ASN A CB  1 
ATOM   506 C CG  . ASN A 1 65 ? 4.579   7.473   7.339   1.00 30.85 ? 222 ASN A CG  1 
ATOM   507 O OD1 . ASN A 1 65 ? 4.842   6.644   6.476   1.00 30.29 ? 222 ASN A OD1 1 
ATOM   508 N ND2 . ASN A 1 65 ? 5.208   7.513   8.509   1.00 25.38 ? 222 ASN A ND2 1 
ATOM   509 N N   . GLY A 1 66 ? -0.187  8.682   7.758   1.00 23.22 ? 223 GLY A N   1 
ATOM   510 C CA  . GLY A 1 66 ? -1.213  9.604   8.208   1.00 22.67 ? 223 GLY A CA  1 
ATOM   511 C C   . GLY A 1 66 ? -1.913  10.357  7.093   1.00 21.02 ? 223 GLY A C   1 
ATOM   512 O O   . GLY A 1 66 ? -2.970  10.943  7.313   1.00 25.56 ? 223 GLY A O   1 
ATOM   513 N N   . ILE A 1 67 ? -1.332  10.324  5.894   1.00 20.81 ? 224 ILE A N   1 
ATOM   514 C CA  . ILE A 1 67 ? -1.859  11.041  4.732   1.00 22.90 ? 224 ILE A CA  1 
ATOM   515 C C   . ILE A 1 67 ? -2.659  10.136  3.790   1.00 22.30 ? 224 ILE A C   1 
ATOM   516 O O   . ILE A 1 67 ? -2.122  9.173   3.243   1.00 21.67 ? 224 ILE A O   1 
ATOM   517 C CB  . ILE A 1 67 ? -0.706  11.691  3.923   1.00 22.98 ? 224 ILE A CB  1 
ATOM   518 C CG1 . ILE A 1 67 ? 0.122   12.621  4.814   1.00 17.84 ? 224 ILE A CG1 1 
ATOM   519 C CG2 . ILE A 1 67 ? -1.274  12.461  2.709   1.00 22.91 ? 224 ILE A CG2 1 
ATOM   520 C CD1 . ILE A 1 67 ? -0.676  13.815  5.378   1.00 21.05 ? 224 ILE A CD1 1 
ATOM   521 N N   . GLU A 1 68 ? -3.929  10.456  3.575   1.00 21.10 ? 225 GLU A N   1 
ATOM   522 C CA  . GLU A 1 68 ? -4.777  9.685   2.669   1.00 23.69 ? 225 GLU A CA  1 
ATOM   523 C C   . GLU A 1 68 ? -4.242  9.669   1.243   1.00 23.89 ? 225 GLU A C   1 
ATOM   524 O O   . GLU A 1 68 ? -3.775  10.681  0.751   1.00 25.40 ? 225 GLU A O   1 
ATOM   525 C CB  . GLU A 1 68 ? -6.193  10.256  2.647   1.00 30.33 ? 225 GLU A CB  1 
ATOM   526 C CG  . GLU A 1 68 ? -6.957  10.085  3.937   1.00 27.44 ? 225 GLU A CG  1 
ATOM   527 C CD  . GLU A 1 68 ? -6.946  11.342  4.767   1.00 44.77 ? 225 GLU A CD  1 
ATOM   528 O OE1 . GLU A 1 68 ? -7.984  11.653  5.375   1.00 44.07 ? 225 GLU A OE1 1 
ATOM   529 O OE2 . GLU A 1 68 ? -5.901  12.019  4.803   1.00 44.95 ? 225 GLU A OE2 1 
ATOM   530 N N   . VAL A 1 69 ? -4.334  8.522   0.578   1.00 18.01 ? 226 VAL A N   1 
ATOM   531 C CA  . VAL A 1 69 ? -3.883  8.427   -0.811  1.00 21.45 ? 226 VAL A CA  1 
ATOM   532 C C   . VAL A 1 69 ? -5.013  8.724   -1.791  1.00 24.41 ? 226 VAL A C   1 
ATOM   533 O O   . VAL A 1 69 ? -4.790  8.787   -3.002  1.00 24.49 ? 226 VAL A O   1 
ATOM   534 C CB  . VAL A 1 69 ? -3.328  7.027   -1.152  1.00 19.66 ? 226 VAL A CB  1 
ATOM   535 C CG1 . VAL A 1 69 ? -2.156  6.660   -0.221  1.00 26.89 ? 226 VAL A CG1 1 
ATOM   536 C CG2 . VAL A 1 69 ? -4.469  5.982   -1.106  1.00 20.73 ? 226 VAL A CG2 1 
ATOM   537 N N   . ALA A 1 70 ? -6.227  8.888   -1.277  1.00 23.28 ? 227 ALA A N   1 
ATOM   538 C CA  . ALA A 1 70 ? -7.372  9.154   -2.148  1.00 18.20 ? 227 ALA A CA  1 
ATOM   539 C C   . ALA A 1 70 ? -7.053  10.289  -3.122  1.00 24.85 ? 227 ALA A C   1 
ATOM   540 O O   . ALA A 1 70 ? -6.569  11.355  -2.719  1.00 27.90 ? 227 ALA A O   1 
ATOM   541 C CB  . ALA A 1 70 ? -8.605  9.477   -1.319  1.00 22.47 ? 227 ALA A CB  1 
ATOM   542 N N   . GLY A 1 71 ? -7.291  10.054  -4.410  1.00 22.56 ? 228 GLY A N   1 
ATOM   543 C CA  . GLY A 1 71 ? -7.132  11.097  -5.411  1.00 25.61 ? 228 GLY A CA  1 
ATOM   544 C C   . GLY A 1 71 ? -5.722  11.308  -5.941  1.00 31.68 ? 228 GLY A C   1 
ATOM   545 O O   . GLY A 1 71 ? -5.496  12.197  -6.776  1.00 26.33 ? 228 GLY A O   1 
ATOM   546 N N   . LYS A 1 72 ? -4.775  10.509  -5.455  1.00 21.59 ? 229 LYS A N   1 
ATOM   547 C CA  . LYS A 1 72 ? -3.398  10.575  -5.918  1.00 21.29 ? 229 LYS A CA  1 
ATOM   548 C C   . LYS A 1 72 ? -3.123  9.494   -6.963  1.00 25.30 ? 229 LYS A C   1 
ATOM   549 O O   . LYS A 1 72 ? -3.832  8.491   -7.031  1.00 23.04 ? 229 LYS A O   1 
ATOM   550 C CB  . LYS A 1 72 ? -2.435  10.421  -4.721  1.00 22.52 ? 229 LYS A CB  1 
ATOM   551 C CG  . LYS A 1 72 ? -2.628  11.514  -3.671  1.00 25.98 ? 229 LYS A CG  1 
ATOM   552 C CD  . LYS A 1 72 ? -1.524  11.489  -2.615  1.00 27.26 ? 229 LYS A CD  1 
ATOM   553 C CE  . LYS A 1 72 ? -1.808  12.515  -1.534  1.00 28.10 ? 229 LYS A CE  1 
ATOM   554 N NZ  . LYS A 1 72 ? -2.134  13.829  -2.139  1.00 25.58 ? 229 LYS A NZ  1 
ATOM   555 N N   . THR A 1 73 ? -2.086  9.700   -7.772  1.00 21.45 ? 230 THR A N   1 
ATOM   556 C CA  . THR A 1 73 ? -1.690  8.729   -8.783  1.00 24.82 ? 230 THR A CA  1 
ATOM   557 C C   . THR A 1 73 ? -0.779  7.675   -8.184  1.00 29.24 ? 230 THR A C   1 
ATOM   558 O O   . THR A 1 73 ? -0.296  7.820   -7.050  1.00 25.22 ? 230 THR A O   1 
ATOM   559 C CB  . THR A 1 73 ? -0.944  9.396   -9.938  1.00 22.40 ? 230 THR A CB  1 
ATOM   560 O OG1 . THR A 1 73 ? 0.359   9.792   -9.491  1.00 22.00 ? 230 THR A OG1 1 
ATOM   561 C CG2 . THR A 1 73 ? -1.713  10.620  -10.443 1.00 21.62 ? 230 THR A CG2 1 
ATOM   562 N N   . LEU A 1 74 ? -0.521  6.619   -8.947  1.00 22.82 ? 231 LEU A N   1 
ATOM   563 C CA  . LEU A 1 74 ? 0.334   5.544   -8.449  1.00 23.68 ? 231 LEU A CA  1 
ATOM   564 C C   . LEU A 1 74 ? 1.759   6.041   -8.242  1.00 23.36 ? 231 LEU A C   1 
ATOM   565 O O   . LEU A 1 74 ? 2.421   5.638   -7.287  1.00 24.30 ? 231 LEU A O   1 
ATOM   566 C CB  . LEU A 1 74 ? 0.314   4.343   -9.400  1.00 27.21 ? 231 LEU A CB  1 
ATOM   567 C CG  . LEU A 1 74 ? 1.052   3.077   -8.948  1.00 22.90 ? 231 LEU A CG  1 
ATOM   568 C CD1 . LEU A 1 74 ? 0.359   2.453   -7.727  1.00 21.30 ? 231 LEU A CD1 1 
ATOM   569 C CD2 . LEU A 1 74 ? 1.120   2.069   -10.082 1.00 22.92 ? 231 LEU A CD2 1 
ATOM   570 N N   . ASP A 1 75 ? 2.231   6.922   -9.120  1.00 24.71 ? 232 ASP A N   1 
ATOM   571 C CA  . ASP A 1 75 ? 3.577   7.482   -8.966  1.00 27.99 ? 232 ASP A CA  1 
ATOM   572 C C   . ASP A 1 75 ? 3.724   8.417   -7.762  1.00 24.88 ? 232 ASP A C   1 
ATOM   573 O O   . ASP A 1 75 ? 4.759   8.410   -7.072  1.00 24.49 ? 232 ASP A O   1 
ATOM   574 C CB  . ASP A 1 75 ? 4.035   8.185   -10.246 1.00 34.57 ? 232 ASP A CB  1 
ATOM   575 C CG  . ASP A 1 75 ? 4.681   7.226   -11.235 1.00 39.58 ? 232 ASP A CG  1 
ATOM   576 O OD1 . ASP A 1 75 ? 4.908   6.064   -10.855 1.00 36.86 ? 232 ASP A OD1 1 
ATOM   577 O OD2 . ASP A 1 75 ? 4.965   7.633   -12.381 1.00 51.59 ? 232 ASP A OD2 1 
ATOM   578 N N   . GLN A 1 76 ? 2.699   9.227   -7.522  1.00 25.22 ? 233 GLN A N   1 
ATOM   579 C CA  . GLN A 1 76 ? 2.674   10.097  -6.356  1.00 19.81 ? 233 GLN A CA  1 
ATOM   580 C C   . GLN A 1 76 ? 2.725   9.264   -5.093  1.00 20.17 ? 233 GLN A C   1 
ATOM   581 O O   . GLN A 1 76 ? 3.489   9.559   -4.172  1.00 20.35 ? 233 GLN A O   1 
ATOM   582 C CB  . GLN A 1 76 ? 1.429   10.989  -6.347  1.00 19.57 ? 233 GLN A CB  1 
ATOM   583 C CG  . GLN A 1 76 ? 1.442   12.126  -7.371  1.00 23.55 ? 233 GLN A CG  1 
ATOM   584 C CD  . GLN A 1 76 ? 0.107   12.848  -7.451  1.00 23.19 ? 233 GLN A CD  1 
ATOM   585 O OE1 . GLN A 1 76 ? -0.948  12.266  -7.203  1.00 24.08 ? 233 GLN A OE1 1 
ATOM   586 N NE2 . GLN A 1 76 ? 0.150   14.128  -7.788  1.00 26.00 ? 233 GLN A NE2 1 
ATOM   587 N N   . VAL A 1 77 ? 1.910   8.217   -5.037  1.00 17.14 ? 234 VAL A N   1 
ATOM   588 C CA  . VAL A 1 77 ? 1.869   7.398   -3.830  1.00 22.01 ? 234 VAL A CA  1 
ATOM   589 C C   . VAL A 1 77 ? 3.195   6.640   -3.656  1.00 20.88 ? 234 VAL A C   1 
ATOM   590 O O   . VAL A 1 77 ? 3.701   6.497   -2.532  1.00 19.60 ? 234 VAL A O   1 
ATOM   591 C CB  . VAL A 1 77 ? 0.665   6.431   -3.821  1.00 20.43 ? 234 VAL A CB  1 
ATOM   592 C CG1 . VAL A 1 77 ? 0.806   5.425   -2.663  1.00 20.11 ? 234 VAL A CG1 1 
ATOM   593 C CG2 . VAL A 1 77 ? -0.665  7.205   -3.750  1.00 18.32 ? 234 VAL A CG2 1 
ATOM   594 N N   . THR A 1 78 ? 3.785   6.190   -4.762  1.00 18.58 ? 235 THR A N   1 
ATOM   595 C CA  . THR A 1 78 ? 5.103   5.551   -4.686  1.00 22.54 ? 235 THR A CA  1 
ATOM   596 C C   . THR A 1 78 ? 6.127   6.509   -4.074  1.00 22.22 ? 235 THR A C   1 
ATOM   597 O O   . THR A 1 78 ? 6.879   6.120   -3.178  1.00 23.53 ? 235 THR A O   1 
ATOM   598 C CB  . THR A 1 78 ? 5.587   5.068   -6.064  1.00 21.97 ? 235 THR A CB  1 
ATOM   599 O OG1 . THR A 1 78 ? 4.605   4.187   -6.621  1.00 25.69 ? 235 THR A OG1 1 
ATOM   600 C CG2 . THR A 1 78 ? 6.924   4.325   -5.955  1.00 21.75 ? 235 THR A CG2 1 
ATOM   601 N N   . ASP A 1 79 ? 6.132   7.764   -4.527  1.00 20.62 ? 236 ASP A N   1 
ATOM   602 C CA  . ASP A 1 79 ? 7.032   8.787   -3.977  1.00 19.54 ? 236 ASP A CA  1 
ATOM   603 C C   . ASP A 1 79 ? 6.772   9.082   -2.496  1.00 24.15 ? 236 ASP A C   1 
ATOM   604 O O   . ASP A 1 79 ? 7.705   9.356   -1.745  1.00 22.47 ? 236 ASP A O   1 
ATOM   605 C CB  . ASP A 1 79 ? 6.986   10.079  -4.818  1.00 25.86 ? 236 ASP A CB  1 
ATOM   606 C CG  . ASP A 1 79 ? 7.549   9.879   -6.214  1.00 27.35 ? 236 ASP A CG  1 
ATOM   607 O OD1 . ASP A 1 79 ? 8.130   8.807   -6.450  1.00 31.02 ? 236 ASP A OD1 1 
ATOM   608 O OD2 . ASP A 1 79 ? 7.417   10.775  -7.077  1.00 29.51 ? 236 ASP A OD2 1 
ATOM   609 N N   . MET A 1 80 ? 5.509   9.055   -2.075  1.00 23.06 ? 237 MET A N   1 
ATOM   610 C CA  . MET A 1 80 ? 5.195   9.209   -0.652  1.00 21.91 ? 237 MET A CA  1 
ATOM   611 C C   . MET A 1 80 ? 5.833   8.116   0.203   1.00 26.97 ? 237 MET A C   1 
ATOM   612 O O   . MET A 1 80 ? 6.384   8.384   1.269   1.00 25.90 ? 237 MET A O   1 
ATOM   613 C CB  . MET A 1 80 ? 3.689   9.184   -0.437  1.00 21.77 ? 237 MET A CB  1 
ATOM   614 C CG  . MET A 1 80 ? 2.972   10.368  -1.085  1.00 22.95 ? 237 MET A CG  1 
ATOM   615 S SD  . MET A 1 80 ? 1.183   10.194  -1.085  1.00 22.53 ? 237 MET A SD  1 
ATOM   616 C CE  . MET A 1 80 ? 0.890   10.185  0.695   1.00 16.90 ? 237 MET A CE  1 
ATOM   617 N N   . MET A 1 81 ? 5.749   6.896   -0.294  1.00 23.60 ? 238 MET A N   1 
ATOM   618 C CA  . MET A 1 81 ? 6.200   5.754   0.458   1.00 21.38 ? 238 MET A CA  1 
ATOM   619 C C   . MET A 1 81 ? 7.717   5.727   0.559   1.00 31.02 ? 238 MET A C   1 
ATOM   620 O O   . MET A 1 81 ? 8.236   5.579   1.601   1.00 29.31 ? 238 MET A O   1 
ATOM   621 C CB  . MET A 1 81 ? 5.672   4.457   -0.107  1.00 20.22 ? 238 MET A CB  1 
ATOM   622 C CG  . MET A 1 81 ? 4.216   4.186   0.163   1.00 22.61 ? 238 MET A CG  1 
ATOM   623 S SD  . MET A 1 81 ? 3.638   2.599   -0.389  1.00 28.36 ? 238 MET A SD  1 
ATOM   624 C CE  . MET A 1 81 ? 1.887   2.760   -0.168  1.00 20.01 ? 238 MET A CE  1 
ATOM   625 N N   . VAL A 1 82 ? 8.396   5.893   -0.541  1.00 33.95 ? 239 VAL A N   1 
ATOM   626 C CA  . VAL A 1 82 ? 9.846   5.824   -0.496  1.00 37.00 ? 239 VAL A CA  1 
ATOM   627 C C   . VAL A 1 82 ? 10.465  6.964   0.285   1.00 40.69 ? 239 VAL A C   1 
ATOM   628 O O   . VAL A 1 82 ? 11.488  6.817   0.851   1.00 36.65 ? 239 VAL A O   1 
ATOM   629 C CB  . VAL A 1 82 ? 10.463  5.705   -1.886  1.00 38.39 ? 239 VAL A CB  1 
ATOM   630 C CG1 . VAL A 1 82 ? 9.688   4.724   -2.723  1.00 28.92 ? 239 VAL A CG1 1 
ATOM   631 C CG2 . VAL A 1 82 ? 10.535  7.042   -2.562  1.00 38.03 ? 239 VAL A CG2 1 
ATOM   632 N N   . ALA A 1 83 ? 9.804   8.098   0.315   1.00 38.98 ? 240 ALA A N   1 
ATOM   633 C CA  . ALA A 1 83 ? 10.262  9.214   1.097   1.00 43.93 ? 240 ALA A CA  1 
ATOM   634 C C   . ALA A 1 83 ? 10.226  8.867   2.560   1.00 52.89 ? 240 ALA A C   1 
ATOM   635 O O   . ALA A 1 83 ? 11.040  9.302   3.353   1.00 46.83 ? 240 ALA A O   1 
ATOM   636 C CB  . ALA A 1 83 ? 9.360   10.391  0.854   1.00 36.62 ? 240 ALA A CB  1 
ATOM   637 N N   . ASN A 1 84 ? 9.235   8.084   2.897   1.00 40.89 ? 241 ASN A N   1 
ATOM   638 C CA  . ASN A 1 84 ? 8.937   7.775   4.256   1.00 44.76 ? 241 ASN A CA  1 
ATOM   639 C C   . ASN A 1 84 ? 9.542   6.434   4.641   1.00 45.81 ? 241 ASN A C   1 
ATOM   640 O O   . ASN A 1 84 ? 9.233   5.894   5.666   1.00 44.35 ? 241 ASN A O   1 
ATOM   641 C CB  . ASN A 1 84 ? 7.425   7.779   4.427   1.00 42.93 ? 241 ASN A CB  1 
ATOM   642 C CG  . ASN A 1 84 ? 6.821   9.173   4.276   1.00 47.24 ? 241 ASN A CG  1 
ATOM   643 O OD1 . ASN A 1 84 ? 7.469   10.177  4.500   1.00 61.99 ? 241 ASN A OD1 1 
ATOM   644 N ND2 . ASN A 1 84 ? 5.589   9.219   3.900   1.00 39.35 ? 241 ASN A ND2 1 
ATOM   645 N N   . SER A 1 85 ? 10.421  5.916   3.797   1.00 41.58 ? 242 SER A N   1 
ATOM   646 C CA  . SER A 1 85 ? 10.829  4.521   3.840   1.00 52.12 ? 242 SER A CA  1 
ATOM   647 C C   . SER A 1 85 ? 11.540  4.123   5.118   1.00 49.05 ? 242 SER A C   1 
ATOM   648 O O   . SER A 1 85 ? 11.459  3.028   5.523   1.00 45.86 ? 242 SER A O   1 
ATOM   649 C CB  . SER A 1 85 ? 11.609  4.102   2.601   1.00 42.61 ? 242 SER A CB  1 
ATOM   650 O OG  . SER A 1 85 ? 12.574  5.054   2.282   1.00 48.34 ? 242 SER A OG  1 
ATOM   651 N N   . SER A 1 86 ? 12.253  5.040   5.724   1.00 56.11 ? 243 SER A N   1 
ATOM   652 C CA  . SER A 1 86 ? 12.933  4.759   6.985   1.00 58.33 ? 243 SER A CA  1 
ATOM   653 C C   . SER A 1 86 ? 11.946  4.412   8.103   1.00 57.10 ? 243 SER A C   1 
ATOM   654 O O   . SER A 1 86 ? 12.253  3.659   9.009   1.00 55.55 ? 243 SER A O   1 
ATOM   655 C CB  . SER A 1 86 ? 13.810  5.938   7.382   1.00 50.51 ? 243 SER A CB  1 
ATOM   656 O OG  . SER A 1 86 ? 14.043  5.968   8.780   1.00 74.31 ? 243 SER A OG  1 
ATOM   657 N N   . ASN A 1 87 ? 10.813  5.076   8.084   1.00 51.35 ? 244 ASN A N   1 
ATOM   658 C CA  . ASN A 1 87 ? 9.805   4.915   9.095   1.00 49.02 ? 244 ASN A CA  1 
ATOM   659 C C   . ASN A 1 87 ? 8.439   4.811   8.426   1.00 38.79 ? 244 ASN A C   1 
ATOM   660 O O   . ASN A 1 87 ? 7.639   5.705   8.568   1.00 37.93 ? 244 ASN A O   1 
ATOM   661 C CB  . ASN A 1 87 ? 9.872   6.138   10.000  1.00 53.05 ? 244 ASN A CB  1 
ATOM   662 C CG  . ASN A 1 87 ? 10.518  5.864   11.327  1.00 65.77 ? 244 ASN A CG  1 
ATOM   663 O OD1 . ASN A 1 87 ? 10.014  5.082   12.144  1.00 71.73 ? 244 ASN A OD1 1 
ATOM   664 N ND2 . ASN A 1 87 ? 11.614  6.550   11.572  1.00 58.75 ? 244 ASN A ND2 1 
ATOM   665 N N   . LEU A 1 88 ? 8.174   3.747   7.692   1.00 33.37 ? 245 LEU A N   1 
ATOM   666 C CA  . LEU A 1 88 ? 6.948   3.699   6.897   1.00 36.04 ? 245 LEU A CA  1 
ATOM   667 C C   . LEU A 1 88 ? 5.778   3.081   7.638   1.00 36.61 ? 245 LEU A C   1 
ATOM   668 O O   . LEU A 1 88 ? 5.847   1.978   8.046   1.00 29.86 ? 245 LEU A O   1 
ATOM   669 C CB  . LEU A 1 88 ? 7.180   2.958   5.598   1.00 31.05 ? 245 LEU A CB  1 
ATOM   670 C CG  . LEU A 1 88 ? 5.980   2.819   4.669   1.00 41.59 ? 245 LEU A CG  1 
ATOM   671 C CD1 . LEU A 1 88 ? 5.423   4.153   4.265   1.00 26.59 ? 245 LEU A CD1 1 
ATOM   672 C CD2 . LEU A 1 88 ? 6.227   1.957   3.468   1.00 36.17 ? 245 LEU A CD2 1 
ATOM   673 N N   . ILE A 1 89 ? 4.690   3.824   7.740   1.00 29.17 ? 246 ILE A N   1 
ATOM   674 C CA  . ILE A 1 89 ? 3.503   3.331   8.358   1.00 24.93 ? 246 ILE A CA  1 
ATOM   675 C C   . ILE A 1 89 ? 2.393   3.460   7.359   1.00 30.93 ? 246 ILE A C   1 
ATOM   676 O O   . ILE A 1 89 ? 2.174   4.510   6.840   1.00 26.80 ? 246 ILE A O   1 
ATOM   677 C CB  . ILE A 1 89 ? 3.146   4.179   9.586   1.00 26.48 ? 246 ILE A CB  1 
ATOM   678 C CG1 . ILE A 1 89 ? 4.327   4.221   10.534  1.00 29.91 ? 246 ILE A CG1 1 
ATOM   679 C CG2 . ILE A 1 89 ? 1.893   3.678   10.236  1.00 26.84 ? 246 ILE A CG2 1 
ATOM   680 C CD1 . ILE A 1 89 ? 4.100   5.045   11.754  1.00 36.20 ? 246 ILE A CD1 1 
ATOM   681 N N   . ILE A 1 90 ? 1.715   2.375   7.084   1.00 25.21 ? 247 ILE A N   1 
ATOM   682 C CA  . ILE A 1 90 ? 0.600   2.412   6.180   1.00 30.28 ? 247 ILE A CA  1 
ATOM   683 C C   . ILE A 1 90 ? -0.667  1.877   6.813   1.00 36.97 ? 247 ILE A C   1 
ATOM   684 O O   . ILE A 1 90 ? -0.653  0.880   7.442   1.00 34.27 ? 247 ILE A O   1 
ATOM   685 C CB  . ILE A 1 90 ? 0.876   1.686   4.865   1.00 25.08 ? 247 ILE A CB  1 
ATOM   686 C CG1 . ILE A 1 90 ? 1.271   0.277   5.094   1.00 35.47 ? 247 ILE A CG1 1 
ATOM   687 C CG2 . ILE A 1 90 ? 2.024   2.312   4.120   1.00 44.35 ? 247 ILE A CG2 1 
ATOM   688 C CD1 . ILE A 1 90 ? 1.359   -0.491  3.827   1.00 44.27 ? 247 ILE A CD1 1 
ATOM   689 N N   . THR A 1 91 ? -1.745  2.595   6.614   1.00 28.88 ? 248 THR A N   1 
ATOM   690 C CA  . THR A 1 91 ? -3.066  2.222   7.074   1.00 28.48 ? 248 THR A CA  1 
ATOM   691 C C   . THR A 1 91 ? -3.690  1.470   5.930   1.00 32.70 ? 248 THR A C   1 
ATOM   692 O O   . THR A 1 91 ? -3.836  2.005   4.857   1.00 27.88 ? 248 THR A O   1 
ATOM   693 C CB  . THR A 1 91 ? -3.920  3.464   7.351   1.00 40.25 ? 248 THR A CB  1 
ATOM   694 O OG1 . THR A 1 91 ? -3.224  4.365   8.199   1.00 35.75 ? 248 THR A OG1 1 
ATOM   695 C CG2 . THR A 1 91 ? -5.182  3.105   7.989   1.00 33.90 ? 248 THR A CG2 1 
ATOM   696 N N   . VAL A 1 92 ? -4.021  0.216   6.158   1.00 28.83 ? 249 VAL A N   1 
ATOM   697 C CA  . VAL A 1 92 ? -4.576  -0.627  5.123   1.00 33.64 ? 249 VAL A CA  1 
ATOM   698 C C   . VAL A 1 92 ? -5.975  -1.085  5.432   1.00 40.80 ? 249 VAL A C   1 
ATOM   699 O O   . VAL A 1 92 ? -6.356  -1.177  6.570   1.00 38.12 ? 249 VAL A O   1 
ATOM   700 C CB  . VAL A 1 92 ? -3.769  -1.900  4.945   1.00 38.37 ? 249 VAL A CB  1 
ATOM   701 C CG1 . VAL A 1 92 ? -2.455  -1.629  4.263   1.00 33.81 ? 249 VAL A CG1 1 
ATOM   702 C CG2 . VAL A 1 92 ? -3.541  -2.558  6.277   1.00 41.72 ? 249 VAL A CG2 1 
ATOM   703 N N   . LYS A 1 93 ? -6.724  -1.388  4.394   1.00 35.02 ? 250 LYS A N   1 
ATOM   704 C CA  . LYS A 1 93 ? -7.970  -2.075  4.546   1.00 32.54 ? 250 LYS A CA  1 
ATOM   705 C C   . LYS A 1 93 ? -7.723  -3.480  4.065   1.00 38.51 ? 250 LYS A C   1 
ATOM   706 O O   . LYS A 1 93 ? -7.623  -3.718  2.899   1.00 35.87 ? 250 LYS A O   1 
ATOM   707 C CB  . LYS A 1 93 ? -9.084  -1.429  3.746   1.00 29.05 ? 250 LYS A CB  1 
ATOM   708 C CG  . LYS A 1 93 ? -10.323 -2.271  3.776   1.00 37.90 ? 250 LYS A CG  1 
ATOM   709 C CD  . LYS A 1 93 ? -11.617 -1.488  3.790   1.00 47.66 ? 250 LYS A CD  1 
ATOM   710 C CE  . LYS A 1 93 ? -12.785 -2.386  3.427   1.00 49.28 ? 250 LYS A CE  1 
ATOM   711 N NZ  . LYS A 1 93 ? -13.664 -1.825  2.376   1.00 63.09 ? 250 LYS A NZ  1 
ATOM   712 N N   . PRO A 1 94 ? -7.596  -4.413  4.992   1.00 39.35 ? 251 PRO A N   1 
ATOM   713 C CA  . PRO A 1 94 ? -7.212  -5.764  4.622   1.00 44.43 ? 251 PRO A CA  1 
ATOM   714 C C   . PRO A 1 94 ? -8.202  -6.411  3.706   1.00 43.40 ? 251 PRO A C   1 
ATOM   715 O O   . PRO A 1 94 ? -9.377  -6.171  3.785   1.00 48.58 ? 251 PRO A O   1 
ATOM   716 C CB  . PRO A 1 94 ? -7.163  -6.503  5.951   1.00 49.31 ? 251 PRO A CB  1 
ATOM   717 C CG  . PRO A 1 94 ? -7.094  -5.461  6.971   1.00 44.39 ? 251 PRO A CG  1 
ATOM   718 C CD  . PRO A 1 94 ? -7.841  -4.312  6.422   1.00 40.36 ? 251 PRO A CD  1 
ATOM   719 N N   . ALA A 1 95 ? -7.705  -7.240  2.820   1.00 41.20 ? 252 ALA A N   1 
ATOM   720 C CA  . ALA A 1 95 ? -8.555  -7.947  1.917   1.00 51.48 ? 252 ALA A CA  1 
ATOM   721 C C   . ALA A 1 95 ? -9.342  -9.004  2.677   1.00 56.30 ? 252 ALA A C   1 
ATOM   722 O O   . ALA A 1 95 ? -10.391 -9.406  2.254   1.00 67.07 ? 252 ALA A O   1 
ATOM   723 C CB  . ALA A 1 95 ? -7.732  -8.587  0.828   1.00 44.68 ? 252 ALA A CB  1 
ATOM   724 N N   . ASN A 1 96 ? -8.825  -9.442  3.807   1.00 60.32 ? 253 ASN A N   1 
ATOM   725 C CA  . ASN A 1 96 ? -9.521  -10.449 4.592   1.00 72.42 ? 253 ASN A CA  1 
ATOM   726 C C   . ASN A 1 96 ? -10.104 -9.838  5.836   1.00 70.01 ? 253 ASN A C   1 
ATOM   727 O O   . ASN A 1 96 ? -9.405  -9.904  6.893   1.00 76.30 ? 253 ASN A O   1 
ATOM   728 C CB  . ASN A 1 96 ? -8.596  -11.602 4.954   1.00 76.60 ? 253 ASN A CB  1 
ATOM   729 C CG  . ASN A 1 96 ? -8.683  -12.751 3.974   1.00 84.68 ? 253 ASN A CG  1 
ATOM   730 O OD1 . ASN A 1 96 ? -8.083  -12.708 2.905   1.00 86.12 ? 253 ASN A OD1 1 
ATOM   731 N ND2 . ASN A 1 96 ? -9.414  -13.808 4.350   1.00 73.16 ? 253 ASN A ND2 1 
ATOM   732 O OXT . ASN A 1 96 ? -11.241 -9.296  5.708   1.00 68.96 ? 253 ASN A OXT 1 
ATOM   733 N N   . PRO B 2 2  ? 2.172   5.370   -17.864 1.00 78.35 ? 0   PRO B N   1 
ATOM   734 C CA  . PRO B 2 2  ? 3.126   4.908   -16.862 1.00 63.21 ? 0   PRO B CA  1 
ATOM   735 C C   . PRO B 2 2  ? 2.912   3.464   -16.477 1.00 55.97 ? 0   PRO B C   1 
ATOM   736 O O   . PRO B 2 2  ? 1.885   2.898   -16.701 1.00 60.53 ? 0   PRO B O   1 
ATOM   737 C CB  . PRO B 2 2  ? 2.802   5.800   -15.667 1.00 52.54 ? 0   PRO B CB  1 
ATOM   738 C CG  . PRO B 2 2  ? 1.345   5.989   -15.780 1.00 58.59 ? 0   PRO B CG  1 
ATOM   739 C CD  . PRO B 2 2  ? 1.153   6.239   -17.249 1.00 58.97 ? 0   PRO B CD  1 
ATOM   740 N N   . PRO B 2 3  ? 3.928   2.910   -15.873 1.00 54.77 ? 1   PRO B N   1 
ATOM   741 C CA  . PRO B 2 3  ? 4.031   1.544   -15.364 1.00 44.33 ? 1   PRO B CA  1 
ATOM   742 C C   . PRO B 2 3  ? 2.859   1.143   -14.489 1.00 44.66 ? 1   PRO B C   1 
ATOM   743 O O   . PRO B 2 3  ? 2.451   1.989   -13.757 1.00 46.47 ? 1   PRO B O   1 
ATOM   744 C CB  . PRO B 2 3  ? 5.250   1.632   -14.474 1.00 45.79 ? 1   PRO B CB  1 
ATOM   745 C CG  . PRO B 2 3  ? 6.049   2.731   -15.030 1.00 52.52 ? 1   PRO B CG  1 
ATOM   746 C CD  . PRO B 2 3  ? 5.073   3.735   -15.504 1.00 58.80 ? 1   PRO B CD  1 
ATOM   747 N N   . GLU B 2 4  ? 2.384   -0.085  -14.540 1.00 41.32 ? 2   GLU B N   1 
ATOM   748 C CA  . GLU B 2 4  ? 1.235   -0.484  -13.752 1.00 38.40 ? 2   GLU B CA  1 
ATOM   749 C C   . GLU B 2 4  ? 1.493   -1.066  -12.368 1.00 38.69 ? 2   GLU B C   1 
ATOM   750 O O   . GLU B 2 4  ? 0.568   -1.342  -11.679 1.00 32.13 ? 2   GLU B O   1 
ATOM   751 C CB  . GLU B 2 4  ? 0.378   -1.462  -14.521 1.00 30.44 ? 2   GLU B CB  1 
ATOM   752 C CG  . GLU B 2 4  ? -0.044  -0.962  -15.878 1.00 46.57 ? 2   GLU B CG  1 
ATOM   753 C CD  . GLU B 2 4  ? -1.265  -0.091  -15.832 1.00 50.27 ? 2   GLU B CD  1 
ATOM   754 O OE1 . GLU B 2 4  ? -1.993  -0.172  -14.872 1.00 45.03 ? 2   GLU B OE1 1 
ATOM   755 O OE2 . GLU B 2 4  ? -1.497  0.661   -16.761 1.00 49.78 ? 2   GLU B OE2 1 
ATOM   756 N N   . GLU B 2 5  ? 2.754   -1.254  -12.004 1.00 34.87 ? 3   GLU B N   1 
ATOM   757 C CA  . GLU B 2 5  ? 3.146   -1.808  -10.730 1.00 25.95 ? 3   GLU B CA  1 
ATOM   758 C C   . GLU B 2 5  ? 4.352   -1.071  -10.254 1.00 28.63 ? 3   GLU B C   1 
ATOM   759 O O   . GLU B 2 5  ? 5.130   -0.687  -11.044 1.00 28.21 ? 3   GLU B O   1 
ATOM   760 C CB  . GLU B 2 5  ? 3.512   -3.258  -10.889 1.00 37.26 ? 3   GLU B CB  1 
ATOM   761 C CG  . GLU B 2 5  ? 3.141   -4.064  -9.706  1.00 40.45 ? 3   GLU B CG  1 
ATOM   762 C CD  . GLU B 2 5  ? 3.175   -5.549  -9.926  1.00 43.75 ? 3   GLU B CD  1 
ATOM   763 O OE1 . GLU B 2 5  ? 2.599   -6.262  -9.137  1.00 43.96 ? 3   GLU B OE1 1 
ATOM   764 O OE2 . GLU B 2 5  ? 3.809   -5.988  -10.856 1.00 49.92 ? 3   GLU B OE2 1 
ATOM   765 N N   . ARG B 2 6  ? 4.480   -0.836  -8.963  1.00 22.22 ? 4   ARG B N   1 
ATOM   766 C CA  . ARG B 2 6  ? 5.630   -0.125  -8.446  1.00 22.40 ? 4   ARG B CA  1 
ATOM   767 C C   . ARG B 2 6  ? 6.239   -0.780  -7.221  1.00 28.03 ? 4   ARG B C   1 
ATOM   768 O O   . ARG B 2 6  ? 5.590   -0.962  -6.265  1.00 25.01 ? 4   ARG B O   1 
ATOM   769 C CB  . ARG B 2 6  ? 5.300   1.322   -8.105  1.00 25.46 ? 4   ARG B CB  1 
ATOM   770 C CG  . ARG B 2 6  ? 5.103   2.259   -9.278  1.00 30.39 ? 4   ARG B CG  1 
ATOM   771 C CD  . ARG B 2 6  ? 6.363   2.494   -10.075 1.00 34.85 ? 4   ARG B CD  1 
ATOM   772 N NE  . ARG B 2 6  ? 6.335   3.664   -10.923 1.00 31.65 ? 4   ARG B NE  1 
ATOM   773 C CZ  . ARG B 2 6  ? 7.304   3.958   -11.776 1.00 41.61 ? 4   ARG B CZ  1 
ATOM   774 N NH1 . ARG B 2 6  ? 8.344   3.151   -11.885 1.00 41.44 ? 4   ARG B NH1 1 
ATOM   775 N NH2 . ARG B 2 6  ? 7.255   5.035   -12.525 1.00 37.40 ? 4   ARG B NH2 1 
ATOM   776 N N   . LEU B 2 7  ? 7.518   -1.075  -7.286  1.00 22.20 ? 5   LEU B N   1 
ATOM   777 C CA  . LEU B 2 7  ? 8.213   -1.702  -6.177  1.00 26.09 ? 5   LEU B CA  1 
ATOM   778 C C   . LEU B 2 7  ? 8.450   -0.719  -5.043  1.00 22.50 ? 5   LEU B C   1 
ATOM   779 O O   . LEU B 2 7  ? 8.917   0.382   -5.268  1.00 24.30 ? 5   LEU B O   1 
ATOM   780 C CB  . LEU B 2 7  ? 9.553   -2.250  -6.652  1.00 20.69 ? 5   LEU B CB  1 
ATOM   781 C CG  . LEU B 2 7  ? 10.464  -2.781  -5.554  1.00 23.78 ? 5   LEU B CG  1 
ATOM   782 C CD1 . LEU B 2 7  ? 9.891   -4.049  -4.954  1.00 24.55 ? 5   LEU B CD1 1 
ATOM   783 C CD2 . LEU B 2 7  ? 11.861  -3.016  -6.088  1.00 23.47 ? 5   LEU B CD2 1 
ATOM   784 N N   . ILE B 2 8  ? 8.142   -1.139  -3.824  1.00 24.14 ? 6   ILE B N   1 
ATOM   785 C CA  . ILE B 2 8  ? 8.375   -0.326  -2.639  1.00 20.16 ? 6   ILE B CA  1 
ATOM   786 C C   . ILE B 2 8  ? 9.399   -1.038  -1.750  1.00 29.48 ? 6   ILE B C   1 
ATOM   787 O O   . ILE B 2 8  ? 9.328   -2.267  -1.615  1.00 26.40 ? 6   ILE B O   1 
ATOM   788 C CB  . ILE B 2 8  ? 7.063   -0.093  -1.853  1.00 23.07 ? 6   ILE B CB  1 
ATOM   789 C CG1 . ILE B 2 8  ? 5.969   0.455   -2.784  1.00 23.54 ? 6   ILE B CG1 1 
ATOM   790 C CG2 . ILE B 2 8  ? 7.307   0.847   -0.677  1.00 24.64 ? 6   ILE B CG2 1 
ATOM   791 C CD1 . ILE B 2 8  ? 6.303   1.790   -3.434  1.00 22.34 ? 6   ILE B CD1 1 
ATOM   792 O OXT . ILE B 2 8  ? 10.319  -0.434  -1.171  1.00 27.02 ? 6   ILE B OXT 1 
HETATM 793 C C1  . PEG C 3 .  ? 11.292  4.573   -10.454 1.00 44.20 ? 301 PEG A C1  1 
HETATM 794 O O1  . PEG C 3 .  ? 12.415  5.401   -10.223 1.00 42.00 ? 301 PEG A O1  1 
HETATM 795 C C2  . PEG C 3 .  ? 10.196  4.847   -9.444  1.00 41.00 ? 301 PEG A C2  1 
HETATM 796 O O2  . PEG C 3 .  ? 9.529   6.031   -9.816  1.00 41.31 ? 301 PEG A O2  1 
HETATM 797 C C3  . PEG C 3 .  ? 8.299   6.218   -9.146  1.00 39.88 ? 301 PEG A C3  1 
HETATM 798 C C4  . PEG C 3 .  ? 7.882   7.666   -9.152  1.00 36.39 ? 301 PEG A C4  1 
HETATM 799 O O4  . PEG C 3 .  ? 8.974   8.532   -8.854  1.00 37.11 ? 301 PEG A O4  1 
HETATM 800 O O   . HOH D 4 .  ? -4.644  12.834  6.374   1.00 31.79 ? 401 HOH A O   1 
HETATM 801 O O   . HOH D 4 .  ? -9.856  6.556   -3.320  1.00 31.86 ? 402 HOH A O   1 
HETATM 802 O O   . HOH D 4 .  ? 3.411   -10.102 5.039   1.00 44.90 ? 403 HOH A O   1 
HETATM 803 O O   . HOH D 4 .  ? -7.336  7.135   1.104   1.00 22.31 ? 404 HOH A O   1 
HETATM 804 O O   . HOH D 4 .  ? 14.031  -10.646 -1.141  1.00 28.70 ? 405 HOH A O   1 
HETATM 805 O O   . HOH D 4 .  ? 8.574   -9.116  0.894   1.00 29.17 ? 406 HOH A O   1 
HETATM 806 O O   . HOH D 4 .  ? 12.452  -6.521  1.030   1.00 27.92 ? 407 HOH A O   1 
HETATM 807 O O   . HOH D 4 .  ? -6.777  6.692   9.805   1.00 35.62 ? 408 HOH A O   1 
HETATM 808 O O   . HOH D 4 .  ? -5.441  4.665   -8.449  1.00 30.66 ? 409 HOH A O   1 
HETATM 809 O O   . HOH D 4 .  ? 3.191   4.763   -12.436 1.00 40.16 ? 410 HOH A O   1 
HETATM 810 O O   . HOH D 4 .  ? 14.140  -9.749  4.107   1.00 36.82 ? 411 HOH A O   1 
HETATM 811 O O   . HOH D 4 .  ? -3.188  -7.775  -6.905  1.00 44.70 ? 412 HOH A O   1 
HETATM 812 O O   . HOH D 4 .  ? 2.952   10.599  3.978   1.00 22.68 ? 413 HOH A O   1 
HETATM 813 O O   . HOH D 4 .  ? -10.924 -2.448  -0.199  1.00 35.44 ? 414 HOH A O   1 
HETATM 814 O O   . HOH D 4 .  ? 12.208  8.185   5.534   1.00 49.57 ? 415 HOH A O   1 
HETATM 815 O O   . HOH D 4 .  ? -6.986  14.474  -6.854  1.00 40.30 ? 416 HOH A O   1 
HETATM 816 O O   . HOH D 4 .  ? -6.844  3.425   -1.922  1.00 22.20 ? 417 HOH A O   1 
HETATM 817 O O   . HOH D 4 .  ? -8.172  7.694   -5.470  1.00 33.45 ? 418 HOH A O   1 
HETATM 818 O O   . HOH D 4 .  ? 1.629   11.430  -11.294 1.00 39.76 ? 419 HOH A O   1 
HETATM 819 O O   . HOH D 4 .  ? -4.852  14.240  3.566   1.00 36.67 ? 420 HOH A O   1 
HETATM 820 O O   . HOH D 4 .  ? -19.868 3.351   -8.640  1.00 24.67 ? 421 HOH A O   1 
HETATM 821 O O   . HOH D 4 .  ? -2.412  5.923   -11.085 1.00 26.36 ? 422 HOH A O   1 
HETATM 822 O O   . HOH D 4 .  ? -18.532 5.579   -8.664  1.00 24.67 ? 423 HOH A O   1 
HETATM 823 O O   . HOH D 4 .  ? -0.642  5.971   8.404   1.00 30.52 ? 424 HOH A O   1 
HETATM 824 O O   . HOH D 4 .  ? 3.304   11.962  6.473   1.00 25.68 ? 425 HOH A O   1 
HETATM 825 O O   . HOH D 4 .  ? 13.422  -11.863 -4.059  1.00 33.98 ? 426 HOH A O   1 
HETATM 826 O O   . HOH D 4 .  ? -7.376  3.228   -10.002 1.00 25.33 ? 427 HOH A O   1 
HETATM 827 O O   . HOH D 4 .  ? -8.515  7.955   6.128   1.00 42.19 ? 428 HOH A O   1 
HETATM 828 O O   . HOH D 4 .  ? -4.379  13.468  1.242   1.00 35.93 ? 429 HOH A O   1 
HETATM 829 O O   . HOH D 4 .  ? -6.522  12.578  -0.088  1.00 38.53 ? 430 HOH A O   1 
HETATM 830 O O   . HOH D 4 .  ? -3.396  13.539  -8.284  1.00 42.48 ? 431 HOH A O   1 
HETATM 831 O O   . HOH D 4 .  ? 10.168  6.810   -5.850  1.00 32.07 ? 432 HOH A O   1 
HETATM 832 O O   . HOH D 4 .  ? 15.968  -12.512 2.705   1.00 35.20 ? 433 HOH A O   1 
HETATM 833 O O   . HOH D 4 .  ? 7.872   -16.737 -1.172  1.00 43.63 ? 434 HOH A O   1 
HETATM 834 O O   . HOH D 4 .  ? -2.209  15.138  0.488   1.00 22.07 ? 435 HOH A O   1 
HETATM 835 O O   . HOH D 4 .  ? 11.892  8.210   -8.992  1.00 46.43 ? 436 HOH A O   1 
HETATM 836 O O   . HOH D 4 .  ? 2.774   -3.285  12.207  1.00 43.33 ? 437 HOH A O   1 
HETATM 837 O O   . HOH D 4 .  ? -4.888  14.275  -3.196  1.00 40.64 ? 438 HOH A O   1 
HETATM 838 O O   . HOH D 4 .  ? -3.883  -2.780  -11.856 1.00 31.44 ? 439 HOH A O   1 
HETATM 839 O O   . HOH D 4 .  ? 1.301   7.220   -11.951 1.00 28.93 ? 440 HOH A O   1 
HETATM 840 O O   . HOH D 4 .  ? -8.160  5.760   -1.273  1.00 24.00 ? 441 HOH A O   1 
HETATM 841 O O   . HOH D 4 .  ? 9.643   -9.856  -6.618  1.00 31.10 ? 442 HOH A O   1 
HETATM 842 O O   . HOH D 4 .  ? -6.533  3.169   12.453  1.00 40.47 ? 443 HOH A O   1 
HETATM 843 O O   . HOH D 4 .  ? -1.547  -11.142 6.484   1.00 51.64 ? 444 HOH A O   1 
HETATM 844 O O   . HOH D 4 .  ? 21.693  -1.671  1.539   1.00 43.59 ? 445 HOH A O   1 
HETATM 845 O O   . HOH D 4 .  ? 2.749   -12.184 -3.728  1.00 38.01 ? 446 HOH A O   1 
HETATM 846 O O   . HOH D 4 .  ? -0.155  -12.421 0.553   1.00 45.39 ? 447 HOH A O   1 
HETATM 847 O O   . HOH D 4 .  ? -11.510 10.538  -4.977  1.00 52.39 ? 448 HOH A O   1 
HETATM 848 O O   . HOH D 4 .  ? -6.080  6.146   -6.007  1.00 39.81 ? 449 HOH A O   1 
HETATM 849 O O   . HOH D 4 .  ? -8.421  9.189   -7.819  1.00 26.84 ? 450 HOH A O   1 
HETATM 850 O O   . HOH D 4 .  ? -10.461 6.747   8.309   1.00 47.07 ? 451 HOH A O   1 
HETATM 851 O O   . HOH D 4 .  ? -6.557  4.799   -12.433 1.00 29.17 ? 452 HOH A O   1 
HETATM 852 O O   . HOH D 4 .  ? -0.856  13.719  -12.142 1.00 47.58 ? 453 HOH A O   1 
HETATM 853 O O   . HOH D 4 .  ? 2.933   12.779  2.186   1.00 27.01 ? 454 HOH A O   1 
HETATM 854 O O   . HOH D 4 .  ? -0.379  16.324  2.344   0.33 25.15 ? 455 HOH A O   1 
HETATM 855 O O   . HOH D 4 .  ? 2.064   15.247  3.123   0.33 19.07 ? 456 HOH A O   1 
HETATM 856 O O   . HOH E 4 .  ? -1.815  -0.397  -11.718 1.00 24.94 ? 101 HOH B O   1 
HETATM 857 O O   . HOH E 4 .  ? 7.184   -2.278  -11.857 1.00 37.94 ? 102 HOH B O   1 
HETATM 858 O O   . HOH E 4 .  ? 9.422   2.089   -7.673  1.00 30.92 ? 103 HOH B O   1 
HETATM 859 O O   . HOH E 4 .  ? -0.171  3.560   -13.580 1.00 41.02 ? 104 HOH B O   1 
# 
